data_1YK4
# 
_entry.id   1YK4 
# 
_audit_conform.dict_name       mmcif_pdbx.dic 
_audit_conform.dict_version    5.392 
_audit_conform.dict_location   http://mmcif.pdb.org/dictionaries/ascii/mmcif_pdbx.dic 
# 
loop_
_database_2.database_id 
_database_2.database_code 
_database_2.pdbx_database_accession 
_database_2.pdbx_DOI 
PDB   1YK4         pdb_00001yk4 10.2210/pdb1yk4/pdb 
RCSB  RCSB031605   ?            ?                   
WWPDB D_1000031605 ?            ?                   
# 
loop_
_pdbx_audit_revision_history.ordinal 
_pdbx_audit_revision_history.data_content_type 
_pdbx_audit_revision_history.major_revision 
_pdbx_audit_revision_history.minor_revision 
_pdbx_audit_revision_history.revision_date 
1 'Structure model' 1 0 2006-01-17 
2 'Structure model' 1 1 2008-04-30 
3 'Structure model' 1 2 2011-07-13 
4 'Structure model' 1 3 2021-11-10 
5 'Structure model' 1 4 2024-05-29 
# 
_pdbx_audit_revision_details.ordinal             1 
_pdbx_audit_revision_details.revision_ordinal    1 
_pdbx_audit_revision_details.data_content_type   'Structure model' 
_pdbx_audit_revision_details.provider            repository 
_pdbx_audit_revision_details.type                'Initial release' 
_pdbx_audit_revision_details.description         ? 
_pdbx_audit_revision_details.details             ? 
# 
loop_
_pdbx_audit_revision_group.ordinal 
_pdbx_audit_revision_group.revision_ordinal 
_pdbx_audit_revision_group.data_content_type 
_pdbx_audit_revision_group.group 
1 2 'Structure model' 'Version format compliance' 
2 3 'Structure model' 'Version format compliance' 
3 4 'Structure model' 'Data collection'           
4 4 'Structure model' 'Database references'       
5 4 'Structure model' 'Derived calculations'      
6 5 'Structure model' 'Data collection'           
# 
loop_
_pdbx_audit_revision_category.ordinal 
_pdbx_audit_revision_category.revision_ordinal 
_pdbx_audit_revision_category.data_content_type 
_pdbx_audit_revision_category.category 
1 4 'Structure model' database_2         
2 4 'Structure model' diffrn_source      
3 4 'Structure model' struct_conn        
4 4 'Structure model' struct_ref_seq_dif 
5 4 'Structure model' struct_site        
6 5 'Structure model' chem_comp_atom     
7 5 'Structure model' chem_comp_bond     
# 
loop_
_pdbx_audit_revision_item.ordinal 
_pdbx_audit_revision_item.revision_ordinal 
_pdbx_audit_revision_item.data_content_type 
_pdbx_audit_revision_item.item 
1  4 'Structure model' '_database_2.pdbx_DOI'                 
2  4 'Structure model' '_database_2.pdbx_database_accession'  
3  4 'Structure model' '_diffrn_source.pdbx_synchrotron_site' 
4  4 'Structure model' '_struct_conn.ptnr1_auth_comp_id'      
5  4 'Structure model' '_struct_conn.ptnr1_auth_seq_id'       
6  4 'Structure model' '_struct_conn.ptnr1_label_asym_id'     
7  4 'Structure model' '_struct_conn.ptnr1_label_atom_id'     
8  4 'Structure model' '_struct_conn.ptnr1_label_comp_id'     
9  4 'Structure model' '_struct_conn.ptnr1_label_seq_id'      
10 4 'Structure model' '_struct_conn.ptnr2_auth_comp_id'      
11 4 'Structure model' '_struct_conn.ptnr2_auth_seq_id'       
12 4 'Structure model' '_struct_conn.ptnr2_label_asym_id'     
13 4 'Structure model' '_struct_conn.ptnr2_label_atom_id'     
14 4 'Structure model' '_struct_conn.ptnr2_label_comp_id'     
15 4 'Structure model' '_struct_conn.ptnr2_label_seq_id'      
16 4 'Structure model' '_struct_ref_seq_dif.details'          
17 4 'Structure model' '_struct_site.pdbx_auth_asym_id'       
18 4 'Structure model' '_struct_site.pdbx_auth_comp_id'       
19 4 'Structure model' '_struct_site.pdbx_auth_seq_id'        
# 
_pdbx_database_status.status_code                     REL 
_pdbx_database_status.entry_id                        1YK4 
_pdbx_database_status.recvd_initial_deposition_date   2005-01-17 
_pdbx_database_status.deposit_site                    RCSB 
_pdbx_database_status.process_site                    PDBJ 
_pdbx_database_status.status_code_sf                  REL 
_pdbx_database_status.status_code_mr                  ? 
_pdbx_database_status.SG_entry                        ? 
_pdbx_database_status.pdb_format_compatible           Y 
_pdbx_database_status.status_code_cs                  ? 
_pdbx_database_status.status_code_nmr_data            ? 
_pdbx_database_status.methods_development_category    ? 
# 
_pdbx_database_related.db_name        PDB 
_pdbx_database_related.db_id          1YK5 
_pdbx_database_related.details        'the same protein, wild type' 
_pdbx_database_related.content_type   unspecified 
# 
loop_
_audit_author.name 
_audit_author.pdbx_ordinal 
'Bonisch, H.'    1 
'Schmidt, C.L.'  2 
'Bianco, P.'     3 
'Ladenstein, R.' 4 
# 
_citation.id                        primary 
_citation.title                     
'Ultrahigh-resolution study on Pyrococcus abyssi rubredoxin. I. 0.69 A X-ray structure of mutant W4L/R5S.' 
_citation.journal_abbrev            'Acta Crystallogr.,Sect.D' 
_citation.journal_volume            61 
_citation.page_first                990 
_citation.page_last                 1004 
_citation.year                      2005 
_citation.journal_id_ASTM           ABCRE6 
_citation.country                   DK 
_citation.journal_id_ISSN           0907-4449 
_citation.journal_id_CSD            0766 
_citation.book_publisher            ? 
_citation.pdbx_database_id_PubMed   15983423 
_citation.pdbx_database_id_DOI      10.1107/S090744490501293X 
# 
loop_
_citation_author.citation_id 
_citation_author.name 
_citation_author.ordinal 
_citation_author.identifier_ORCID 
primary 'Bonisch, H.'    1 ? 
primary 'Schmidt, C.L.'  2 ? 
primary 'Bianco, P.'     3 ? 
primary 'Ladenstein, R.' 4 ? 
# 
loop_
_entity.id 
_entity.type 
_entity.src_method 
_entity.pdbx_description 
_entity.formula_weight 
_entity.pdbx_number_of_molecules 
_entity.pdbx_ec 
_entity.pdbx_mutation 
_entity.pdbx_fragment 
_entity.details 
1 polymer     man Rubredoxin     5772.364 1  ? 'W4L, R5S' ? ? 
2 non-polymer syn 'FE (III) ION' 55.845   1  ? ?          ? ? 
3 water       nat water          18.015   83 ? ?          ? ? 
# 
_entity_name_com.entity_id   1 
_entity_name_com.name        Rd 
# 
_entity_poly.entity_id                      1 
_entity_poly.type                           'polypeptide(L)' 
_entity_poly.nstd_linkage                   no 
_entity_poly.nstd_monomer                   no 
_entity_poly.pdbx_seq_one_letter_code       AKLSCKICGYIYDEDEGDPDNGISPGTKFEDLPDDWVCPLCGAPKSEFERIE 
_entity_poly.pdbx_seq_one_letter_code_can   AKLSCKICGYIYDEDEGDPDNGISPGTKFEDLPDDWVCPLCGAPKSEFERIE 
_entity_poly.pdbx_strand_id                 A 
_entity_poly.pdbx_target_identifier         ? 
# 
loop_
_pdbx_entity_nonpoly.entity_id 
_pdbx_entity_nonpoly.name 
_pdbx_entity_nonpoly.comp_id 
2 'FE (III) ION' FE  
3 water          HOH 
# 
loop_
_entity_poly_seq.entity_id 
_entity_poly_seq.num 
_entity_poly_seq.mon_id 
_entity_poly_seq.hetero 
1 1  ALA n 
1 2  LYS n 
1 3  LEU n 
1 4  SER n 
1 5  CYS n 
1 6  LYS n 
1 7  ILE n 
1 8  CYS n 
1 9  GLY n 
1 10 TYR n 
1 11 ILE n 
1 12 TYR n 
1 13 ASP n 
1 14 GLU n 
1 15 ASP n 
1 16 GLU n 
1 17 GLY n 
1 18 ASP n 
1 19 PRO n 
1 20 ASP n 
1 21 ASN n 
1 22 GLY n 
1 23 ILE n 
1 24 SER n 
1 25 PRO n 
1 26 GLY n 
1 27 THR n 
1 28 LYS n 
1 29 PHE n 
1 30 GLU n 
1 31 ASP n 
1 32 LEU n 
1 33 PRO n 
1 34 ASP n 
1 35 ASP n 
1 36 TRP n 
1 37 VAL n 
1 38 CYS n 
1 39 PRO n 
1 40 LEU n 
1 41 CYS n 
1 42 GLY n 
1 43 ALA n 
1 44 PRO n 
1 45 LYS n 
1 46 SER n 
1 47 GLU n 
1 48 PHE n 
1 49 GLU n 
1 50 ARG n 
1 51 ILE n 
1 52 GLU n 
# 
_entity_src_gen.entity_id                          1 
_entity_src_gen.pdbx_src_id                        1 
_entity_src_gen.pdbx_alt_source_flag               sample 
_entity_src_gen.pdbx_seq_type                      ? 
_entity_src_gen.pdbx_beg_seq_num                   ? 
_entity_src_gen.pdbx_end_seq_num                   ? 
_entity_src_gen.gene_src_common_name               ? 
_entity_src_gen.gene_src_genus                     Pyrococcus 
_entity_src_gen.pdbx_gene_src_gene                 rub 
_entity_src_gen.gene_src_species                   ? 
_entity_src_gen.gene_src_strain                    ? 
_entity_src_gen.gene_src_tissue                    ? 
_entity_src_gen.gene_src_tissue_fraction           ? 
_entity_src_gen.gene_src_details                   ? 
_entity_src_gen.pdbx_gene_src_fragment             ? 
_entity_src_gen.pdbx_gene_src_scientific_name      'Pyrococcus abyssi' 
_entity_src_gen.pdbx_gene_src_ncbi_taxonomy_id     29292 
_entity_src_gen.pdbx_gene_src_variant              ? 
_entity_src_gen.pdbx_gene_src_cell_line            ? 
_entity_src_gen.pdbx_gene_src_atcc                 ? 
_entity_src_gen.pdbx_gene_src_organ                ? 
_entity_src_gen.pdbx_gene_src_organelle            ? 
_entity_src_gen.pdbx_gene_src_cell                 ? 
_entity_src_gen.pdbx_gene_src_cellular_location    ? 
_entity_src_gen.host_org_common_name               ? 
_entity_src_gen.pdbx_host_org_scientific_name      'Escherichia coli BL21(DE3)' 
_entity_src_gen.pdbx_host_org_ncbi_taxonomy_id     469008 
_entity_src_gen.host_org_genus                     Escherichia 
_entity_src_gen.pdbx_host_org_gene                 ? 
_entity_src_gen.pdbx_host_org_organ                ? 
_entity_src_gen.host_org_species                   'Escherichia coli' 
_entity_src_gen.pdbx_host_org_tissue               ? 
_entity_src_gen.pdbx_host_org_tissue_fraction      ? 
_entity_src_gen.pdbx_host_org_strain               'BL21(DE3)' 
_entity_src_gen.pdbx_host_org_variant              ? 
_entity_src_gen.pdbx_host_org_cell_line            ? 
_entity_src_gen.pdbx_host_org_atcc                 ? 
_entity_src_gen.pdbx_host_org_culture_collection   ? 
_entity_src_gen.pdbx_host_org_cell                 ? 
_entity_src_gen.pdbx_host_org_organelle            ? 
_entity_src_gen.pdbx_host_org_cellular_location    ? 
_entity_src_gen.pdbx_host_org_vector_type          PLASMID 
_entity_src_gen.pdbx_host_org_vector               ? 
_entity_src_gen.host_org_details                   ? 
_entity_src_gen.expression_system_id               ? 
_entity_src_gen.plasmid_name                       pET15b 
_entity_src_gen.plasmid_details                    ? 
_entity_src_gen.pdbx_description                   ? 
# 
loop_
_chem_comp.id 
_chem_comp.type 
_chem_comp.mon_nstd_flag 
_chem_comp.name 
_chem_comp.pdbx_synonyms 
_chem_comp.formula 
_chem_comp.formula_weight 
ALA 'L-peptide linking' y ALANINE         ? 'C3 H7 N O2'     89.093  
ARG 'L-peptide linking' y ARGININE        ? 'C6 H15 N4 O2 1' 175.209 
ASN 'L-peptide linking' y ASPARAGINE      ? 'C4 H8 N2 O3'    132.118 
ASP 'L-peptide linking' y 'ASPARTIC ACID' ? 'C4 H7 N O4'     133.103 
CYS 'L-peptide linking' y CYSTEINE        ? 'C3 H7 N O2 S'   121.158 
FE  non-polymer         . 'FE (III) ION'  ? 'Fe 3'           55.845  
GLU 'L-peptide linking' y 'GLUTAMIC ACID' ? 'C5 H9 N O4'     147.129 
GLY 'peptide linking'   y GLYCINE         ? 'C2 H5 N O2'     75.067  
HOH non-polymer         . WATER           ? 'H2 O'           18.015  
ILE 'L-peptide linking' y ISOLEUCINE      ? 'C6 H13 N O2'    131.173 
LEU 'L-peptide linking' y LEUCINE         ? 'C6 H13 N O2'    131.173 
LYS 'L-peptide linking' y LYSINE          ? 'C6 H15 N2 O2 1' 147.195 
PHE 'L-peptide linking' y PHENYLALANINE   ? 'C9 H11 N O2'    165.189 
PRO 'L-peptide linking' y PROLINE         ? 'C5 H9 N O2'     115.130 
SER 'L-peptide linking' y SERINE          ? 'C3 H7 N O3'     105.093 
THR 'L-peptide linking' y THREONINE       ? 'C4 H9 N O3'     119.119 
TRP 'L-peptide linking' y TRYPTOPHAN      ? 'C11 H12 N2 O2'  204.225 
TYR 'L-peptide linking' y TYROSINE        ? 'C9 H11 N O3'    181.189 
VAL 'L-peptide linking' y VALINE          ? 'C5 H11 N O2'    117.146 
# 
loop_
_pdbx_poly_seq_scheme.asym_id 
_pdbx_poly_seq_scheme.entity_id 
_pdbx_poly_seq_scheme.seq_id 
_pdbx_poly_seq_scheme.mon_id 
_pdbx_poly_seq_scheme.ndb_seq_num 
_pdbx_poly_seq_scheme.pdb_seq_num 
_pdbx_poly_seq_scheme.auth_seq_num 
_pdbx_poly_seq_scheme.pdb_mon_id 
_pdbx_poly_seq_scheme.auth_mon_id 
_pdbx_poly_seq_scheme.pdb_strand_id 
_pdbx_poly_seq_scheme.pdb_ins_code 
_pdbx_poly_seq_scheme.hetero 
A 1 1  ALA 1  2  2  ALA ALA A . n 
A 1 2  LYS 2  3  3  LYS LYS A . n 
A 1 3  LEU 3  4  4  LEU LEU A . n 
A 1 4  SER 4  5  5  SER SER A . n 
A 1 5  CYS 5  6  6  CYS CYS A . n 
A 1 6  LYS 6  7  7  LYS LYS A . n 
A 1 7  ILE 7  8  8  ILE ILE A . n 
A 1 8  CYS 8  9  9  CYS CYS A . n 
A 1 9  GLY 9  10 10 GLY GLY A . n 
A 1 10 TYR 10 11 11 TYR TYR A . n 
A 1 11 ILE 11 12 12 ILE ILE A . n 
A 1 12 TYR 12 13 13 TYR TYR A . n 
A 1 13 ASP 13 14 14 ASP ASP A . n 
A 1 14 GLU 14 15 15 GLU GLU A . n 
A 1 15 ASP 15 16 16 ASP ASP A . n 
A 1 16 GLU 16 17 17 GLU GLU A . n 
A 1 17 GLY 17 18 18 GLY GLY A . n 
A 1 18 ASP 18 19 19 ASP ASP A . n 
A 1 19 PRO 19 20 20 PRO PRO A . n 
A 1 20 ASP 20 21 21 ASP ASP A . n 
A 1 21 ASN 21 22 22 ASN ASN A . n 
A 1 22 GLY 22 23 23 GLY GLY A . n 
A 1 23 ILE 23 24 24 ILE ILE A . n 
A 1 24 SER 24 25 25 SER SER A . n 
A 1 25 PRO 25 26 26 PRO PRO A . n 
A 1 26 GLY 26 27 27 GLY GLY A . n 
A 1 27 THR 27 28 28 THR THR A . n 
A 1 28 LYS 28 29 29 LYS LYS A . n 
A 1 29 PHE 29 30 30 PHE PHE A . n 
A 1 30 GLU 30 31 31 GLU GLU A . n 
A 1 31 ASP 31 32 32 ASP ASP A . n 
A 1 32 LEU 32 33 33 LEU LEU A . n 
A 1 33 PRO 33 34 34 PRO PRO A . n 
A 1 34 ASP 34 35 35 ASP ASP A . n 
A 1 35 ASP 35 36 36 ASP ASP A . n 
A 1 36 TRP 36 37 37 TRP TRP A . n 
A 1 37 VAL 37 38 38 VAL VAL A . n 
A 1 38 CYS 38 39 39 CYS CYS A . n 
A 1 39 PRO 39 40 40 PRO PRO A . n 
A 1 40 LEU 40 41 41 LEU LEU A . n 
A 1 41 CYS 41 42 42 CYS CYS A . n 
A 1 42 GLY 42 43 43 GLY GLY A . n 
A 1 43 ALA 43 44 44 ALA ALA A . n 
A 1 44 PRO 44 45 45 PRO PRO A . n 
A 1 45 LYS 45 46 46 LYS LYS A . n 
A 1 46 SER 46 47 47 SER SER A . n 
A 1 47 GLU 47 48 48 GLU GLU A . n 
A 1 48 PHE 48 49 49 PHE PHE A . n 
A 1 49 GLU 49 50 50 GLU GLU A . n 
A 1 50 ARG 50 51 51 ARG ARG A . n 
A 1 51 ILE 51 52 52 ILE ILE A . n 
A 1 52 GLU 52 53 53 GLU GLU A . n 
# 
loop_
_pdbx_nonpoly_scheme.asym_id 
_pdbx_nonpoly_scheme.entity_id 
_pdbx_nonpoly_scheme.mon_id 
_pdbx_nonpoly_scheme.ndb_seq_num 
_pdbx_nonpoly_scheme.pdb_seq_num 
_pdbx_nonpoly_scheme.auth_seq_num 
_pdbx_nonpoly_scheme.pdb_mon_id 
_pdbx_nonpoly_scheme.auth_mon_id 
_pdbx_nonpoly_scheme.pdb_strand_id 
_pdbx_nonpoly_scheme.pdb_ins_code 
B 2 FE  1  54  54  FE  FE  A . 
C 3 HOH 1  55  55  HOH HOH A . 
C 3 HOH 2  56  56  HOH HOH A . 
C 3 HOH 3  57  57  HOH HOH A . 
C 3 HOH 4  58  58  HOH HOH A . 
C 3 HOH 5  59  59  HOH HOH A . 
C 3 HOH 6  60  60  HOH HOH A . 
C 3 HOH 7  61  61  HOH HOH A . 
C 3 HOH 8  62  62  HOH HOH A . 
C 3 HOH 9  63  63  HOH HOH A . 
C 3 HOH 10 64  64  HOH HOH A . 
C 3 HOH 11 65  65  HOH HOH A . 
C 3 HOH 12 66  66  HOH HOH A . 
C 3 HOH 13 67  67  HOH HOH A . 
C 3 HOH 14 68  68  HOH HOH A . 
C 3 HOH 15 69  69  HOH HOH A . 
C 3 HOH 16 70  70  HOH HOH A . 
C 3 HOH 17 71  71  HOH HOH A . 
C 3 HOH 18 72  72  HOH HOH A . 
C 3 HOH 19 73  73  HOH HOH A . 
C 3 HOH 20 74  74  HOH HOH A . 
C 3 HOH 21 75  75  HOH HOH A . 
C 3 HOH 22 76  76  HOH HOH A . 
C 3 HOH 23 77  77  HOH HOH A . 
C 3 HOH 24 78  78  HOH HOH A . 
C 3 HOH 25 79  79  HOH HOH A . 
C 3 HOH 26 80  80  HOH HOH A . 
C 3 HOH 27 81  81  HOH HOH A . 
C 3 HOH 28 82  82  HOH HOH A . 
C 3 HOH 29 83  83  HOH HOH A . 
C 3 HOH 30 84  84  HOH HOH A . 
C 3 HOH 31 85  85  HOH HOH A . 
C 3 HOH 32 86  86  HOH HOH A . 
C 3 HOH 33 87  87  HOH HOH A . 
C 3 HOH 34 88  88  HOH HOH A . 
C 3 HOH 35 89  89  HOH HOH A . 
C 3 HOH 36 90  90  HOH HOH A . 
C 3 HOH 37 91  91  HOH HOH A . 
C 3 HOH 38 92  92  HOH HOH A . 
C 3 HOH 39 93  93  HOH HOH A . 
C 3 HOH 40 94  94  HOH HOH A . 
C 3 HOH 41 95  95  HOH HOH A . 
C 3 HOH 42 96  96  HOH HOH A . 
C 3 HOH 43 97  97  HOH HOH A . 
C 3 HOH 44 98  98  HOH HOH A . 
C 3 HOH 45 99  99  HOH HOH A . 
C 3 HOH 46 100 100 HOH HOH A . 
C 3 HOH 47 101 101 HOH HOH A . 
C 3 HOH 48 102 102 HOH HOH A . 
C 3 HOH 49 103 103 HOH HOH A . 
C 3 HOH 50 104 104 HOH HOH A . 
C 3 HOH 51 105 105 HOH HOH A . 
C 3 HOH 52 106 106 HOH HOH A . 
C 3 HOH 53 107 107 HOH HOH A . 
C 3 HOH 54 108 108 HOH HOH A . 
C 3 HOH 55 109 109 HOH HOH A . 
C 3 HOH 56 110 110 HOH HOH A . 
C 3 HOH 57 111 111 HOH HOH A . 
C 3 HOH 58 112 112 HOH HOH A . 
C 3 HOH 59 113 113 HOH HOH A . 
C 3 HOH 60 114 114 HOH HOH A . 
C 3 HOH 61 115 115 HOH HOH A . 
C 3 HOH 62 116 116 HOH HOH A . 
C 3 HOH 63 117 117 HOH HOH A . 
C 3 HOH 64 118 118 HOH HOH A . 
C 3 HOH 65 119 119 HOH HOH A . 
C 3 HOH 66 120 120 HOH HOH A . 
C 3 HOH 67 121 121 HOH HOH A . 
C 3 HOH 68 122 122 HOH HOH A . 
C 3 HOH 69 123 123 HOH HOH A . 
C 3 HOH 70 124 124 HOH HOH A . 
C 3 HOH 71 125 125 HOH HOH A . 
C 3 HOH 72 126 126 HOH HOH A . 
C 3 HOH 73 127 127 HOH HOH A . 
C 3 HOH 74 128 128 HOH HOH A . 
C 3 HOH 75 129 129 HOH HOH A . 
C 3 HOH 76 130 130 HOH HOH A . 
C 3 HOH 77 131 131 HOH HOH A . 
C 3 HOH 78 132 132 HOH HOH A . 
C 3 HOH 79 133 133 HOH HOH A . 
C 3 HOH 80 134 134 HOH HOH A . 
C 3 HOH 81 135 135 HOH HOH A . 
C 3 HOH 82 136 136 HOH HOH A . 
C 3 HOH 83 137 137 HOH HOH A . 
# 
loop_
_pdbx_unobs_or_zero_occ_atoms.id 
_pdbx_unobs_or_zero_occ_atoms.PDB_model_num 
_pdbx_unobs_or_zero_occ_atoms.polymer_flag 
_pdbx_unobs_or_zero_occ_atoms.occupancy_flag 
_pdbx_unobs_or_zero_occ_atoms.auth_asym_id 
_pdbx_unobs_or_zero_occ_atoms.auth_comp_id 
_pdbx_unobs_or_zero_occ_atoms.auth_seq_id 
_pdbx_unobs_or_zero_occ_atoms.PDB_ins_code 
_pdbx_unobs_or_zero_occ_atoms.auth_atom_id 
_pdbx_unobs_or_zero_occ_atoms.label_alt_id 
_pdbx_unobs_or_zero_occ_atoms.label_asym_id 
_pdbx_unobs_or_zero_occ_atoms.label_comp_id 
_pdbx_unobs_or_zero_occ_atoms.label_seq_id 
_pdbx_unobs_or_zero_occ_atoms.label_atom_id 
1 1 Y 0 A LYS 7 ? CE ? A LYS 6 CE 
2 1 Y 0 A LYS 7 ? NZ ? A LYS 6 NZ 
# 
loop_
_software.name 
_software.classification 
_software.version 
_software.citation_id 
_software.pdbx_ordinal 
DENZO     'data reduction' . ? 1 
SCALEPACK 'data scaling'   . ? 2 
SHELXD    phasing          . ? 3 
SHELXL-97 refinement       . ? 4 
# 
_cell.entry_id           1YK4 
_cell.length_a           25.14 
_cell.length_b           39.50 
_cell.length_c           45.07 
_cell.angle_alpha        90.00 
_cell.angle_beta         90.00 
_cell.angle_gamma        90.00 
_cell.pdbx_unique_axis   ? 
_cell.Z_PDB              4 
_cell.length_a_esd       ? 
_cell.length_b_esd       ? 
_cell.length_c_esd       ? 
_cell.angle_alpha_esd    ? 
_cell.angle_beta_esd     ? 
_cell.angle_gamma_esd    ? 
# 
_symmetry.entry_id                         1YK4 
_symmetry.space_group_name_H-M             'P 21 21 21' 
_symmetry.pdbx_full_space_group_name_H-M   ? 
_symmetry.Int_Tables_number                19 
_symmetry.cell_setting                     ? 
_symmetry.space_group_name_Hall            ? 
# 
_exptl.entry_id          1YK4 
_exptl.method            'X-RAY DIFFRACTION' 
_exptl.crystals_number   1 
# 
_exptl_crystal.id                    1 
_exptl_crystal.density_meas          ? 
_exptl_crystal.density_Matthews      1.936664 
_exptl_crystal.density_percent_sol   36.488735 
_exptl_crystal.description           'the file contains Friedel pairs' 
_exptl_crystal.F_000                 ? 
_exptl_crystal.preparation           ? 
# 
_exptl_crystal_grow.crystal_id      1 
_exptl_crystal_grow.method          'VAPOR DIFFUSION, SITTING DROP' 
_exptl_crystal_grow.temp            293 
_exptl_crystal_grow.temp_details    ? 
_exptl_crystal_grow.pH              6.0 
_exptl_crystal_grow.pdbx_details    'Sodium malonate, pH 6.0, VAPOR DIFFUSION, SITTING DROP, temperature 293K' 
_exptl_crystal_grow.pdbx_pH_range   . 
# 
_diffrn.id                     1 
_diffrn.ambient_temp           100 
_diffrn.ambient_temp_details   ? 
_diffrn.crystal_id             1 
# 
_diffrn_detector.diffrn_id              1 
_diffrn_detector.detector               CCD 
_diffrn_detector.type                   MARRESEARCH 
_diffrn_detector.pdbx_collection_date   2004-05-04 
_diffrn_detector.details                ? 
# 
_diffrn_radiation.diffrn_id                        1 
_diffrn_radiation.wavelength_id                    1 
_diffrn_radiation.pdbx_monochromatic_or_laue_m_l   M 
_diffrn_radiation.monochromator                    'Double crystal focussing monochromator' 
_diffrn_radiation.pdbx_diffrn_protocol             'SINGLE WAVELENGTH' 
_diffrn_radiation.pdbx_scattering_type             x-ray 
# 
_diffrn_radiation_wavelength.id           1 
_diffrn_radiation_wavelength.wavelength   0.7301 
_diffrn_radiation_wavelength.wt           1.0 
# 
_diffrn_source.diffrn_id                   1 
_diffrn_source.source                      SYNCHROTRON 
_diffrn_source.type                        'EMBL/DESY, HAMBURG BEAMLINE BW7A' 
_diffrn_source.pdbx_synchrotron_site       'EMBL/DESY, HAMBURG' 
_diffrn_source.pdbx_synchrotron_beamline   BW7A 
_diffrn_source.pdbx_wavelength             ? 
_diffrn_source.pdbx_wavelength_list        0.7301 
# 
_reflns.entry_id                     1YK4 
_reflns.observed_criterion_sigma_F   ? 
_reflns.observed_criterion_sigma_I   -3.0 
_reflns.d_resolution_high            0.69 
_reflns.d_resolution_low             20.00 
_reflns.number_all                   ? 
_reflns.number_obs                   132784 
_reflns.percent_possible_obs         94.5 
_reflns.pdbx_Rmerge_I_obs            ? 
_reflns.pdbx_Rsym_value              0.039 
_reflns.pdbx_netI_over_sigmaI        13.7 
_reflns.B_iso_Wilson_estimate        3.6 
_reflns.pdbx_redundancy              7.1 
_reflns.R_free_details               ? 
_reflns.limit_h_max                  ? 
_reflns.limit_h_min                  ? 
_reflns.limit_k_max                  ? 
_reflns.limit_k_min                  ? 
_reflns.limit_l_max                  ? 
_reflns.limit_l_min                  ? 
_reflns.observed_criterion_F_max     ? 
_reflns.observed_criterion_F_min     ? 
_reflns.pdbx_chi_squared             ? 
_reflns.pdbx_scaling_rejects         ? 
_reflns.pdbx_diffrn_id               1 
_reflns.pdbx_ordinal                 1 
# 
_reflns_shell.d_res_high             0.69 
_reflns_shell.d_res_low              0.70 
_reflns_shell.percent_possible_all   90.4 
_reflns_shell.Rmerge_I_obs           ? 
_reflns_shell.pdbx_Rsym_value        0.22 
_reflns_shell.meanI_over_sigI_obs    ? 
_reflns_shell.pdbx_redundancy        ? 
_reflns_shell.percent_possible_obs   ? 
_reflns_shell.number_unique_all      2695 
_reflns_shell.number_measured_all    ? 
_reflns_shell.number_measured_obs    ? 
_reflns_shell.number_unique_obs      ? 
_reflns_shell.pdbx_chi_squared       ? 
_reflns_shell.pdbx_diffrn_id         ? 
_reflns_shell.pdbx_ordinal           1 
# 
_refine.entry_id                                 1YK4 
_refine.ls_d_res_high                            0.69 
_refine.ls_d_res_low                             20.00 
_refine.pdbx_ls_sigma_F                          ? 
_refine.pdbx_ls_sigma_I                          -1 
_refine.ls_number_reflns_all                     132784 
_refine.ls_number_reflns_obs                     132784 
_refine.ls_number_reflns_R_free                  6646 
_refine.ls_percent_reflns_obs                    100 
_refine.ls_R_factor_all                          ? 
_refine.ls_R_factor_obs                          0.1 
_refine.ls_R_factor_R_work                       0.1 
_refine.ls_R_factor_R_free                       0.108 
_refine.ls_redundancy_reflns_obs                 ? 
_refine.pdbx_data_cutoff_high_absF               ? 
_refine.pdbx_data_cutoff_low_absF                ? 
_refine.ls_number_parameters                     5141 
_refine.ls_number_restraints                     1619 
_refine.ls_percent_reflns_R_free                 ? 
_refine.ls_R_factor_R_free_error                 ? 
_refine.ls_R_factor_R_free_error_details         ? 
_refine.pdbx_method_to_determine_struct          'AB INITIO PHASING' 
_refine.pdbx_starting_model                      ? 
_refine.pdbx_ls_cross_valid_method               THROUGHOUT 
_refine.pdbx_R_Free_selection_details            RANDOM 
_refine.pdbx_stereochem_target_val_spec_case     ? 
_refine.pdbx_stereochemistry_target_values       'Engh & Huber' 
_refine.solvent_model_details                    'MOEWS & KRETSINGER, J.MOL.BIOL.91(1973)201-228' 
_refine.solvent_model_param_bsol                 ? 
_refine.solvent_model_param_ksol                 ? 
_refine.occupancy_max                            ? 
_refine.occupancy_min                            ? 
_refine.pdbx_isotropic_thermal_model             anisotropic 
_refine.B_iso_mean                               8.87 
_refine.aniso_B[1][1]                            ? 
_refine.aniso_B[1][2]                            ? 
_refine.aniso_B[1][3]                            ? 
_refine.aniso_B[2][2]                            ? 
_refine.aniso_B[2][3]                            ? 
_refine.aniso_B[3][3]                            ? 
_refine.details                                  'the file contains Friedel pairs' 
_refine.B_iso_min                                ? 
_refine.B_iso_max                                ? 
_refine.correlation_coeff_Fo_to_Fc               ? 
_refine.correlation_coeff_Fo_to_Fc_free          ? 
_refine.pdbx_solvent_vdw_probe_radii             ? 
_refine.pdbx_solvent_ion_probe_radii             ? 
_refine.pdbx_solvent_shrinkage_radii             ? 
_refine.overall_SU_R_Cruickshank_DPI             ? 
_refine.overall_SU_R_free                        ? 
_refine.overall_SU_B                             ? 
_refine.overall_SU_ML                            ? 
_refine.pdbx_overall_ESU_R                       ? 
_refine.pdbx_overall_ESU_R_Free                  ? 
_refine.pdbx_data_cutoff_high_rms_absF           ? 
_refine.ls_wR_factor_R_free                      ? 
_refine.ls_wR_factor_R_work                      ? 
_refine.overall_FOM_free_R_set                   ? 
_refine.overall_FOM_work_R_set                   ? 
_refine.pdbx_refine_id                           'X-RAY DIFFRACTION' 
_refine.pdbx_diffrn_id                           1 
_refine.pdbx_TLS_residual_ADP_flag               ? 
_refine.pdbx_overall_phase_error                 ? 
_refine.pdbx_overall_SU_R_free_Cruickshank_DPI   ? 
_refine.pdbx_overall_SU_R_Blow_DPI               ? 
_refine.pdbx_overall_SU_R_free_Blow_DPI          ? 
# 
_refine_analyze.entry_id                        1YK4 
_refine_analyze.Luzzati_coordinate_error_obs    ? 
_refine_analyze.Luzzati_d_res_low_obs           ? 
_refine_analyze.Luzzati_coordinate_error_free   ? 
_refine_analyze.Luzzati_d_res_low_free          ? 
_refine_analyze.Luzzati_sigma_a_obs             ? 
_refine_analyze.Luzzati_sigma_a_free            ? 
_refine_analyze.number_disordered_residues      25 
_refine_analyze.occupancy_sum_non_hydrogen      487.02 
_refine_analyze.occupancy_sum_hydrogen          367.02 
_refine_analyze.pdbx_Luzzati_d_res_high_obs     ? 
_refine_analyze.pdbx_refine_id                  'X-RAY DIFFRACTION' 
# 
_refine_hist.pdbx_refine_id                   'X-RAY DIFFRACTION' 
_refine_hist.cycle_id                         LAST 
_refine_hist.pdbx_number_atoms_protein        919 
_refine_hist.pdbx_number_atoms_nucleic_acid   0 
_refine_hist.pdbx_number_atoms_ligand         1 
_refine_hist.number_atoms_solvent             94 
_refine_hist.number_atoms_total               1014 
_refine_hist.d_res_high                       0.69 
_refine_hist.d_res_low                        20.00 
# 
loop_
_refine_ls_restr.type 
_refine_ls_restr.dev_ideal 
_refine_ls_restr.dev_ideal_target 
_refine_ls_restr.weight 
_refine_ls_restr.number 
_refine_ls_restr.pdbx_refine_id 
_refine_ls_restr.pdbx_restraint_function 
s_bond_d               0.026 ? ? ? 'X-RAY DIFFRACTION' ? 
s_angle_d              0.057 ? ? ? 'X-RAY DIFFRACTION' ? 
s_non_zero_chiral_vol  0.125 ? ? ? 'X-RAY DIFFRACTION' ? 
s_from_restr_planes    0.043 ? ? ? 'X-RAY DIFFRACTION' ? 
s_zero_chiral_vol      0.115 ? ? ? 'X-RAY DIFFRACTION' ? 
s_rigid_bond_adp_cmpnt 0.019 ? ? ? 'X-RAY DIFFRACTION' ? 
# 
_pdbx_refine.entry_id                                    1YK4 
_pdbx_refine.R_factor_all_no_cutoff                      0.1001 
_pdbx_refine.R_factor_obs_no_cutoff                      0.1003 
_pdbx_refine.number_reflns_obs_no_cutoff                 ? 
_pdbx_refine.free_R_factor_no_cutoff                     0.1083 
_pdbx_refine.free_R_val_test_set_ct_no_cutoff            ? 
_pdbx_refine.free_R_val_test_set_size_perc_no_cutoff     5.000 
_pdbx_refine.R_factor_all_4sig_cutoff                    0.0872 
_pdbx_refine.R_factor_obs_4sig_cutoff                    0.0874 
_pdbx_refine.number_reflns_obs_4sig_cutoff               99101 
_pdbx_refine.free_R_factor_4sig_cutoff                   0.094 
_pdbx_refine.free_R_val_test_set_ct_4sig_cutoff          4925 
_pdbx_refine.free_R_val_test_set_size_perc_4sig_cutoff   5.0 
_pdbx_refine.pdbx_refine_id                              'X-RAY DIFFRACTION' 
_pdbx_refine.free_R_error_no_cutoff                      ? 
# 
_struct.entry_id                  1YK4 
_struct.title                     'Ultra-high resolution structure of Pyrococcus abyssi rubredoxin W4L/R5S' 
_struct.pdbx_model_details        ? 
_struct.pdbx_CASP_flag            ? 
_struct.pdbx_model_type_details   ? 
# 
_struct_keywords.entry_id        1YK4 
_struct_keywords.pdbx_keywords   'ELECTRON TRANSPORT' 
_struct_keywords.text            'ELECTRON TRANSPORT' 
# 
loop_
_struct_asym.id 
_struct_asym.pdbx_blank_PDB_chainid_flag 
_struct_asym.pdbx_modified 
_struct_asym.entity_id 
_struct_asym.details 
A N N 1 ? 
B N N 2 ? 
C N N 3 ? 
# 
_struct_ref.id                         1 
_struct_ref.db_name                    UNP 
_struct_ref.db_code                    RUBR_PYRAB 
_struct_ref.pdbx_db_accession          Q9V099 
_struct_ref.entity_id                  1 
_struct_ref.pdbx_seq_one_letter_code   AKWRCKICGYIYDEDEGDPDNGISPGTKFEDLPDDWVCPLCGAPKSEFERIE 
_struct_ref.pdbx_align_begin           2 
_struct_ref.pdbx_db_isoform            ? 
# 
_struct_ref_seq.align_id                      1 
_struct_ref_seq.ref_id                        1 
_struct_ref_seq.pdbx_PDB_id_code              1YK4 
_struct_ref_seq.pdbx_strand_id                A 
_struct_ref_seq.seq_align_beg                 1 
_struct_ref_seq.pdbx_seq_align_beg_ins_code   ? 
_struct_ref_seq.seq_align_end                 52 
_struct_ref_seq.pdbx_seq_align_end_ins_code   ? 
_struct_ref_seq.pdbx_db_accession             Q9V099 
_struct_ref_seq.db_align_beg                  2 
_struct_ref_seq.pdbx_db_align_beg_ins_code    ? 
_struct_ref_seq.db_align_end                  53 
_struct_ref_seq.pdbx_db_align_end_ins_code    ? 
_struct_ref_seq.pdbx_auth_seq_align_beg       2 
_struct_ref_seq.pdbx_auth_seq_align_end       53 
# 
loop_
_struct_ref_seq_dif.align_id 
_struct_ref_seq_dif.pdbx_pdb_id_code 
_struct_ref_seq_dif.mon_id 
_struct_ref_seq_dif.pdbx_pdb_strand_id 
_struct_ref_seq_dif.seq_num 
_struct_ref_seq_dif.pdbx_pdb_ins_code 
_struct_ref_seq_dif.pdbx_seq_db_name 
_struct_ref_seq_dif.pdbx_seq_db_accession_code 
_struct_ref_seq_dif.db_mon_id 
_struct_ref_seq_dif.pdbx_seq_db_seq_num 
_struct_ref_seq_dif.details 
_struct_ref_seq_dif.pdbx_auth_seq_num 
_struct_ref_seq_dif.pdbx_ordinal 
1 1YK4 LEU A 3 ? UNP Q9V099 TRP 4 'engineered mutation' 4 1 
1 1YK4 SER A 4 ? UNP Q9V099 ARG 5 'engineered mutation' 5 2 
# 
_pdbx_struct_assembly.id                   1 
_pdbx_struct_assembly.details              author_defined_assembly 
_pdbx_struct_assembly.method_details       ? 
_pdbx_struct_assembly.oligomeric_details   monomeric 
_pdbx_struct_assembly.oligomeric_count     1 
# 
_pdbx_struct_assembly_gen.assembly_id       1 
_pdbx_struct_assembly_gen.oper_expression   1 
_pdbx_struct_assembly_gen.asym_id_list      A,B,C 
# 
_pdbx_struct_oper_list.id                   1 
_pdbx_struct_oper_list.type                 'identity operation' 
_pdbx_struct_oper_list.name                 1_555 
_pdbx_struct_oper_list.symmetry_operation   x,y,z 
_pdbx_struct_oper_list.matrix[1][1]         1.0000000000 
_pdbx_struct_oper_list.matrix[1][2]         0.0000000000 
_pdbx_struct_oper_list.matrix[1][3]         0.0000000000 
_pdbx_struct_oper_list.vector[1]            0.0000000000 
_pdbx_struct_oper_list.matrix[2][1]         0.0000000000 
_pdbx_struct_oper_list.matrix[2][2]         1.0000000000 
_pdbx_struct_oper_list.matrix[2][3]         0.0000000000 
_pdbx_struct_oper_list.vector[2]            0.0000000000 
_pdbx_struct_oper_list.matrix[3][1]         0.0000000000 
_pdbx_struct_oper_list.matrix[3][2]         0.0000000000 
_pdbx_struct_oper_list.matrix[3][3]         1.0000000000 
_pdbx_struct_oper_list.vector[3]            0.0000000000 
# 
_struct_biol.id                    1 
_struct_biol.pdbx_parent_biol_id   ? 
_struct_biol.details               ? 
# 
loop_
_struct_conf.conf_type_id 
_struct_conf.id 
_struct_conf.pdbx_PDB_helix_id 
_struct_conf.beg_label_comp_id 
_struct_conf.beg_label_asym_id 
_struct_conf.beg_label_seq_id 
_struct_conf.pdbx_beg_PDB_ins_code 
_struct_conf.end_label_comp_id 
_struct_conf.end_label_asym_id 
_struct_conf.end_label_seq_id 
_struct_conf.pdbx_end_PDB_ins_code 
_struct_conf.beg_auth_comp_id 
_struct_conf.beg_auth_asym_id 
_struct_conf.beg_auth_seq_id 
_struct_conf.end_auth_comp_id 
_struct_conf.end_auth_asym_id 
_struct_conf.end_auth_seq_id 
_struct_conf.pdbx_PDB_helix_class 
_struct_conf.details 
_struct_conf.pdbx_PDB_helix_length 
HELX_P HELX_P1 1 ASP A 18 ? GLY A 22 ? ASP A 19 GLY A 23 5 ? 5 
HELX_P HELX_P2 2 LYS A 28 ? LEU A 32 ? LYS A 29 LEU A 33 5 ? 5 
HELX_P HELX_P3 3 PRO A 44 ? SER A 46 ? PRO A 45 SER A 47 5 ? 3 
# 
_struct_conf_type.id          HELX_P 
_struct_conf_type.criteria    ? 
_struct_conf_type.reference   ? 
# 
loop_
_struct_conn.id 
_struct_conn.conn_type_id 
_struct_conn.pdbx_leaving_atom_flag 
_struct_conn.pdbx_PDB_id 
_struct_conn.ptnr1_label_asym_id 
_struct_conn.ptnr1_label_comp_id 
_struct_conn.ptnr1_label_seq_id 
_struct_conn.ptnr1_label_atom_id 
_struct_conn.pdbx_ptnr1_label_alt_id 
_struct_conn.pdbx_ptnr1_PDB_ins_code 
_struct_conn.pdbx_ptnr1_standard_comp_id 
_struct_conn.ptnr1_symmetry 
_struct_conn.ptnr2_label_asym_id 
_struct_conn.ptnr2_label_comp_id 
_struct_conn.ptnr2_label_seq_id 
_struct_conn.ptnr2_label_atom_id 
_struct_conn.pdbx_ptnr2_label_alt_id 
_struct_conn.pdbx_ptnr2_PDB_ins_code 
_struct_conn.ptnr1_auth_asym_id 
_struct_conn.ptnr1_auth_comp_id 
_struct_conn.ptnr1_auth_seq_id 
_struct_conn.ptnr2_auth_asym_id 
_struct_conn.ptnr2_auth_comp_id 
_struct_conn.ptnr2_auth_seq_id 
_struct_conn.ptnr2_symmetry 
_struct_conn.pdbx_ptnr3_label_atom_id 
_struct_conn.pdbx_ptnr3_label_seq_id 
_struct_conn.pdbx_ptnr3_label_comp_id 
_struct_conn.pdbx_ptnr3_label_asym_id 
_struct_conn.pdbx_ptnr3_label_alt_id 
_struct_conn.pdbx_ptnr3_PDB_ins_code 
_struct_conn.details 
_struct_conn.pdbx_dist_value 
_struct_conn.pdbx_value_order 
_struct_conn.pdbx_role 
metalc1 metalc ? ? A CYS 5  SG ? ? ? 1_555 B FE . FE ? ? A CYS 6  A FE 54 1_555 ? ? ? ? ? ? ? 2.295 ? ? 
metalc2 metalc ? ? A CYS 8  SG ? ? ? 1_555 B FE . FE ? ? A CYS 9  A FE 54 1_555 ? ? ? ? ? ? ? 2.273 ? ? 
metalc3 metalc ? ? A CYS 38 SG ? ? ? 1_555 B FE . FE ? ? A CYS 39 A FE 54 1_555 ? ? ? ? ? ? ? 2.333 ? ? 
metalc4 metalc ? ? A CYS 41 SG ? ? ? 1_555 B FE . FE ? ? A CYS 42 A FE 54 1_555 ? ? ? ? ? ? ? 2.277 ? ? 
# 
_struct_conn_type.id          metalc 
_struct_conn_type.criteria    ? 
_struct_conn_type.reference   ? 
# 
loop_
_pdbx_struct_conn_angle.id 
_pdbx_struct_conn_angle.ptnr1_label_atom_id 
_pdbx_struct_conn_angle.ptnr1_label_alt_id 
_pdbx_struct_conn_angle.ptnr1_label_asym_id 
_pdbx_struct_conn_angle.ptnr1_label_comp_id 
_pdbx_struct_conn_angle.ptnr1_label_seq_id 
_pdbx_struct_conn_angle.ptnr1_auth_atom_id 
_pdbx_struct_conn_angle.ptnr1_auth_asym_id 
_pdbx_struct_conn_angle.ptnr1_auth_comp_id 
_pdbx_struct_conn_angle.ptnr1_auth_seq_id 
_pdbx_struct_conn_angle.ptnr1_PDB_ins_code 
_pdbx_struct_conn_angle.ptnr1_symmetry 
_pdbx_struct_conn_angle.ptnr2_label_atom_id 
_pdbx_struct_conn_angle.ptnr2_label_alt_id 
_pdbx_struct_conn_angle.ptnr2_label_asym_id 
_pdbx_struct_conn_angle.ptnr2_label_comp_id 
_pdbx_struct_conn_angle.ptnr2_label_seq_id 
_pdbx_struct_conn_angle.ptnr2_auth_atom_id 
_pdbx_struct_conn_angle.ptnr2_auth_asym_id 
_pdbx_struct_conn_angle.ptnr2_auth_comp_id 
_pdbx_struct_conn_angle.ptnr2_auth_seq_id 
_pdbx_struct_conn_angle.ptnr2_PDB_ins_code 
_pdbx_struct_conn_angle.ptnr2_symmetry 
_pdbx_struct_conn_angle.ptnr3_label_atom_id 
_pdbx_struct_conn_angle.ptnr3_label_alt_id 
_pdbx_struct_conn_angle.ptnr3_label_asym_id 
_pdbx_struct_conn_angle.ptnr3_label_comp_id 
_pdbx_struct_conn_angle.ptnr3_label_seq_id 
_pdbx_struct_conn_angle.ptnr3_auth_atom_id 
_pdbx_struct_conn_angle.ptnr3_auth_asym_id 
_pdbx_struct_conn_angle.ptnr3_auth_comp_id 
_pdbx_struct_conn_angle.ptnr3_auth_seq_id 
_pdbx_struct_conn_angle.ptnr3_PDB_ins_code 
_pdbx_struct_conn_angle.ptnr3_symmetry 
_pdbx_struct_conn_angle.value 
_pdbx_struct_conn_angle.value_esd 
1 SG ? A CYS 5  ? A CYS 6  ? 1_555 FE ? B FE . ? A FE 54 ? 1_555 SG ? A CYS 8  ? A CYS 9  ? 1_555 117.5 ? 
2 SG ? A CYS 5  ? A CYS 6  ? 1_555 FE ? B FE . ? A FE 54 ? 1_555 SG ? A CYS 38 ? A CYS 39 ? 1_555 110.8 ? 
3 SG ? A CYS 8  ? A CYS 9  ? 1_555 FE ? B FE . ? A FE 54 ? 1_555 SG ? A CYS 38 ? A CYS 39 ? 1_555 99.4  ? 
4 SG ? A CYS 5  ? A CYS 6  ? 1_555 FE ? B FE . ? A FE 54 ? 1_555 SG ? A CYS 41 ? A CYS 42 ? 1_555 103.4 ? 
5 SG ? A CYS 8  ? A CYS 9  ? 1_555 FE ? B FE . ? A FE 54 ? 1_555 SG ? A CYS 41 ? A CYS 42 ? 1_555 114.0 ? 
6 SG ? A CYS 38 ? A CYS 39 ? 1_555 FE ? B FE . ? A FE 54 ? 1_555 SG ? A CYS 41 ? A CYS 42 ? 1_555 112.1 ? 
# 
_struct_sheet.id               A 
_struct_sheet.type             ? 
_struct_sheet.number_strands   3 
_struct_sheet.details          ? 
# 
loop_
_struct_sheet_order.sheet_id 
_struct_sheet_order.range_id_1 
_struct_sheet_order.range_id_2 
_struct_sheet_order.offset 
_struct_sheet_order.sense 
A 1 2 ? anti-parallel 
A 2 3 ? anti-parallel 
# 
loop_
_struct_sheet_range.sheet_id 
_struct_sheet_range.id 
_struct_sheet_range.beg_label_comp_id 
_struct_sheet_range.beg_label_asym_id 
_struct_sheet_range.beg_label_seq_id 
_struct_sheet_range.pdbx_beg_PDB_ins_code 
_struct_sheet_range.end_label_comp_id 
_struct_sheet_range.end_label_asym_id 
_struct_sheet_range.end_label_seq_id 
_struct_sheet_range.pdbx_end_PDB_ins_code 
_struct_sheet_range.beg_auth_comp_id 
_struct_sheet_range.beg_auth_asym_id 
_struct_sheet_range.beg_auth_seq_id 
_struct_sheet_range.end_auth_comp_id 
_struct_sheet_range.end_auth_asym_id 
_struct_sheet_range.end_auth_seq_id 
A 1 ILE A 11 ? ASP A 13 ? ILE A 12 ASP A 14 
A 2 LYS A 2  ? CYS A 5  ? LYS A 3  CYS A 6  
A 3 PHE A 48 ? ILE A 51 ? PHE A 49 ILE A 52 
# 
loop_
_pdbx_struct_sheet_hbond.sheet_id 
_pdbx_struct_sheet_hbond.range_id_1 
_pdbx_struct_sheet_hbond.range_id_2 
_pdbx_struct_sheet_hbond.range_1_label_atom_id 
_pdbx_struct_sheet_hbond.range_1_label_comp_id 
_pdbx_struct_sheet_hbond.range_1_label_asym_id 
_pdbx_struct_sheet_hbond.range_1_label_seq_id 
_pdbx_struct_sheet_hbond.range_1_PDB_ins_code 
_pdbx_struct_sheet_hbond.range_1_auth_atom_id 
_pdbx_struct_sheet_hbond.range_1_auth_comp_id 
_pdbx_struct_sheet_hbond.range_1_auth_asym_id 
_pdbx_struct_sheet_hbond.range_1_auth_seq_id 
_pdbx_struct_sheet_hbond.range_2_label_atom_id 
_pdbx_struct_sheet_hbond.range_2_label_comp_id 
_pdbx_struct_sheet_hbond.range_2_label_asym_id 
_pdbx_struct_sheet_hbond.range_2_label_seq_id 
_pdbx_struct_sheet_hbond.range_2_PDB_ins_code 
_pdbx_struct_sheet_hbond.range_2_auth_atom_id 
_pdbx_struct_sheet_hbond.range_2_auth_comp_id 
_pdbx_struct_sheet_hbond.range_2_auth_asym_id 
_pdbx_struct_sheet_hbond.range_2_auth_seq_id 
A 1 2 O TYR A 12 ? O TYR A 13 N LEU A 3  ? N LEU A 4  
A 2 3 N SER A 4  ? N SER A 5  O GLU A 49 ? O GLU A 50 
# 
_struct_site.id                   AC1 
_struct_site.pdbx_evidence_code   Software 
_struct_site.pdbx_auth_asym_id    A 
_struct_site.pdbx_auth_comp_id    FE 
_struct_site.pdbx_auth_seq_id     54 
_struct_site.pdbx_auth_ins_code   ? 
_struct_site.pdbx_num_residues    4 
_struct_site.details              'BINDING SITE FOR RESIDUE FE A 54' 
# 
loop_
_struct_site_gen.id 
_struct_site_gen.site_id 
_struct_site_gen.pdbx_num_res 
_struct_site_gen.label_comp_id 
_struct_site_gen.label_asym_id 
_struct_site_gen.label_seq_id 
_struct_site_gen.pdbx_auth_ins_code 
_struct_site_gen.auth_comp_id 
_struct_site_gen.auth_asym_id 
_struct_site_gen.auth_seq_id 
_struct_site_gen.label_atom_id 
_struct_site_gen.label_alt_id 
_struct_site_gen.symmetry 
_struct_site_gen.details 
1 AC1 4 CYS A 5  ? CYS A 6  . ? 1_555 ? 
2 AC1 4 CYS A 8  ? CYS A 9  . ? 1_555 ? 
3 AC1 4 CYS A 38 ? CYS A 39 . ? 1_555 ? 
4 AC1 4 CYS A 41 ? CYS A 42 . ? 1_555 ? 
# 
loop_
_pdbx_validate_symm_contact.id 
_pdbx_validate_symm_contact.PDB_model_num 
_pdbx_validate_symm_contact.auth_atom_id_1 
_pdbx_validate_symm_contact.auth_asym_id_1 
_pdbx_validate_symm_contact.auth_comp_id_1 
_pdbx_validate_symm_contact.auth_seq_id_1 
_pdbx_validate_symm_contact.PDB_ins_code_1 
_pdbx_validate_symm_contact.label_alt_id_1 
_pdbx_validate_symm_contact.site_symmetry_1 
_pdbx_validate_symm_contact.auth_atom_id_2 
_pdbx_validate_symm_contact.auth_asym_id_2 
_pdbx_validate_symm_contact.auth_comp_id_2 
_pdbx_validate_symm_contact.auth_seq_id_2 
_pdbx_validate_symm_contact.PDB_ins_code_2 
_pdbx_validate_symm_contact.label_alt_id_2 
_pdbx_validate_symm_contact.site_symmetry_2 
_pdbx_validate_symm_contact.dist 
1 1 HH12 A ARG 51 ? B 1_555 O A HOH 70  ? ? 3_555 1.54 
2 1 O    A HOH 89 ? ? 1_555 O A HOH 137 ? ? 3_545 2.12 
3 1 O    A HOH 98 ? ? 1_555 O A HOH 112 ? ? 3_555 2.15 
# 
_pdbx_validate_rmsd_bond.id                        1 
_pdbx_validate_rmsd_bond.PDB_model_num             1 
_pdbx_validate_rmsd_bond.auth_atom_id_1            CD 
_pdbx_validate_rmsd_bond.auth_asym_id_1            A 
_pdbx_validate_rmsd_bond.auth_comp_id_1            GLU 
_pdbx_validate_rmsd_bond.auth_seq_id_1             17 
_pdbx_validate_rmsd_bond.PDB_ins_code_1            ? 
_pdbx_validate_rmsd_bond.label_alt_id_1            ? 
_pdbx_validate_rmsd_bond.auth_atom_id_2            OE1 
_pdbx_validate_rmsd_bond.auth_asym_id_2            A 
_pdbx_validate_rmsd_bond.auth_comp_id_2            GLU 
_pdbx_validate_rmsd_bond.auth_seq_id_2             17 
_pdbx_validate_rmsd_bond.PDB_ins_code_2            ? 
_pdbx_validate_rmsd_bond.label_alt_id_2            ? 
_pdbx_validate_rmsd_bond.bond_value                1.158 
_pdbx_validate_rmsd_bond.bond_target_value         1.252 
_pdbx_validate_rmsd_bond.bond_deviation            -0.094 
_pdbx_validate_rmsd_bond.bond_standard_deviation   0.011 
_pdbx_validate_rmsd_bond.linker_flag               N 
# 
loop_
_pdbx_validate_rmsd_angle.id 
_pdbx_validate_rmsd_angle.PDB_model_num 
_pdbx_validate_rmsd_angle.auth_atom_id_1 
_pdbx_validate_rmsd_angle.auth_asym_id_1 
_pdbx_validate_rmsd_angle.auth_comp_id_1 
_pdbx_validate_rmsd_angle.auth_seq_id_1 
_pdbx_validate_rmsd_angle.PDB_ins_code_1 
_pdbx_validate_rmsd_angle.label_alt_id_1 
_pdbx_validate_rmsd_angle.auth_atom_id_2 
_pdbx_validate_rmsd_angle.auth_asym_id_2 
_pdbx_validate_rmsd_angle.auth_comp_id_2 
_pdbx_validate_rmsd_angle.auth_seq_id_2 
_pdbx_validate_rmsd_angle.PDB_ins_code_2 
_pdbx_validate_rmsd_angle.label_alt_id_2 
_pdbx_validate_rmsd_angle.auth_atom_id_3 
_pdbx_validate_rmsd_angle.auth_asym_id_3 
_pdbx_validate_rmsd_angle.auth_comp_id_3 
_pdbx_validate_rmsd_angle.auth_seq_id_3 
_pdbx_validate_rmsd_angle.PDB_ins_code_3 
_pdbx_validate_rmsd_angle.label_alt_id_3 
_pdbx_validate_rmsd_angle.angle_value 
_pdbx_validate_rmsd_angle.angle_target_value 
_pdbx_validate_rmsd_angle.angle_deviation 
_pdbx_validate_rmsd_angle.angle_standard_deviation 
_pdbx_validate_rmsd_angle.linker_flag 
1 1 CB  A ASP 35 ? A CG A ASP 35 ? A OD2 A ASP 35 ? A 110.51 118.30 -7.79  0.90 N 
2 1 CB  A ASP 36 ? B CG A ASP 36 ? B OD1 A ASP 36 ? B 112.39 118.30 -5.91  0.90 N 
3 1 CB  A ASP 36 ? B CG A ASP 36 ? B OD2 A ASP 36 ? B 124.78 118.30 6.48   0.90 N 
4 1 CB  A ARG 51 ? B CA A ARG 51 ? B C   A ARG 51 ? ? 126.33 110.40 15.93  2.00 N 
5 1 N   A ARG 51 ? ? CA A ARG 51 ? B CB  A ARG 51 ? B 95.47  110.60 -15.13 1.80 N 
6 1 OE1 A GLU 53 ? ? CD A GLU 53 ? ? OE2 A GLU 53 ? ? 131.87 123.30 8.57   1.20 N 
# 
loop_
_chem_comp_atom.comp_id 
_chem_comp_atom.atom_id 
_chem_comp_atom.type_symbol 
_chem_comp_atom.pdbx_aromatic_flag 
_chem_comp_atom.pdbx_stereo_config 
_chem_comp_atom.pdbx_ordinal 
ALA N    N  N N 1   
ALA CA   C  N S 2   
ALA C    C  N N 3   
ALA O    O  N N 4   
ALA CB   C  N N 5   
ALA OXT  O  N N 6   
ALA H    H  N N 7   
ALA H2   H  N N 8   
ALA HA   H  N N 9   
ALA HB1  H  N N 10  
ALA HB2  H  N N 11  
ALA HB3  H  N N 12  
ALA HXT  H  N N 13  
ARG N    N  N N 14  
ARG CA   C  N S 15  
ARG C    C  N N 16  
ARG O    O  N N 17  
ARG CB   C  N N 18  
ARG CG   C  N N 19  
ARG CD   C  N N 20  
ARG NE   N  N N 21  
ARG CZ   C  N N 22  
ARG NH1  N  N N 23  
ARG NH2  N  N N 24  
ARG OXT  O  N N 25  
ARG H    H  N N 26  
ARG H2   H  N N 27  
ARG HA   H  N N 28  
ARG HB2  H  N N 29  
ARG HB3  H  N N 30  
ARG HG2  H  N N 31  
ARG HG3  H  N N 32  
ARG HD2  H  N N 33  
ARG HD3  H  N N 34  
ARG HE   H  N N 35  
ARG HH11 H  N N 36  
ARG HH12 H  N N 37  
ARG HH21 H  N N 38  
ARG HH22 H  N N 39  
ARG HXT  H  N N 40  
ASN N    N  N N 41  
ASN CA   C  N S 42  
ASN C    C  N N 43  
ASN O    O  N N 44  
ASN CB   C  N N 45  
ASN CG   C  N N 46  
ASN OD1  O  N N 47  
ASN ND2  N  N N 48  
ASN OXT  O  N N 49  
ASN H    H  N N 50  
ASN H2   H  N N 51  
ASN HA   H  N N 52  
ASN HB2  H  N N 53  
ASN HB3  H  N N 54  
ASN HD21 H  N N 55  
ASN HD22 H  N N 56  
ASN HXT  H  N N 57  
ASP N    N  N N 58  
ASP CA   C  N S 59  
ASP C    C  N N 60  
ASP O    O  N N 61  
ASP CB   C  N N 62  
ASP CG   C  N N 63  
ASP OD1  O  N N 64  
ASP OD2  O  N N 65  
ASP OXT  O  N N 66  
ASP H    H  N N 67  
ASP H2   H  N N 68  
ASP HA   H  N N 69  
ASP HB2  H  N N 70  
ASP HB3  H  N N 71  
ASP HD2  H  N N 72  
ASP HXT  H  N N 73  
CYS N    N  N N 74  
CYS CA   C  N R 75  
CYS C    C  N N 76  
CYS O    O  N N 77  
CYS CB   C  N N 78  
CYS SG   S  N N 79  
CYS OXT  O  N N 80  
CYS H    H  N N 81  
CYS H2   H  N N 82  
CYS HA   H  N N 83  
CYS HB2  H  N N 84  
CYS HB3  H  N N 85  
CYS HG   H  N N 86  
CYS HXT  H  N N 87  
FE  FE   FE N N 88  
GLU N    N  N N 89  
GLU CA   C  N S 90  
GLU C    C  N N 91  
GLU O    O  N N 92  
GLU CB   C  N N 93  
GLU CG   C  N N 94  
GLU CD   C  N N 95  
GLU OE1  O  N N 96  
GLU OE2  O  N N 97  
GLU OXT  O  N N 98  
GLU H    H  N N 99  
GLU H2   H  N N 100 
GLU HA   H  N N 101 
GLU HB2  H  N N 102 
GLU HB3  H  N N 103 
GLU HG2  H  N N 104 
GLU HG3  H  N N 105 
GLU HE2  H  N N 106 
GLU HXT  H  N N 107 
GLY N    N  N N 108 
GLY CA   C  N N 109 
GLY C    C  N N 110 
GLY O    O  N N 111 
GLY OXT  O  N N 112 
GLY H    H  N N 113 
GLY H2   H  N N 114 
GLY HA2  H  N N 115 
GLY HA3  H  N N 116 
GLY HXT  H  N N 117 
HOH O    O  N N 118 
HOH H1   H  N N 119 
HOH H2   H  N N 120 
ILE N    N  N N 121 
ILE CA   C  N S 122 
ILE C    C  N N 123 
ILE O    O  N N 124 
ILE CB   C  N S 125 
ILE CG1  C  N N 126 
ILE CG2  C  N N 127 
ILE CD1  C  N N 128 
ILE OXT  O  N N 129 
ILE H    H  N N 130 
ILE H2   H  N N 131 
ILE HA   H  N N 132 
ILE HB   H  N N 133 
ILE HG12 H  N N 134 
ILE HG13 H  N N 135 
ILE HG21 H  N N 136 
ILE HG22 H  N N 137 
ILE HG23 H  N N 138 
ILE HD11 H  N N 139 
ILE HD12 H  N N 140 
ILE HD13 H  N N 141 
ILE HXT  H  N N 142 
LEU N    N  N N 143 
LEU CA   C  N S 144 
LEU C    C  N N 145 
LEU O    O  N N 146 
LEU CB   C  N N 147 
LEU CG   C  N N 148 
LEU CD1  C  N N 149 
LEU CD2  C  N N 150 
LEU OXT  O  N N 151 
LEU H    H  N N 152 
LEU H2   H  N N 153 
LEU HA   H  N N 154 
LEU HB2  H  N N 155 
LEU HB3  H  N N 156 
LEU HG   H  N N 157 
LEU HD11 H  N N 158 
LEU HD12 H  N N 159 
LEU HD13 H  N N 160 
LEU HD21 H  N N 161 
LEU HD22 H  N N 162 
LEU HD23 H  N N 163 
LEU HXT  H  N N 164 
LYS N    N  N N 165 
LYS CA   C  N S 166 
LYS C    C  N N 167 
LYS O    O  N N 168 
LYS CB   C  N N 169 
LYS CG   C  N N 170 
LYS CD   C  N N 171 
LYS CE   C  N N 172 
LYS NZ   N  N N 173 
LYS OXT  O  N N 174 
LYS H    H  N N 175 
LYS H2   H  N N 176 
LYS HA   H  N N 177 
LYS HB2  H  N N 178 
LYS HB3  H  N N 179 
LYS HG2  H  N N 180 
LYS HG3  H  N N 181 
LYS HD2  H  N N 182 
LYS HD3  H  N N 183 
LYS HE2  H  N N 184 
LYS HE3  H  N N 185 
LYS HZ1  H  N N 186 
LYS HZ2  H  N N 187 
LYS HZ3  H  N N 188 
LYS HXT  H  N N 189 
PHE N    N  N N 190 
PHE CA   C  N S 191 
PHE C    C  N N 192 
PHE O    O  N N 193 
PHE CB   C  N N 194 
PHE CG   C  Y N 195 
PHE CD1  C  Y N 196 
PHE CD2  C  Y N 197 
PHE CE1  C  Y N 198 
PHE CE2  C  Y N 199 
PHE CZ   C  Y N 200 
PHE OXT  O  N N 201 
PHE H    H  N N 202 
PHE H2   H  N N 203 
PHE HA   H  N N 204 
PHE HB2  H  N N 205 
PHE HB3  H  N N 206 
PHE HD1  H  N N 207 
PHE HD2  H  N N 208 
PHE HE1  H  N N 209 
PHE HE2  H  N N 210 
PHE HZ   H  N N 211 
PHE HXT  H  N N 212 
PRO N    N  N N 213 
PRO CA   C  N S 214 
PRO C    C  N N 215 
PRO O    O  N N 216 
PRO CB   C  N N 217 
PRO CG   C  N N 218 
PRO CD   C  N N 219 
PRO OXT  O  N N 220 
PRO H    H  N N 221 
PRO HA   H  N N 222 
PRO HB2  H  N N 223 
PRO HB3  H  N N 224 
PRO HG2  H  N N 225 
PRO HG3  H  N N 226 
PRO HD2  H  N N 227 
PRO HD3  H  N N 228 
PRO HXT  H  N N 229 
SER N    N  N N 230 
SER CA   C  N S 231 
SER C    C  N N 232 
SER O    O  N N 233 
SER CB   C  N N 234 
SER OG   O  N N 235 
SER OXT  O  N N 236 
SER H    H  N N 237 
SER H2   H  N N 238 
SER HA   H  N N 239 
SER HB2  H  N N 240 
SER HB3  H  N N 241 
SER HG   H  N N 242 
SER HXT  H  N N 243 
THR N    N  N N 244 
THR CA   C  N S 245 
THR C    C  N N 246 
THR O    O  N N 247 
THR CB   C  N R 248 
THR OG1  O  N N 249 
THR CG2  C  N N 250 
THR OXT  O  N N 251 
THR H    H  N N 252 
THR H2   H  N N 253 
THR HA   H  N N 254 
THR HB   H  N N 255 
THR HG1  H  N N 256 
THR HG21 H  N N 257 
THR HG22 H  N N 258 
THR HG23 H  N N 259 
THR HXT  H  N N 260 
TRP N    N  N N 261 
TRP CA   C  N S 262 
TRP C    C  N N 263 
TRP O    O  N N 264 
TRP CB   C  N N 265 
TRP CG   C  Y N 266 
TRP CD1  C  Y N 267 
TRP CD2  C  Y N 268 
TRP NE1  N  Y N 269 
TRP CE2  C  Y N 270 
TRP CE3  C  Y N 271 
TRP CZ2  C  Y N 272 
TRP CZ3  C  Y N 273 
TRP CH2  C  Y N 274 
TRP OXT  O  N N 275 
TRP H    H  N N 276 
TRP H2   H  N N 277 
TRP HA   H  N N 278 
TRP HB2  H  N N 279 
TRP HB3  H  N N 280 
TRP HD1  H  N N 281 
TRP HE1  H  N N 282 
TRP HE3  H  N N 283 
TRP HZ2  H  N N 284 
TRP HZ3  H  N N 285 
TRP HH2  H  N N 286 
TRP HXT  H  N N 287 
TYR N    N  N N 288 
TYR CA   C  N S 289 
TYR C    C  N N 290 
TYR O    O  N N 291 
TYR CB   C  N N 292 
TYR CG   C  Y N 293 
TYR CD1  C  Y N 294 
TYR CD2  C  Y N 295 
TYR CE1  C  Y N 296 
TYR CE2  C  Y N 297 
TYR CZ   C  Y N 298 
TYR OH   O  N N 299 
TYR OXT  O  N N 300 
TYR H    H  N N 301 
TYR H2   H  N N 302 
TYR HA   H  N N 303 
TYR HB2  H  N N 304 
TYR HB3  H  N N 305 
TYR HD1  H  N N 306 
TYR HD2  H  N N 307 
TYR HE1  H  N N 308 
TYR HE2  H  N N 309 
TYR HH   H  N N 310 
TYR HXT  H  N N 311 
VAL N    N  N N 312 
VAL CA   C  N S 313 
VAL C    C  N N 314 
VAL O    O  N N 315 
VAL CB   C  N N 316 
VAL CG1  C  N N 317 
VAL CG2  C  N N 318 
VAL OXT  O  N N 319 
VAL H    H  N N 320 
VAL H2   H  N N 321 
VAL HA   H  N N 322 
VAL HB   H  N N 323 
VAL HG11 H  N N 324 
VAL HG12 H  N N 325 
VAL HG13 H  N N 326 
VAL HG21 H  N N 327 
VAL HG22 H  N N 328 
VAL HG23 H  N N 329 
VAL HXT  H  N N 330 
# 
loop_
_chem_comp_bond.comp_id 
_chem_comp_bond.atom_id_1 
_chem_comp_bond.atom_id_2 
_chem_comp_bond.value_order 
_chem_comp_bond.pdbx_aromatic_flag 
_chem_comp_bond.pdbx_stereo_config 
_chem_comp_bond.pdbx_ordinal 
ALA N   CA   sing N N 1   
ALA N   H    sing N N 2   
ALA N   H2   sing N N 3   
ALA CA  C    sing N N 4   
ALA CA  CB   sing N N 5   
ALA CA  HA   sing N N 6   
ALA C   O    doub N N 7   
ALA C   OXT  sing N N 8   
ALA CB  HB1  sing N N 9   
ALA CB  HB2  sing N N 10  
ALA CB  HB3  sing N N 11  
ALA OXT HXT  sing N N 12  
ARG N   CA   sing N N 13  
ARG N   H    sing N N 14  
ARG N   H2   sing N N 15  
ARG CA  C    sing N N 16  
ARG CA  CB   sing N N 17  
ARG CA  HA   sing N N 18  
ARG C   O    doub N N 19  
ARG C   OXT  sing N N 20  
ARG CB  CG   sing N N 21  
ARG CB  HB2  sing N N 22  
ARG CB  HB3  sing N N 23  
ARG CG  CD   sing N N 24  
ARG CG  HG2  sing N N 25  
ARG CG  HG3  sing N N 26  
ARG CD  NE   sing N N 27  
ARG CD  HD2  sing N N 28  
ARG CD  HD3  sing N N 29  
ARG NE  CZ   sing N N 30  
ARG NE  HE   sing N N 31  
ARG CZ  NH1  sing N N 32  
ARG CZ  NH2  doub N N 33  
ARG NH1 HH11 sing N N 34  
ARG NH1 HH12 sing N N 35  
ARG NH2 HH21 sing N N 36  
ARG NH2 HH22 sing N N 37  
ARG OXT HXT  sing N N 38  
ASN N   CA   sing N N 39  
ASN N   H    sing N N 40  
ASN N   H2   sing N N 41  
ASN CA  C    sing N N 42  
ASN CA  CB   sing N N 43  
ASN CA  HA   sing N N 44  
ASN C   O    doub N N 45  
ASN C   OXT  sing N N 46  
ASN CB  CG   sing N N 47  
ASN CB  HB2  sing N N 48  
ASN CB  HB3  sing N N 49  
ASN CG  OD1  doub N N 50  
ASN CG  ND2  sing N N 51  
ASN ND2 HD21 sing N N 52  
ASN ND2 HD22 sing N N 53  
ASN OXT HXT  sing N N 54  
ASP N   CA   sing N N 55  
ASP N   H    sing N N 56  
ASP N   H2   sing N N 57  
ASP CA  C    sing N N 58  
ASP CA  CB   sing N N 59  
ASP CA  HA   sing N N 60  
ASP C   O    doub N N 61  
ASP C   OXT  sing N N 62  
ASP CB  CG   sing N N 63  
ASP CB  HB2  sing N N 64  
ASP CB  HB3  sing N N 65  
ASP CG  OD1  doub N N 66  
ASP CG  OD2  sing N N 67  
ASP OD2 HD2  sing N N 68  
ASP OXT HXT  sing N N 69  
CYS N   CA   sing N N 70  
CYS N   H    sing N N 71  
CYS N   H2   sing N N 72  
CYS CA  C    sing N N 73  
CYS CA  CB   sing N N 74  
CYS CA  HA   sing N N 75  
CYS C   O    doub N N 76  
CYS C   OXT  sing N N 77  
CYS CB  SG   sing N N 78  
CYS CB  HB2  sing N N 79  
CYS CB  HB3  sing N N 80  
CYS SG  HG   sing N N 81  
CYS OXT HXT  sing N N 82  
GLU N   CA   sing N N 83  
GLU N   H    sing N N 84  
GLU N   H2   sing N N 85  
GLU CA  C    sing N N 86  
GLU CA  CB   sing N N 87  
GLU CA  HA   sing N N 88  
GLU C   O    doub N N 89  
GLU C   OXT  sing N N 90  
GLU CB  CG   sing N N 91  
GLU CB  HB2  sing N N 92  
GLU CB  HB3  sing N N 93  
GLU CG  CD   sing N N 94  
GLU CG  HG2  sing N N 95  
GLU CG  HG3  sing N N 96  
GLU CD  OE1  doub N N 97  
GLU CD  OE2  sing N N 98  
GLU OE2 HE2  sing N N 99  
GLU OXT HXT  sing N N 100 
GLY N   CA   sing N N 101 
GLY N   H    sing N N 102 
GLY N   H2   sing N N 103 
GLY CA  C    sing N N 104 
GLY CA  HA2  sing N N 105 
GLY CA  HA3  sing N N 106 
GLY C   O    doub N N 107 
GLY C   OXT  sing N N 108 
GLY OXT HXT  sing N N 109 
HOH O   H1   sing N N 110 
HOH O   H2   sing N N 111 
ILE N   CA   sing N N 112 
ILE N   H    sing N N 113 
ILE N   H2   sing N N 114 
ILE CA  C    sing N N 115 
ILE CA  CB   sing N N 116 
ILE CA  HA   sing N N 117 
ILE C   O    doub N N 118 
ILE C   OXT  sing N N 119 
ILE CB  CG1  sing N N 120 
ILE CB  CG2  sing N N 121 
ILE CB  HB   sing N N 122 
ILE CG1 CD1  sing N N 123 
ILE CG1 HG12 sing N N 124 
ILE CG1 HG13 sing N N 125 
ILE CG2 HG21 sing N N 126 
ILE CG2 HG22 sing N N 127 
ILE CG2 HG23 sing N N 128 
ILE CD1 HD11 sing N N 129 
ILE CD1 HD12 sing N N 130 
ILE CD1 HD13 sing N N 131 
ILE OXT HXT  sing N N 132 
LEU N   CA   sing N N 133 
LEU N   H    sing N N 134 
LEU N   H2   sing N N 135 
LEU CA  C    sing N N 136 
LEU CA  CB   sing N N 137 
LEU CA  HA   sing N N 138 
LEU C   O    doub N N 139 
LEU C   OXT  sing N N 140 
LEU CB  CG   sing N N 141 
LEU CB  HB2  sing N N 142 
LEU CB  HB3  sing N N 143 
LEU CG  CD1  sing N N 144 
LEU CG  CD2  sing N N 145 
LEU CG  HG   sing N N 146 
LEU CD1 HD11 sing N N 147 
LEU CD1 HD12 sing N N 148 
LEU CD1 HD13 sing N N 149 
LEU CD2 HD21 sing N N 150 
LEU CD2 HD22 sing N N 151 
LEU CD2 HD23 sing N N 152 
LEU OXT HXT  sing N N 153 
LYS N   CA   sing N N 154 
LYS N   H    sing N N 155 
LYS N   H2   sing N N 156 
LYS CA  C    sing N N 157 
LYS CA  CB   sing N N 158 
LYS CA  HA   sing N N 159 
LYS C   O    doub N N 160 
LYS C   OXT  sing N N 161 
LYS CB  CG   sing N N 162 
LYS CB  HB2  sing N N 163 
LYS CB  HB3  sing N N 164 
LYS CG  CD   sing N N 165 
LYS CG  HG2  sing N N 166 
LYS CG  HG3  sing N N 167 
LYS CD  CE   sing N N 168 
LYS CD  HD2  sing N N 169 
LYS CD  HD3  sing N N 170 
LYS CE  NZ   sing N N 171 
LYS CE  HE2  sing N N 172 
LYS CE  HE3  sing N N 173 
LYS NZ  HZ1  sing N N 174 
LYS NZ  HZ2  sing N N 175 
LYS NZ  HZ3  sing N N 176 
LYS OXT HXT  sing N N 177 
PHE N   CA   sing N N 178 
PHE N   H    sing N N 179 
PHE N   H2   sing N N 180 
PHE CA  C    sing N N 181 
PHE CA  CB   sing N N 182 
PHE CA  HA   sing N N 183 
PHE C   O    doub N N 184 
PHE C   OXT  sing N N 185 
PHE CB  CG   sing N N 186 
PHE CB  HB2  sing N N 187 
PHE CB  HB3  sing N N 188 
PHE CG  CD1  doub Y N 189 
PHE CG  CD2  sing Y N 190 
PHE CD1 CE1  sing Y N 191 
PHE CD1 HD1  sing N N 192 
PHE CD2 CE2  doub Y N 193 
PHE CD2 HD2  sing N N 194 
PHE CE1 CZ   doub Y N 195 
PHE CE1 HE1  sing N N 196 
PHE CE2 CZ   sing Y N 197 
PHE CE2 HE2  sing N N 198 
PHE CZ  HZ   sing N N 199 
PHE OXT HXT  sing N N 200 
PRO N   CA   sing N N 201 
PRO N   CD   sing N N 202 
PRO N   H    sing N N 203 
PRO CA  C    sing N N 204 
PRO CA  CB   sing N N 205 
PRO CA  HA   sing N N 206 
PRO C   O    doub N N 207 
PRO C   OXT  sing N N 208 
PRO CB  CG   sing N N 209 
PRO CB  HB2  sing N N 210 
PRO CB  HB3  sing N N 211 
PRO CG  CD   sing N N 212 
PRO CG  HG2  sing N N 213 
PRO CG  HG3  sing N N 214 
PRO CD  HD2  sing N N 215 
PRO CD  HD3  sing N N 216 
PRO OXT HXT  sing N N 217 
SER N   CA   sing N N 218 
SER N   H    sing N N 219 
SER N   H2   sing N N 220 
SER CA  C    sing N N 221 
SER CA  CB   sing N N 222 
SER CA  HA   sing N N 223 
SER C   O    doub N N 224 
SER C   OXT  sing N N 225 
SER CB  OG   sing N N 226 
SER CB  HB2  sing N N 227 
SER CB  HB3  sing N N 228 
SER OG  HG   sing N N 229 
SER OXT HXT  sing N N 230 
THR N   CA   sing N N 231 
THR N   H    sing N N 232 
THR N   H2   sing N N 233 
THR CA  C    sing N N 234 
THR CA  CB   sing N N 235 
THR CA  HA   sing N N 236 
THR C   O    doub N N 237 
THR C   OXT  sing N N 238 
THR CB  OG1  sing N N 239 
THR CB  CG2  sing N N 240 
THR CB  HB   sing N N 241 
THR OG1 HG1  sing N N 242 
THR CG2 HG21 sing N N 243 
THR CG2 HG22 sing N N 244 
THR CG2 HG23 sing N N 245 
THR OXT HXT  sing N N 246 
TRP N   CA   sing N N 247 
TRP N   H    sing N N 248 
TRP N   H2   sing N N 249 
TRP CA  C    sing N N 250 
TRP CA  CB   sing N N 251 
TRP CA  HA   sing N N 252 
TRP C   O    doub N N 253 
TRP C   OXT  sing N N 254 
TRP CB  CG   sing N N 255 
TRP CB  HB2  sing N N 256 
TRP CB  HB3  sing N N 257 
TRP CG  CD1  doub Y N 258 
TRP CG  CD2  sing Y N 259 
TRP CD1 NE1  sing Y N 260 
TRP CD1 HD1  sing N N 261 
TRP CD2 CE2  doub Y N 262 
TRP CD2 CE3  sing Y N 263 
TRP NE1 CE2  sing Y N 264 
TRP NE1 HE1  sing N N 265 
TRP CE2 CZ2  sing Y N 266 
TRP CE3 CZ3  doub Y N 267 
TRP CE3 HE3  sing N N 268 
TRP CZ2 CH2  doub Y N 269 
TRP CZ2 HZ2  sing N N 270 
TRP CZ3 CH2  sing Y N 271 
TRP CZ3 HZ3  sing N N 272 
TRP CH2 HH2  sing N N 273 
TRP OXT HXT  sing N N 274 
TYR N   CA   sing N N 275 
TYR N   H    sing N N 276 
TYR N   H2   sing N N 277 
TYR CA  C    sing N N 278 
TYR CA  CB   sing N N 279 
TYR CA  HA   sing N N 280 
TYR C   O    doub N N 281 
TYR C   OXT  sing N N 282 
TYR CB  CG   sing N N 283 
TYR CB  HB2  sing N N 284 
TYR CB  HB3  sing N N 285 
TYR CG  CD1  doub Y N 286 
TYR CG  CD2  sing Y N 287 
TYR CD1 CE1  sing Y N 288 
TYR CD1 HD1  sing N N 289 
TYR CD2 CE2  doub Y N 290 
TYR CD2 HD2  sing N N 291 
TYR CE1 CZ   doub Y N 292 
TYR CE1 HE1  sing N N 293 
TYR CE2 CZ   sing Y N 294 
TYR CE2 HE2  sing N N 295 
TYR CZ  OH   sing N N 296 
TYR OH  HH   sing N N 297 
TYR OXT HXT  sing N N 298 
VAL N   CA   sing N N 299 
VAL N   H    sing N N 300 
VAL N   H2   sing N N 301 
VAL CA  C    sing N N 302 
VAL CA  CB   sing N N 303 
VAL CA  HA   sing N N 304 
VAL C   O    doub N N 305 
VAL C   OXT  sing N N 306 
VAL CB  CG1  sing N N 307 
VAL CB  CG2  sing N N 308 
VAL CB  HB   sing N N 309 
VAL CG1 HG11 sing N N 310 
VAL CG1 HG12 sing N N 311 
VAL CG1 HG13 sing N N 312 
VAL CG2 HG21 sing N N 313 
VAL CG2 HG22 sing N N 314 
VAL CG2 HG23 sing N N 315 
VAL OXT HXT  sing N N 316 
# 
_atom_sites.entry_id                    1YK4 
_atom_sites.fract_transf_matrix[1][1]   -0.00839937 
_atom_sites.fract_transf_matrix[1][2]   -0.03804608 
_atom_sites.fract_transf_matrix[1][3]   0.00797993 
_atom_sites.fract_transf_matrix[2][1]   0.00758640 
_atom_sites.fract_transf_matrix[2][2]   0.00334249 
_atom_sites.fract_transf_matrix[2][3]   0.02392122 
_atom_sites.fract_transf_matrix[3][1]   -0.02064416 
_atom_sites.fract_transf_matrix[3][2]   0.00576192 
_atom_sites.fract_transf_matrix[3][3]   0.00574200 
_atom_sites.fract_transf_vector[1]      0.019834 
_atom_sites.fract_transf_vector[2]      0.320038 
_atom_sites.fract_transf_vector[3]      0.164920 
# 
loop_
_atom_type.symbol 
C  
FE 
H  
N  
O  
S  
# 
loop_
_atom_site.group_PDB 
_atom_site.id 
_atom_site.type_symbol 
_atom_site.label_atom_id 
_atom_site.label_alt_id 
_atom_site.label_comp_id 
_atom_site.label_asym_id 
_atom_site.label_entity_id 
_atom_site.label_seq_id 
_atom_site.pdbx_PDB_ins_code 
_atom_site.Cartn_x 
_atom_site.Cartn_y 
_atom_site.Cartn_z 
_atom_site.occupancy 
_atom_site.B_iso_or_equiv 
_atom_site.pdbx_formal_charge 
_atom_site.auth_seq_id 
_atom_site.auth_comp_id 
_atom_site.auth_asym_id 
_atom_site.auth_atom_id 
_atom_site.pdbx_PDB_model_num 
ATOM   1    N  N    . ALA A 1 1  ? 1.164   9.351   5.680   1.00 4.57  ? 2   ALA A N    1 
ATOM   2    C  CA   . ALA A 1 1  ? 2.081   8.337   6.292   1.00 5.66  ? 2   ALA A CA   1 
ATOM   3    C  C    . ALA A 1 1  ? 2.564   7.398   5.178   1.00 3.79  ? 2   ALA A C    1 
ATOM   4    O  O    . ALA A 1 1  ? 1.960   7.335   4.109   1.00 4.28  ? 2   ALA A O    1 
ATOM   5    C  CB   . ALA A 1 1  ? 1.358   7.600   7.368   1.00 11.24 ? 2   ALA A CB   1 
ATOM   6    H  H1   . ALA A 1 1  ? 0.322   9.007   5.628   1.00 6.86  ? 2   ALA A H1   1 
ATOM   7    H  H2   . ALA A 1 1  ? 1.457   9.560   4.844   1.00 6.86  ? 2   ALA A H2   1 
ATOM   8    H  H3   . ALA A 1 1  ? 1.153   10.101  6.194   1.00 6.86  ? 2   ALA A H3   1 
ATOM   9    H  HA   . ALA A 1 1  ? 2.869   8.807   6.690   1.00 6.79  ? 2   ALA A HA   1 
ATOM   10   H  HB1  . ALA A 1 1  ? 0.811   8.228   7.883   1.00 16.87 ? 2   ALA A HB1  1 
ATOM   11   H  HB2  . ALA A 1 1  ? 2.008   7.170   7.962   1.00 16.87 ? 2   ALA A HB2  1 
ATOM   12   H  HB3  . ALA A 1 1  ? 0.782   6.918   6.965   1.00 16.87 ? 2   ALA A HB3  1 
ATOM   13   N  N    . LYS A 1 2  ? 3.634   6.675   5.498   1.00 3.98  ? 3   LYS A N    1 
ATOM   14   C  CA   A LYS A 1 2  ? 4.285   5.756   4.617   0.78 3.68  ? 3   LYS A CA   1 
ATOM   15   C  CA   B LYS A 1 2  ? 4.228   5.718   4.569   0.22 3.63  ? 3   LYS A CA   1 
ATOM   16   C  C    . LYS A 1 2  ? 4.369   4.361   5.232   1.00 3.68  ? 3   LYS A C    1 
ATOM   17   O  O    . LYS A 1 2  ? 4.646   4.259   6.435   1.00 4.96  ? 3   LYS A O    1 
ATOM   18   C  CB   A LYS A 1 2  ? 5.685   6.216   4.164   0.78 4.08  ? 3   LYS A CB   1 
ATOM   19   C  CB   B LYS A 1 2  ? 5.605   6.091   4.046   0.22 9.76  ? 3   LYS A CB   1 
ATOM   20   C  CG   A LYS A 1 2  ? 5.661   7.642   3.566   0.78 4.94  ? 3   LYS A CG   1 
ATOM   21   C  CG   B LYS A 1 2  ? 5.912   7.525   3.701   0.22 7.82  ? 3   LYS A CG   1 
ATOM   22   C  CD   A LYS A 1 2  ? 7.036   8.087   3.017   0.78 6.74  ? 3   LYS A CD   1 
ATOM   23   C  CD   B LYS A 1 2  ? 7.430   7.648   3.492   0.22 5.05  ? 3   LYS A CD   1 
ATOM   24   C  CE   A LYS A 1 2  ? 7.011   9.562   2.603   0.78 6.09  ? 3   LYS A CE   1 
ATOM   25   C  CE   B LYS A 1 2  ? 7.709   9.127   3.233   0.22 5.07  ? 3   LYS A CE   1 
ATOM   26   N  NZ   A LYS A 1 2  ? 8.216   9.956   1.840   0.78 7.58  ? 3   LYS A NZ   1 
ATOM   27   N  NZ   B LYS A 1 2  ? 7.628   9.977   4.431   0.22 4.46  ? 3   LYS A NZ   1 
ATOM   28   H  H    . LYS A 1 2  ? 3.965   6.769   6.308   1.00 4.78  ? 3   LYS A H    1 
ATOM   29   H  HA   A LYS A 1 2  ? 3.719   5.682   3.795   0.78 4.42  ? 3   LYS A HA   1 
ATOM   30   H  HA   B LYS A 1 2  ? 3.593   5.586   3.634   0.22 4.36  ? 3   LYS A HA   1 
ATOM   31   H  HB2  A LYS A 1 2  ? 6.300   6.199   4.940   0.78 4.90  ? 3   LYS A HB2  1 
ATOM   32   H  HB2  B LYS A 1 2  ? 6.197   5.836   4.797   0.22 11.71 ? 3   LYS A HB2  1 
ATOM   33   H  HB3  A LYS A 1 2  ? 6.033   5.584   3.486   0.78 4.90  ? 3   LYS A HB3  1 
ATOM   34   H  HB3  B LYS A 1 2  ? 5.870   5.538   3.269   0.22 11.71 ? 3   LYS A HB3  1 
ATOM   35   H  HG2  A LYS A 1 2  ? 4.995   7.673   2.834   0.78 5.92  ? 3   LYS A HG2  1 
ATOM   36   H  HG2  B LYS A 1 2  ? 5.433   7.786   2.875   0.22 9.39  ? 3   LYS A HG2  1 
ATOM   37   H  HG3  A LYS A 1 2  ? 5.371   8.280   4.265   0.78 5.92  ? 3   LYS A HG3  1 
ATOM   38   H  HG3  B LYS A 1 2  ? 5.620   8.122   4.435   0.22 9.39  ? 3   LYS A HG3  1 
ATOM   39   H  HD2  A LYS A 1 2  ? 7.728   7.951   3.712   0.78 8.08  ? 3   LYS A HD2  1 
ATOM   40   H  HD2  B LYS A 1 2  ? 7.917   7.339   4.297   0.22 6.06  ? 3   LYS A HD2  1 
ATOM   41   H  HD3  A LYS A 1 2  ? 7.274   7.528   2.234   0.78 8.08  ? 3   LYS A HD3  1 
ATOM   42   H  HD3  B LYS A 1 2  ? 7.719   7.100   2.719   0.22 6.06  ? 3   LYS A HD3  1 
ATOM   43   H  HE2  A LYS A 1 2  ? 6.208   9.729   2.049   0.78 7.31  ? 3   LYS A HE2  1 
ATOM   44   H  HE2  B LYS A 1 2  ? 8.614   9.217   2.842   0.22 6.09  ? 3   LYS A HE2  1 
ATOM   45   H  HE3  A LYS A 1 2  ? 6.942   10.125  3.414   0.78 7.31  ? 3   LYS A HE3  1 
ATOM   46   H  HE3  B LYS A 1 2  ? 7.059   9.460   2.564   0.22 6.09  ? 3   LYS A HE3  1 
ATOM   47   H  HZ1  A LYS A 1 2  ? 8.156   10.834  1.610   0.78 11.36 ? 3   LYS A HZ1  1 
ATOM   48   H  HZ1  B LYS A 1 2  ? 7.770   10.844  4.197   0.22 6.69  ? 3   LYS A HZ1  1 
ATOM   49   H  HZ2  A LYS A 1 2  ? 8.278   9.448   1.087   0.78 11.36 ? 3   LYS A HZ2  1 
ATOM   50   H  HZ2  B LYS A 1 2  ? 8.261   9.717   5.031   0.22 6.69  ? 3   LYS A HZ2  1 
ATOM   51   H  HZ3  A LYS A 1 2  ? 8.956   9.827   2.353   0.78 11.36 ? 3   LYS A HZ3  1 
ATOM   52   H  HZ3  B LYS A 1 2  ? 6.803   9.894   4.806   0.22 6.69  ? 3   LYS A HZ3  1 
ATOM   53   N  N    . LEU A 1 3  ? 4.195   3.322   4.404   1.00 3.20  ? 4   LEU A N    1 
ATOM   54   C  CA   . LEU A 1 3  ? 4.240   1.943   4.872   1.00 3.16  ? 4   LEU A CA   1 
ATOM   55   C  C    . LEU A 1 3  ? 5.091   1.113   3.910   1.00 3.51  ? 4   LEU A C    1 
ATOM   56   O  O    . LEU A 1 3  ? 4.902   1.146   2.699   1.00 5.55  ? 4   LEU A O    1 
ATOM   57   C  CB   . LEU A 1 3  ? 2.851   1.305   4.969   1.00 3.58  ? 4   LEU A CB   1 
ATOM   58   C  CG   . LEU A 1 3  ? 1.877   2.097   5.874   1.00 4.40  ? 4   LEU A CG   1 
ATOM   59   C  CD1  . LEU A 1 3  ? 1.033   3.127   5.097   1.00 4.92  ? 4   LEU A CD1  1 
ATOM   60   C  CD2  . LEU A 1 3  ? 0.943   1.127   6.601   1.00 5.98  ? 4   LEU A CD2  1 
ATOM   61   H  H    . LEU A 1 3  ? 4.049   3.479   3.550   1.00 3.83  ? 4   LEU A H    1 
ATOM   62   H  HA   . LEU A 1 3  ? 4.667   1.924   5.776   1.00 3.79  ? 4   LEU A HA   1 
ATOM   63   H  HB2  . LEU A 1 3  ? 2.464   1.239   4.061   1.00 4.30  ? 4   LEU A HB2  1 
ATOM   64   H  HB3  . LEU A 1 3  ? 2.945   0.386   5.325   1.00 4.30  ? 4   LEU A HB3  1 
ATOM   65   H  HG   . LEU A 1 3  ? 2.415   2.587   6.560   1.00 5.29  ? 4   LEU A HG   1 
ATOM   66   H  HD11 . LEU A 1 3  ? 0.388   2.657   4.528   1.00 7.39  ? 4   LEU A HD11 1 
ATOM   67   H  HD12 . LEU A 1 3  ? 1.623   3.676   4.538   1.00 7.39  ? 4   LEU A HD12 1 
ATOM   68   H  HD13 . LEU A 1 3  ? 0.554   3.701   5.730   1.00 7.39  ? 4   LEU A HD13 1 
ATOM   69   H  HD21 . LEU A 1 3  ? 0.318   1.632   7.163   1.00 8.96  ? 4   LEU A HD21 1 
ATOM   70   H  HD22 . LEU A 1 3  ? 1.472   0.523   7.164   1.00 8.96  ? 4   LEU A HD22 1 
ATOM   71   H  HD23 . LEU A 1 3  ? 0.440   0.602   5.943   1.00 8.96  ? 4   LEU A HD23 1 
ATOM   72   N  N    . SER A 1 4  ? 6.007   0.324   4.471   1.00 3.51  ? 5   SER A N    1 
ATOM   73   C  CA   . SER A 1 4  ? 6.827   -0.573  3.663   1.00 3.51  ? 5   SER A CA   1 
ATOM   74   C  C    . SER A 1 4  ? 6.153   -1.920  3.475   1.00 3.46  ? 5   SER A C    1 
ATOM   75   O  O    . SER A 1 4  ? 5.655   -2.521  4.435   1.00 4.43  ? 5   SER A O    1 
ATOM   76   C  CB   A SER A 1 4  ? 8.159   -0.782  4.426   0.61 5.06  ? 5   SER A CB   1 
ATOM   77   C  CB   B SER A 1 4  ? 8.181   -0.859  4.313   0.13 5.04  ? 5   SER A CB   1 
ATOM   78   C  CB   C SER A 1 4  ? 8.218   -0.733  4.286   0.26 6.04  ? 5   SER A CB   1 
ATOM   79   O  OG   A SER A 1 4  ? 8.960   -1.787  3.868   0.61 8.24  ? 5   SER A OG   1 
ATOM   80   O  OG   B SER A 1 4  ? 9.133   0.058   3.874   0.13 7.39  ? 5   SER A OG   1 
ATOM   81   O  OG   C SER A 1 4  ? 8.165   -1.172  5.612   0.26 13.68 ? 5   SER A OG   1 
ATOM   82   H  H    . SER A 1 4  ? 6.120   0.345   5.344   1.00 4.21  ? 5   SER A H    1 
ATOM   83   H  HA   A SER A 1 4  ? 7.008   -0.157  2.771   1.00 4.21  ? 5   SER A HA   1 
ATOM   84   H  HB2  A SER A 1 4  ? 8.665   0.069   4.428   0.61 6.08  ? 5   SER A HB2  1 
ATOM   85   H  HB2  B SER A 1 4  ? 8.096   -0.802  5.298   0.13 6.05  ? 5   SER A HB2  1 
ATOM   86   H  HB2  C SER A 1 4  ? 8.740   -1.382  3.751   0.26 7.24  ? 5   SER A HB2  1 
ATOM   87   H  HB3  A SER A 1 4  ? 7.957   -1.016  5.366   0.61 6.08  ? 5   SER A HB3  1 
ATOM   88   H  HB3  B SER A 1 4  ? 8.474   -1.777  4.083   0.13 6.05  ? 5   SER A HB3  1 
ATOM   89   H  HB3  C SER A 1 4  ? 8.689   0.137   4.252   0.26 7.24  ? 5   SER A HB3  1 
ATOM   90   H  HG   A SER A 1 4  ? 9.126   -1.600  3.066   0.61 12.36 ? 5   SER A HG   1 
ATOM   91   H  HG   B SER A 1 4  ? 9.265   -0.049  3.051   0.13 11.08 ? 5   SER A HG   1 
ATOM   92   H  HG   C SER A 1 4  ? 7.774   -0.596  6.083   0.26 20.51 ? 5   SER A HG   1 
ATOM   93   N  N    . CYS A 1 5  ? 6.196   -2.435  2.231   1.00 3.33  ? 6   CYS A N    1 
ATOM   94   C  CA   . CYS A 1 5  ? 5.888   -3.846  1.996   1.00 3.21  ? 6   CYS A CA   1 
ATOM   95   C  C    . CYS A 1 5  ? 6.998   -4.677  2.624   1.00 3.51  ? 6   CYS A C    1 
ATOM   96   O  O    . CYS A 1 5  ? 8.192   -4.446  2.347   1.00 4.97  ? 6   CYS A O    1 
ATOM   97   C  CB   . CYS A 1 5  ? 5.868   -4.093  0.473   1.00 3.44  ? 6   CYS A CB   1 
ATOM   98   S  SG   . CYS A 1 5  ? 5.428   -5.841  0.136   1.00 3.35  ? 6   CYS A SG   1 
ATOM   99   H  H    . CYS A 1 5  ? 6.412   -1.917  1.552   1.00 3.99  ? 6   CYS A H    1 
ATOM   100  H  HA   . CYS A 1 5  ? 5.004   -4.082  2.399   1.00 3.85  ? 6   CYS A HA   1 
ATOM   101  H  HB2  . CYS A 1 5  ? 5.208   -3.494  0.045   1.00 4.13  ? 6   CYS A HB2  1 
ATOM   102  H  HB3  . CYS A 1 5  ? 6.760   -3.895  0.090   1.00 4.13  ? 6   CYS A HB3  1 
ATOM   103  N  N    . LYS A 1 6  ? 6.658   -5.660  3.468   1.00 3.74  ? 7   LYS A N    1 
ATOM   104  C  CA   . LYS A 1 6  ? 7.692   -6.446  4.116   1.00 4.65  ? 7   LYS A CA   1 
ATOM   105  C  C    A LYS A 1 6  ? 8.494   -7.313  3.078   0.62 4.37  ? 7   LYS A C    1 
ATOM   106  C  C    B LYS A 1 6  ? 8.473   -7.257  3.188   0.38 5.01  ? 7   LYS A C    1 
ATOM   107  O  O    A LYS A 1 6  ? 9.550   -7.723  3.418   0.62 5.77  ? 7   LYS A O    1 
ATOM   108  O  O    B LYS A 1 6  ? 9.688   -7.575  3.417   0.38 8.69  ? 7   LYS A O    1 
ATOM   109  C  CB   . LYS A 1 6  ? 7.109   -7.322  5.220   1.00 6.80  ? 7   LYS A CB   1 
ATOM   110  C  CG   . LYS A 1 6  ? 6.555   -6.583  6.394   1.00 14.42 ? 7   LYS A CG   1 
ATOM   111  C  CD   . LYS A 1 6  ? 5.864   -7.406  7.485   1.00 23.79 ? 7   LYS A CD   1 
ATOM   112  C  CE   . LYS A 1 6  ? 5.003   -6.410  8.309   0.00 0.00  ? 7   LYS A CE   1 
ATOM   113  N  NZ   . LYS A 1 6  ? 4.851   -5.145  7.453   0.00 0.00  ? 7   LYS A NZ   1 
ATOM   114  H  H    . LYS A 1 6  ? 5.810   -5.829  3.630   1.00 4.49  ? 7   LYS A H    1 
ATOM   115  H  HA   A LYS A 1 6  ? 8.335   -5.809  4.540   1.00 5.58  ? 7   LYS A HA   1 
ATOM   116  H  HB2  . LYS A 1 6  ? 6.388   -7.878  4.831   1.00 8.16  ? 7   LYS A HB2  1 
ATOM   117  H  HB3  . LYS A 1 6  ? 7.817   -7.935  5.540   1.00 8.16  ? 7   LYS A HB3  1 
ATOM   118  H  HG2  . LYS A 1 6  ? 7.297   -6.081  6.815   1.00 17.30 ? 7   LYS A HG2  1 
ATOM   119  H  HG3  . LYS A 1 6  ? 5.905   -5.918  6.056   1.00 17.30 ? 7   LYS A HG3  1 
ATOM   120  H  HD2  . LYS A 1 6  ? 5.291   -8.106  7.081   1.00 28.55 ? 7   LYS A HD2  1 
ATOM   121  H  HD3  . LYS A 1 6  ? 6.536   -7.844  8.066   1.00 28.55 ? 7   LYS A HD3  1 
ATOM   122  H  HE2  . LYS A 1 6  ? 4.115   -6.802  8.506   0.00 0.00  ? 7   LYS A HE2  1 
ATOM   123  H  HE3  . LYS A 1 6  ? 5.449   -6.195  9.166   0.00 0.00  ? 7   LYS A HE3  1 
ATOM   124  H  HZ1  . LYS A 1 6  ? 4.913   -4.410  7.986   0.00 0.00  ? 7   LYS A HZ1  1 
ATOM   125  H  HZ2  . LYS A 1 6  ? 4.040   -5.154  7.041   0.00 0.00  ? 7   LYS A HZ2  1 
ATOM   126  H  HZ3  . LYS A 1 6  ? 5.511   -5.122  6.827   0.00 0.00  ? 7   LYS A HZ3  1 
ATOM   127  N  N    A ILE A 1 7  ? 7.845   -7.595  1.946   0.62 3.30  ? 8   ILE A N    1 
ATOM   128  N  N    B ILE A 1 7  ? 7.943   -7.733  2.071   0.38 4.38  ? 8   ILE A N    1 
ATOM   129  C  CA   A ILE A 1 7  ? 8.230   -8.692  1.053   0.62 3.21  ? 8   ILE A CA   1 
ATOM   130  C  CA   B ILE A 1 7  ? 8.711   -8.680  1.251   0.38 3.76  ? 8   ILE A CA   1 
ATOM   131  C  C    A ILE A 1 7  ? 8.975   -8.151  -0.186  0.62 3.01  ? 8   ILE A C    1 
ATOM   132  C  C    B ILE A 1 7  ? 9.160   -8.152  -0.101  0.38 3.73  ? 8   ILE A C    1 
ATOM   133  O  O    A ILE A 1 7  ? 9.631   -8.958  -0.891  0.62 3.19  ? 8   ILE A O    1 
ATOM   134  O  O    B ILE A 1 7  ? 9.561   -8.940  -0.986  0.38 5.90  ? 8   ILE A O    1 
ATOM   135  C  CB   A ILE A 1 7  ? 6.974   -9.560  0.675   0.62 3.93  ? 8   ILE A CB   1 
ATOM   136  C  CB   B ILE A 1 7  ? 7.942   -9.992  1.178   0.38 4.38  ? 8   ILE A CB   1 
ATOM   137  C  CG1  A ILE A 1 7  ? 6.121   -9.917  1.887   0.62 5.61  ? 8   ILE A CG1  1 
ATOM   138  C  CG1  B ILE A 1 7  ? 6.521   -9.762  0.626   0.38 4.01  ? 8   ILE A CG1  1 
ATOM   139  C  CG2  A ILE A 1 7  ? 7.383   -10.807 -0.067  0.62 6.20  ? 8   ILE A CG2  1 
ATOM   140  C  CG2  B ILE A 1 7  ? 7.928   -10.683 2.533   0.38 5.59  ? 8   ILE A CG2  1 
ATOM   141  C  CD1  A ILE A 1 7  ? 6.808   -10.654 2.995   0.62 8.47  ? 8   ILE A CD1  1 
ATOM   142  C  CD1  B ILE A 1 7  ? 5.826   -11.083 0.261   0.38 4.72  ? 8   ILE A CD1  1 
ATOM   143  H  H    A ILE A 1 7  ? 7.153   -7.099  1.726   0.62 3.96  ? 8   ILE A H    1 
ATOM   144  H  H    B ILE A 1 7  ? 7.138   -7.483  1.821   0.38 5.26  ? 8   ILE A H    1 
ATOM   145  H  HA   A ILE A 1 7  ? 8.865   -9.280  1.554   0.62 3.85  ? 8   ILE A HA   1 
ATOM   146  H  HA   B ILE A 1 7  ? 9.546   -8.878  1.763   0.38 4.51  ? 8   ILE A HA   1 
ATOM   147  H  HB   A ILE A 1 7  ? 6.407   -9.015  0.058   0.62 4.71  ? 8   ILE A HB   1 
ATOM   148  H  HB   B ILE A 1 7  ? 8.423   -10.591 0.538   0.38 5.25  ? 8   ILE A HB   1 
ATOM   149  H  HG12 A ILE A 1 7  ? 5.747   -9.079  2.259   0.62 6.73  ? 8   ILE A HG12 1 
ATOM   150  H  HG12 B ILE A 1 7  ? 5.980   -9.286  1.306   0.38 4.81  ? 8   ILE A HG12 1 
ATOM   151  H  HG13 A ILE A 1 7  ? 5.358   -10.468 1.576   0.62 6.73  ? 8   ILE A HG13 1 
ATOM   152  H  HG13 B ILE A 1 7  ? 6.572   -9.188  -0.178  0.38 4.81  ? 8   ILE A HG13 1 
ATOM   153  H  HG21 A ILE A 1 7  ? 7.935   -10.562 -0.839  0.62 9.30  ? 8   ILE A HG21 1 
ATOM   154  H  HG21 B ILE A 1 7  ? 7.428   -11.523 2.467   0.38 8.38  ? 8   ILE A HG21 1 
ATOM   155  H  HG22 A ILE A 1 7  ? 6.582   -11.280 -0.377  0.62 9.30  ? 8   ILE A HG22 1 
ATOM   156  H  HG22 B ILE A 1 7  ? 7.499   -10.098 3.193   0.38 8.38  ? 8   ILE A HG22 1 
ATOM   157  H  HG23 A ILE A 1 7  ? 7.897   -11.390 0.529   0.62 9.30  ? 8   ILE A HG23 1 
ATOM   158  H  HG23 B ILE A 1 7  ? 8.848   -10.871 2.814   0.38 8.38  ? 8   ILE A HG23 1 
ATOM   159  H  HD11 A ILE A 1 7  ? 6.171   -10.822 3.721   0.62 12.71 ? 8   ILE A HD11 1 
ATOM   160  H  HD11 B ILE A 1 7  ? 4.926   -10.896 -0.078  0.38 7.09  ? 8   ILE A HD11 1 
ATOM   161  H  HD12 A ILE A 1 7  ? 7.553   -10.115 3.333   0.62 12.71 ? 8   ILE A HD12 1 
ATOM   162  H  HD12 B ILE A 1 7  ? 5.764   -11.651 1.057   0.38 7.09  ? 8   ILE A HD12 1 
ATOM   163  H  HD13 A ILE A 1 7  ? 7.149   -11.508 2.656   0.62 12.71 ? 8   ILE A HD13 1 
ATOM   164  H  HD13 B ILE A 1 7  ? 6.345   -11.545 -0.430  0.38 7.09  ? 8   ILE A HD13 1 
ATOM   165  N  N    A CYS A 1 8  ? 8.883   -6.864  -0.443  0.62 2.82  ? 9   CYS A N    1 
ATOM   166  N  N    B CYS A 1 8  ? 9.189   -6.855  -0.376  0.38 2.71  ? 9   CYS A N    1 
ATOM   167  C  CA   . CYS A 1 8  ? 9.712   -6.289  -1.559  1.00 3.21  ? 9   CYS A CA   1 
ATOM   168  C  C    . CYS A 1 8  ? 10.065  -4.832  -1.218  1.00 3.32  ? 9   CYS A C    1 
ATOM   169  O  O    . CYS A 1 8  ? 9.757   -4.340  -0.153  1.00 5.16  ? 9   CYS A O    1 
ATOM   170  C  CB   . CYS A 1 8  ? 8.917   -6.437  -2.866  1.00 3.46  ? 9   CYS A CB   1 
ATOM   171  S  SG   . CYS A 1 8  ? 7.582   -5.199  -3.056  1.00 3.41  ? 9   CYS A SG   1 
ATOM   172  H  H    A CYS A 1 8  ? 8.347   -6.350  0.029   0.62 3.38  ? 9   CYS A H    1 
ATOM   173  H  H    B CYS A 1 8  ? 8.855   -6.304  0.224   0.38 3.25  ? 9   CYS A H    1 
ATOM   174  H  HA   . CYS A 1 8  ? 10.558  -6.816  -1.636  1.00 3.85  ? 9   CYS A HA   1 
ATOM   175  H  HB2  . CYS A 1 8  ? 9.541   -6.354  -3.631  1.00 4.15  ? 9   CYS A HB2  1 
ATOM   176  H  HB3  . CYS A 1 8  ? 8.520   -7.344  -2.898  1.00 4.15  ? 9   CYS A HB3  1 
ATOM   177  N  N    . GLY A 1 9  ? 10.670  -4.135  -2.193  1.00 3.81  ? 10  GLY A N    1 
ATOM   178  C  CA   . GLY A 1 9  ? 11.117  -2.768  -1.943  1.00 4.21  ? 10  GLY A CA   1 
ATOM   179  C  C    . GLY A 1 9  ? 10.032  -1.684  -2.039  1.00 3.29  ? 10  GLY A C    1 
ATOM   180  O  O    . GLY A 1 9  ? 10.341  -0.506  -1.815  1.00 3.82  ? 10  GLY A O    1 
ATOM   181  H  H    . GLY A 1 9  ? 10.797  -4.501  -2.983  1.00 4.57  ? 10  GLY A H    1 
ATOM   182  H  HA2  . GLY A 1 9  ? 11.515  -2.731  -1.037  1.00 5.05  ? 10  GLY A HA2  1 
ATOM   183  H  HA3  . GLY A 1 9  ? 11.832  -2.551  -2.591  1.00 5.05  ? 10  GLY A HA3  1 
ATOM   184  N  N    . TYR A 1 10 ? 8.804   -2.063  -2.338  1.00 3.25  ? 11  TYR A N    1 
ATOM   185  C  CA   . TYR A 1 10 ? 7.740   -1.065  -2.471  1.00 2.98  ? 11  TYR A CA   1 
ATOM   186  C  C    . TYR A 1 10 ? 7.439   -0.379  -1.125  1.00 2.86  ? 11  TYR A C    1 
ATOM   187  O  O    . TYR A 1 10 ? 7.474   -1.013  -0.048  1.00 3.52  ? 11  TYR A O    1 
ATOM   188  C  CB   . TYR A 1 10 ? 6.443   -1.776  -2.981  1.00 3.49  ? 11  TYR A CB   1 
ATOM   189  C  CG   . TYR A 1 10 ? 5.300   -0.811  -3.209  1.00 3.06  ? 11  TYR A CG   1 
ATOM   190  C  CD1  . TYR A 1 10 ? 5.320   0.128   -4.246  1.00 3.37  ? 11  TYR A CD1  1 
ATOM   191  C  CD2  . TYR A 1 10 ? 4.189   -0.830  -2.360  1.00 3.29  ? 11  TYR A CD2  1 
ATOM   192  C  CE1  . TYR A 1 10 ? 4.256   1.015   -4.426  1.00 3.32  ? 11  TYR A CE1  1 
ATOM   193  C  CE2  . TYR A 1 10 ? 3.128   0.052   -2.543  1.00 3.36  ? 11  TYR A CE2  1 
ATOM   194  C  CZ   . TYR A 1 10 ? 3.154   0.976   -3.576  1.00 3.09  ? 11  TYR A CZ   1 
ATOM   195  O  OH   . TYR A 1 10 ? 2.073   1.803   -3.728  1.00 3.84  ? 11  TYR A OH   1 
ATOM   196  H  H    . TYR A 1 10 ? 8.623   -2.916  -2.457  1.00 3.90  ? 11  TYR A H    1 
ATOM   197  H  HA   . TYR A 1 10 ? 8.020   -0.375  -3.137  1.00 3.58  ? 11  TYR A HA   1 
ATOM   198  H  HB2  . TYR A 1 10 ? 6.645   -2.246  -3.830  1.00 4.19  ? 11  TYR A HB2  1 
ATOM   199  H  HB3  . TYR A 1 10 ? 6.165   -2.456  -2.318  1.00 4.19  ? 11  TYR A HB3  1 
ATOM   200  H  HD1  . TYR A 1 10 ? 6.065   0.161   -4.837  1.00 4.04  ? 11  TYR A HD1  1 
ATOM   201  H  HD2  . TYR A 1 10 ? 4.157   -1.458  -1.646  1.00 3.94  ? 11  TYR A HD2  1 
ATOM   202  H  HE1  . TYR A 1 10 ? 4.285   1.650   -5.132  1.00 3.98  ? 11  TYR A HE1  1 
ATOM   203  H  HE2  . TYR A 1 10 ? 2.380   0.020   -1.957  1.00 4.04  ? 11  TYR A HE2  1 
ATOM   204  H  HH   . TYR A 1 10 ? 2.319   2.522   -4.088  1.00 5.76  ? 11  TYR A HH   1 
ATOM   205  N  N    . ILE A 1 11 ? 7.072   0.899   -1.249  1.00 2.71  ? 12  ILE A N    1 
ATOM   206  C  CA   . ILE A 1 11 ? 6.605   1.742   -0.159  1.00 2.88  ? 12  ILE A CA   1 
ATOM   207  C  C    . ILE A 1 11 ? 5.281   2.369   -0.612  1.00 2.75  ? 12  ILE A C    1 
ATOM   208  O  O    . ILE A 1 11 ? 5.246   3.036   -1.662  1.00 3.38  ? 12  ILE A O    1 
ATOM   209  C  CB   . ILE A 1 11 ? 7.631   2.860   0.150   1.00 3.75  ? 12  ILE A CB   1 
ATOM   210  C  CG1  . ILE A 1 11 ? 8.983   2.273   0.554   1.00 5.66  ? 12  ILE A CG1  1 
ATOM   211  C  CG2  . ILE A 1 11 ? 7.081   3.811   1.223   1.00 5.23  ? 12  ILE A CG2  1 
ATOM   212  C  CD1  . ILE A 1 11 ? 10.128  3.246   0.503   1.00 12.34 ? 12  ILE A CD1  1 
ATOM   213  H  H    . ILE A 1 11 ? 7.116   1.258   -2.052  1.00 3.25  ? 12  ILE A H    1 
ATOM   214  H  HA   . ILE A 1 11 ? 6.453   1.186   0.658   1.00 3.46  ? 12  ILE A HA   1 
ATOM   215  H  HB   . ILE A 1 11 ? 7.767   3.391   -0.687  1.00 4.50  ? 12  ILE A HB   1 
ATOM   216  H  HG12 . ILE A 1 11 ? 8.911   1.919   1.476   1.00 6.79  ? 12  ILE A HG12 1 
ATOM   217  H  HG13 . ILE A 1 11 ? 9.189   1.511   -0.043  1.00 6.79  ? 12  ILE A HG13 1 
ATOM   218  H  HG21 . ILE A 1 11 ? 6.774   3.290   1.995   1.00 7.85  ? 12  ILE A HG21 1 
ATOM   219  H  HG22 . ILE A 1 11 ? 6.330   4.320   0.854   1.00 7.85  ? 12  ILE A HG22 1 
ATOM   220  H  HG23 . ILE A 1 11 ? 7.788   4.428   1.507   1.00 7.85  ? 12  ILE A HG23 1 
ATOM   221  H  HD11 . ILE A 1 11 ? 10.330  3.463   -0.432  1.00 18.52 ? 12  ILE A HD11 1 
ATOM   222  H  HD12 . ILE A 1 11 ? 10.917  2.846   0.924   1.00 18.52 ? 12  ILE A HD12 1 
ATOM   223  H  HD13 . ILE A 1 11 ? 9.881   4.065   0.981   1.00 18.52 ? 12  ILE A HD13 1 
ATOM   224  N  N    . TYR A 1 12 ? 4.211   2.133   0.170   1.00 2.87  ? 13  TYR A N    1 
ATOM   225  C  CA   . TYR A 1 12 ? 2.942   2.824   -0.048  1.00 2.86  ? 13  TYR A CA   1 
ATOM   226  C  C    . TYR A 1 12 ? 2.979   4.155   0.713   1.00 2.80  ? 13  TYR A C    1 
ATOM   227  O  O    . TYR A 1 12 ? 3.027   4.174   1.953   1.00 3.48  ? 13  TYR A O    1 
ATOM   228  C  CB   . TYR A 1 12 ? 1.743   2.006   0.466   1.00 3.12  ? 13  TYR A CB   1 
ATOM   229  C  CG   . TYR A 1 12 ? 0.436   2.719   0.155   1.00 2.95  ? 13  TYR A CG   1 
ATOM   230  C  CD1  . TYR A 1 12 ? -0.067  2.726   -1.148  1.00 3.23  ? 13  TYR A CD1  1 
ATOM   231  C  CD2  . TYR A 1 12 ? -0.260  3.441   1.135   1.00 3.11  ? 13  TYR A CD2  1 
ATOM   232  C  CE1  . TYR A 1 12 ? -1.208  3.448   -1.483  1.00 3.32  ? 13  TYR A CE1  1 
ATOM   233  C  CE2  . TYR A 1 12 ? -1.406  4.168   0.814   1.00 3.11  ? 13  TYR A CE2  1 
ATOM   234  C  CZ   . TYR A 1 12 ? -1.870  4.191   -0.512  1.00 3.09  ? 13  TYR A CZ   1 
ATOM   235  O  OH   . TYR A 1 12 ? -2.957  4.925   -0.903  1.00 3.70  ? 13  TYR A OH   1 
ATOM   236  H  H    . TYR A 1 12 ? 4.277   1.550   0.826   1.00 3.44  ? 13  TYR A H    1 
ATOM   237  H  HA   . TYR A 1 12 ? 2.826   3.003   -1.025  1.00 3.43  ? 13  TYR A HA   1 
ATOM   238  H  HB2  . TYR A 1 12 ? 1.743   1.114   0.039   1.00 3.75  ? 13  TYR A HB2  1 
ATOM   239  H  HB3  . TYR A 1 12 ? 1.825   1.879   1.444   1.00 3.75  ? 13  TYR A HB3  1 
ATOM   240  H  HD1  . TYR A 1 12 ? 0.381   2.226   -1.821  1.00 3.87  ? 13  TYR A HD1  1 
ATOM   241  H  HD2  . TYR A 1 12 ? 0.054   3.434   2.031   1.00 3.73  ? 13  TYR A HD2  1 
ATOM   242  H  HE1  . TYR A 1 12 ? -1.535  3.432   -2.375  1.00 3.98  ? 13  TYR A HE1  1 
ATOM   243  H  HE2  . TYR A 1 12 ? -1.871  4.646   1.489   1.00 3.73  ? 13  TYR A HE2  1 
ATOM   244  H  HH   . TYR A 1 12 ? -3.211  5.409   -0.267  1.00 5.55  ? 13  TYR A HH   1 
ATOM   245  N  N    . ASP A 1 13 ? 2.973   5.259   -0.041  1.00 3.11  ? 14  ASP A N    1 
ATOM   246  C  CA   . ASP A 1 13 ? 2.900   6.587   0.560   1.00 3.32  ? 14  ASP A CA   1 
ATOM   247  C  C    . ASP A 1 13 ? 1.465   7.074   0.348   1.00 3.16  ? 14  ASP A C    1 
ATOM   248  O  O    . ASP A 1 13 ? 1.003   7.149   -0.815  1.00 3.45  ? 14  ASP A O    1 
ATOM   249  C  CB   . ASP A 1 13 ? 3.931   7.506   -0.133  1.00 4.02  ? 14  ASP A CB   1 
ATOM   250  C  CG   . ASP A 1 13 ? 3.925   8.951   0.384   1.00 4.95  ? 14  ASP A CG   1 
ATOM   251  O  OD1  . ASP A 1 13 ? 2.994   9.310   1.132   1.00 4.85  ? 14  ASP A OD1  1 
ATOM   252  O  OD2  . ASP A 1 13 ? 4.794   9.726   -0.044  1.00 8.97  ? 14  ASP A OD2  1 
ATOM   253  H  H    . ASP A 1 13 ? 3.012   5.183   -0.916  1.00 3.73  ? 14  ASP A H    1 
ATOM   254  H  HA   . ASP A 1 13 ? 3.099   6.530   1.538   1.00 3.99  ? 14  ASP A HA   1 
ATOM   255  H  HB2  . ASP A 1 13 ? 4.836   7.125   -0.002  1.00 4.83  ? 14  ASP A HB2  1 
ATOM   256  H  HB3  . ASP A 1 13 ? 3.747   7.516   -1.105  1.00 4.83  ? 14  ASP A HB3  1 
ATOM   257  N  N    . GLU A 1 14 ? 0.740   7.359   1.433   1.00 3.22  ? 15  GLU A N    1 
ATOM   258  C  CA   . GLU A 1 14 ? -0.635  7.832   1.307   1.00 3.35  ? 15  GLU A CA   1 
ATOM   259  C  C    . GLU A 1 14 ? -0.753  9.053   0.398   1.00 3.77  ? 15  GLU A C    1 
ATOM   260  O  O    . GLU A 1 14 ? -1.782  9.239   -0.270  1.00 4.71  ? 15  GLU A O    1 
ATOM   261  C  CB   . GLU A 1 14 ? -1.208  8.143   2.714   1.00 3.64  ? 15  GLU A CB   1 
ATOM   262  C  CG   . GLU A 1 14 ? -1.314  6.882   3.566   1.00 3.80  ? 15  GLU A CG   1 
ATOM   263  C  CD   . GLU A 1 14 ? -1.756  7.117   5.014   1.00 4.35  ? 15  GLU A CD   1 
ATOM   264  O  OE1  . GLU A 1 14 ? -1.437  8.219   5.567   1.00 5.55  ? 15  GLU A OE1  1 
ATOM   265  O  OE2  . GLU A 1 14 ? -2.401  6.225   5.595   1.00 5.79  ? 15  GLU A OE2  1 
ATOM   266  H  H    . GLU A 1 14 ? 1.096   7.262   2.233   1.00 3.87  ? 15  GLU A H    1 
ATOM   267  H  HA   . GLU A 1 14 ? -1.179  7.094   0.907   1.00 4.02  ? 15  GLU A HA   1 
ATOM   268  H  HB2  . GLU A 1 14 ? -0.621  8.797   3.169   1.00 4.37  ? 15  GLU A HB2  1 
ATOM   269  H  HB3  . GLU A 1 14 ? -2.105  8.551   2.619   1.00 4.37  ? 15  GLU A HB3  1 
ATOM   270  H  HG2  . GLU A 1 14 ? -1.958  6.265   3.136   1.00 4.56  ? 15  GLU A HG2  1 
ATOM   271  H  HG3  . GLU A 1 14 ? -0.432  6.433   3.576   1.00 4.56  ? 15  GLU A HG3  1 
ATOM   272  N  N    . ASP A 1 15 ? 0.280   9.918   0.366   1.00 3.75  ? 16  ASP A N    1 
ATOM   273  C  CA   . ASP A 1 15 ? 0.263   11.081  -0.511  1.00 4.33  ? 16  ASP A CA   1 
ATOM   274  C  C    . ASP A 1 15 ? 0.482   10.751  -1.996  1.00 4.48  ? 16  ASP A C    1 
ATOM   275  O  O    . ASP A 1 15 ? 0.234   11.609  -2.865  1.00 6.86  ? 16  ASP A O    1 
ATOM   276  C  CB   . ASP A 1 15 ? 1.288   12.147  -0.013  1.00 5.14  ? 16  ASP A CB   1 
ATOM   277  C  CG   . ASP A 1 15 ? 0.770   12.850  1.259   1.00 5.80  ? 16  ASP A CG   1 
ATOM   278  O  OD1  . ASP A 1 15 ? 1.140   12.514  2.368   1.00 8.89  ? 16  ASP A OD1  1 
ATOM   279  O  OD2  . ASP A 1 15 ? -0.073  13.796  1.064   1.00 7.75  ? 16  ASP A OD2  1 
ATOM   280  H  H    . ASP A 1 15 ? 0.978   9.776   0.884   1.00 4.50  ? 16  ASP A H    1 
ATOM   281  H  HA   . ASP A 1 15 ? -0.646  11.492  -0.435  1.00 5.20  ? 16  ASP A HA   1 
ATOM   282  H  HB2  . ASP A 1 15 ? 2.153   11.706  0.182   1.00 6.17  ? 16  ASP A HB2  1 
ATOM   283  H  HB3  . ASP A 1 15 ? 1.439   12.819  -0.724  1.00 6.17  ? 16  ASP A HB3  1 
ATOM   284  N  N    . GLU A 1 16 ? 0.972   9.541   -2.291  1.00 3.79  ? 17  GLU A N    1 
ATOM   285  C  CA   . GLU A 1 16 ? 1.095   9.058   -3.665  1.00 3.74  ? 17  GLU A CA   1 
ATOM   286  C  C    . GLU A 1 16 ? -0.105  8.235   -4.145  1.00 3.54  ? 17  GLU A C    1 
ATOM   287  O  O    . GLU A 1 16 ? -0.406  8.226   -5.349  1.00 4.19  ? 17  GLU A O    1 
ATOM   288  C  CB   . GLU A 1 16 ? 2.352   8.170   -3.833  1.00 4.00  ? 17  GLU A CB   1 
ATOM   289  C  CG   . GLU A 1 16 ? 3.655   8.973   -3.697  1.00 5.24  ? 17  GLU A CG   1 
ATOM   290  C  CD   . GLU A 1 16 ? 3.702   10.022  -4.777  1.00 6.96  ? 17  GLU A CD   1 
ATOM   291  O  OE1  . GLU A 1 16 ? 4.019   9.747   -5.856  1.00 8.96  ? 17  GLU A OE1  1 
ATOM   292  O  OE2  . GLU A 1 16 ? 3.442   11.238  -4.483  1.00 8.99  ? 17  GLU A OE2  1 
ATOM   293  H  H    . GLU A 1 16 ? 1.230   9.016   -1.633  1.00 4.55  ? 17  GLU A H    1 
ATOM   294  H  HA   . GLU A 1 16 ? 1.191   9.850   -4.268  1.00 4.48  ? 17  GLU A HA   1 
ATOM   295  H  HB2  . GLU A 1 16 ? 2.339   7.456   -3.148  1.00 4.80  ? 17  GLU A HB2  1 
ATOM   296  H  HB3  . GLU A 1 16 ? 2.328   7.738   -4.723  1.00 4.80  ? 17  GLU A HB3  1 
ATOM   297  H  HG2  . GLU A 1 16 ? 3.694   9.404   -2.807  1.00 6.29  ? 17  GLU A HG2  1 
ATOM   298  H  HG3  . GLU A 1 16 ? 4.434   8.367   -3.782  1.00 6.29  ? 17  GLU A HG3  1 
ATOM   299  N  N    . GLY A 1 17 ? -0.746  7.496   -3.227  1.00 3.30  ? 18  GLY A N    1 
ATOM   300  C  CA   . GLY A 1 17 ? -1.716  6.508   -3.683  1.00 3.20  ? 18  GLY A CA   1 
ATOM   301  C  C    . GLY A 1 17 ? -1.043  5.407   -4.513  1.00 2.99  ? 18  GLY A C    1 
ATOM   302  O  O    . GLY A 1 17 ? 0.160   5.167   -4.419  1.00 3.55  ? 18  GLY A O    1 
ATOM   303  H  H    . GLY A 1 17 ? -0.586  7.605   -2.369  1.00 3.96  ? 18  GLY A H    1 
ATOM   304  H  HA2  . GLY A 1 17 ? -2.163  6.101   -2.899  1.00 3.84  ? 18  GLY A HA2  1 
ATOM   305  H  HA3  . GLY A 1 17 ? -2.408  6.957   -4.232  1.00 3.84  ? 18  GLY A HA3  1 
ATOM   306  N  N    . ASP A 1 18 ? -1.885  4.727   -5.317  1.00 3.22  ? 19  ASP A N    1 
ATOM   307  C  CA   . ASP A 1 18 ? -1.461  3.643   -6.206  1.00 3.30  ? 19  ASP A CA   1 
ATOM   308  C  C    . ASP A 1 18 ? -2.245  3.858   -7.516  1.00 3.25  ? 19  ASP A C    1 
ATOM   309  O  O    . ASP A 1 18 ? -3.159  3.091   -7.869  1.00 3.32  ? 19  ASP A O    1 
ATOM   310  C  CB   . ASP A 1 18 ? -1.714  2.292   -5.556  1.00 3.59  ? 19  ASP A CB   1 
ATOM   311  C  CG   . ASP A 1 18 ? -1.535  1.046   -6.427  1.00 3.43  ? 19  ASP A CG   1 
ATOM   312  O  OD1  . ASP A 1 18 ? -0.796  1.086   -7.435  1.00 3.99  ? 19  ASP A OD1  1 
ATOM   313  O  OD2  . ASP A 1 18 ? -2.167  0.009   -6.062  1.00 4.39  ? 19  ASP A OD2  1 
ATOM   314  H  H    . ASP A 1 18 ? -2.737  4.947   -5.305  1.00 3.86  ? 19  ASP A H    1 
ATOM   315  H  HA   . ASP A 1 18 ? -0.484  3.737   -6.392  1.00 3.96  ? 19  ASP A HA   1 
ATOM   316  H  HB2  . ASP A 1 18 ? -1.109  2.211   -4.777  1.00 4.31  ? 19  ASP A HB2  1 
ATOM   317  H  HB3  . ASP A 1 18 ? -2.641  2.291   -5.208  1.00 4.31  ? 19  ASP A HB3  1 
ATOM   318  N  N    . PRO A 1 19 ? -1.923  4.955   -8.212  1.00 3.72  ? 20  PRO A N    1 
ATOM   319  C  CA   . PRO A 1 19 ? -2.822  5.416   -9.294  1.00 4.42  ? 20  PRO A CA   1 
ATOM   320  C  C    . PRO A 1 19 ? -2.894  4.451   -10.467 1.00 4.36  ? 20  PRO A C    1 
ATOM   321  O  O    . PRO A 1 19 ? -3.945  4.413   -11.148 1.00 5.25  ? 20  PRO A O    1 
ATOM   322  C  CB   A PRO A 1 19 ? -2.180  6.794   -9.661  0.78 6.21  ? 20  PRO A CB   1 
ATOM   323  C  CB   B PRO A 1 19 ? -2.283  6.768   -9.792  0.22 7.32  ? 20  PRO A CB   1 
ATOM   324  C  CG   A PRO A 1 19 ? -0.733  6.659   -9.225  0.78 5.78  ? 20  PRO A CG   1 
ATOM   325  C  CG   B PRO A 1 19 ? -1.485  7.201   -8.601  0.22 6.94  ? 20  PRO A CG   1 
ATOM   326  C  CD   A PRO A 1 19 ? -0.829  5.918   -7.927  0.78 4.26  ? 20  PRO A CD   1 
ATOM   327  C  CD   B PRO A 1 19 ? -0.817  5.937   -8.094  0.22 6.21  ? 20  PRO A CD   1 
ATOM   328  H  HA   A PRO A 1 19 ? -3.739  5.562   -8.926  1.00 5.30  ? 20  PRO A HA   1 
ATOM   329  H  HB2  A PRO A 1 19 ? -2.242  6.965   -10.634 0.78 7.45  ? 20  PRO A HB2  1 
ATOM   330  H  HB2  B PRO A 1 19 ? -1.713  6.661   -10.594 0.22 8.79  ? 20  PRO A HB2  1 
ATOM   331  H  HB3  A PRO A 1 19 ? -2.627  7.533   -9.176  0.78 7.45  ? 20  PRO A HB3  1 
ATOM   332  H  HB3  B PRO A 1 19 ? -3.016  7.402   -9.992  0.22 8.79  ? 20  PRO A HB3  1 
ATOM   333  H  HG2  A PRO A 1 19 ? -0.207  6.147   -9.890  0.78 6.93  ? 20  PRO A HG2  1 
ATOM   334  H  HG2  B PRO A 1 19 ? -0.807  7.875   -8.859  0.22 8.33  ? 20  PRO A HG2  1 
ATOM   335  H  HG3  A PRO A 1 19 ? -0.314  7.548   -9.098  0.78 6.93  ? 20  PRO A HG3  1 
ATOM   336  H  HG3  B PRO A 1 19 ? -2.073  7.588   -7.907  0.22 8.33  ? 20  PRO A HG3  1 
ATOM   337  H  HD2  A PRO A 1 19 ? 0.018   5.451   -7.714  0.78 5.11  ? 20  PRO A HD2  1 
ATOM   338  H  HD2  B PRO A 1 19 ? -0.045  5.682   -8.659  0.22 7.46  ? 20  PRO A HD2  1 
ATOM   339  H  HD3  A PRO A 1 19 ? -1.065  6.524   -7.180  0.78 5.11  ? 20  PRO A HD3  1 
ATOM   340  H  HD3  B PRO A 1 19 ? -0.519  6.035   -7.156  0.22 7.46  ? 20  PRO A HD3  1 
ATOM   341  N  N    . ASP A 1 20 ? -1.828  3.721   -10.764 1.00 4.42  ? 21  ASP A N    1 
ATOM   342  C  CA   . ASP A 1 20 ? -1.883  2.842   -11.926 1.00 4.73  ? 21  ASP A CA   1 
ATOM   343  C  C    . ASP A 1 20 ? -2.920  1.730   -11.747 1.00 4.21  ? 21  ASP A C    1 
ATOM   344  O  O    . ASP A 1 20 ? -3.436  1.172   -12.726 1.00 5.33  ? 21  ASP A O    1 
ATOM   345  C  CB   . ASP A 1 20 ? -0.492  2.198   -12.216 1.00 6.19  ? 21  ASP A CB   1 
ATOM   346  C  CG   . ASP A 1 20 ? -0.283  1.855   -13.729 1.00 7.72  ? 21  ASP A CG   1 
ATOM   347  O  OD1  . ASP A 1 20 ? 0.496   0.886   -13.925 1.00 10.09 ? 21  ASP A OD1  1 
ATOM   348  O  OD2  . ASP A 1 20 ? -0.785  2.648   -14.551 1.00 10.80 ? 21  ASP A OD2  1 
ATOM   349  H  H    . ASP A 1 20 ? -1.101  3.767   -10.270 1.00 5.30  ? 21  ASP A H    1 
ATOM   350  H  HA   . ASP A 1 20 ? -2.145  3.390   -12.720 1.00 5.68  ? 21  ASP A HA   1 
ATOM   351  H  HB2  . ASP A 1 20 ? 0.219   2.821   -11.925 1.00 7.43  ? 21  ASP A HB2  1 
ATOM   352  H  HB3  . ASP A 1 20 ? -0.405  1.368   -11.683 1.00 7.43  ? 21  ASP A HB3  1 
ATOM   353  N  N    . ASN A 1 21 ? -3.235  1.402   -10.483 1.00 3.75  ? 22  ASN A N    1 
ATOM   354  C  CA   . ASN A 1 21 ? -4.194  0.368   -10.149 1.00 3.90  ? 22  ASN A CA   1 
ATOM   355  C  C    . ASN A 1 21 ? -5.516  0.958   -9.599  1.00 4.40  ? 22  ASN A C    1 
ATOM   356  O  O    . ASN A 1 21 ? -6.324  0.238   -9.025  1.00 7.48  ? 22  ASN A O    1 
ATOM   357  C  CB   . ASN A 1 21 ? -3.588  -0.636  -9.168  1.00 4.28  ? 22  ASN A CB   1 
ATOM   358  C  CG   . ASN A 1 21 ? -2.400  -1.335  -9.811  1.00 4.31  ? 22  ASN A CG   1 
ATOM   359  O  OD1  . ASN A 1 21 ? -2.560  -2.152  -10.747 1.00 5.57  ? 22  ASN A OD1  1 
ATOM   360  N  ND2  . ASN A 1 21 ? -1.193  -1.017  -9.337  1.00 4.49  ? 22  ASN A ND2  1 
ATOM   361  H  H    . ASN A 1 21 ? -2.841  1.835   -9.827  1.00 4.50  ? 22  ASN A H    1 
ATOM   362  H  HA   . ASN A 1 21 ? -4.412  -0.126  -10.991 1.00 4.68  ? 22  ASN A HA   1 
ATOM   363  H  HB2  . ASN A 1 21 ? -3.294  -0.164  -8.349  1.00 5.14  ? 22  ASN A HB2  1 
ATOM   364  H  HB3  . ASN A 1 21 ? -4.270  -1.305  -8.911  1.00 5.14  ? 22  ASN A HB3  1 
ATOM   365  H  HD21 . ASN A 1 21 ? -0.473  -1.386  -9.684  1.00 5.39  ? 22  ASN A HD21 1 
ATOM   366  H  HD22 . ASN A 1 21 ? -1.117  -0.439  -8.678  1.00 5.39  ? 22  ASN A HD22 1 
ATOM   367  N  N    . GLY A 1 22 ? -5.742  2.251   -9.782  1.00 4.05  ? 23  GLY A N    1 
ATOM   368  C  CA   . GLY A 1 22 ? -7.029  2.876   -9.470  1.00 4.68  ? 23  GLY A CA   1 
ATOM   369  C  C    . GLY A 1 22 ? -7.207  3.435   -8.063  1.00 4.11  ? 23  GLY A C    1 
ATOM   370  O  O    . GLY A 1 22 ? -8.348  3.669   -7.646  1.00 5.49  ? 23  GLY A O    1 
ATOM   371  H  H    . GLY A 1 22 ? -5.094  2.753   -10.104 1.00 4.86  ? 23  GLY A H    1 
ATOM   372  H  HA2  . GLY A 1 22 ? -7.175  3.612   -10.114 1.00 5.61  ? 23  GLY A HA2  1 
ATOM   373  H  HA3  . GLY A 1 22 ? -7.739  2.205   -9.625  1.00 5.61  ? 23  GLY A HA3  1 
ATOM   374  N  N    . ILE A 1 23 ? -6.101  3.681   -7.351  1.00 3.50  ? 24  ILE A N    1 
ATOM   375  C  CA   . ILE A 1 23 ? -6.135  4.278   -6.011  1.00 3.51  ? 24  ILE A CA   1 
ATOM   376  C  C    . ILE A 1 23 ? -5.561  5.702   -6.119  1.00 3.44  ? 24  ILE A C    1 
ATOM   377  O  O    . ILE A 1 23 ? -4.365  5.895   -6.390  1.00 3.79  ? 24  ILE A O    1 
ATOM   378  C  CB   . ILE A 1 23 ? -5.307  3.456   -5.004  1.00 3.97  ? 24  ILE A CB   1 
ATOM   379  C  CG1  . ILE A 1 23 ? -5.813  2.031   -4.824  1.00 5.15  ? 24  ILE A CG1  1 
ATOM   380  C  CG2  . ILE A 1 23 ? -5.201  4.210   -3.674  1.00 4.63  ? 24  ILE A CG2  1 
ATOM   381  C  CD1  . ILE A 1 23 ? -7.184  1.919   -4.162  1.00 6.54  ? 24  ILE A CD1  1 
ATOM   382  H  H    . ILE A 1 23 ? -5.319  3.476   -7.702  1.00 4.20  ? 24  ILE A H    1 
ATOM   383  H  HA   . ILE A 1 23 ? -7.083  4.327   -5.696  1.00 4.21  ? 24  ILE A HA   1 
ATOM   384  H  HB   . ILE A 1 23 ? -4.381  3.391   -5.374  1.00 4.76  ? 24  ILE A HB   1 
ATOM   385  H  HG12 . ILE A 1 23 ? -5.857  1.597   -5.714  1.00 6.18  ? 24  ILE A HG12 1 
ATOM   386  H  HG13 . ILE A 1 23 ? -5.158  1.530   -4.280  1.00 6.18  ? 24  ILE A HG13 1 
ATOM   387  H  HG21 . ILE A 1 23 ? -6.100  4.434   -3.354  1.00 6.94  ? 24  ILE A HG21 1 
ATOM   388  H  HG22 . ILE A 1 23 ? -4.686  5.033   -3.805  1.00 6.94  ? 24  ILE A HG22 1 
ATOM   389  H  HG23 . ILE A 1 23 ? -4.751  3.644   -3.013  1.00 6.94  ? 24  ILE A HG23 1 
ATOM   390  H  HD11 . ILE A 1 23 ? -7.093  2.061   -3.196  1.00 9.81  ? 24  ILE A HD11 1 
ATOM   391  H  HD12 . ILE A 1 23 ? -7.556  1.027   -4.327  1.00 9.81  ? 24  ILE A HD12 1 
ATOM   392  H  HD13 . ILE A 1 23 ? -7.785  2.597   -4.536  1.00 9.81  ? 24  ILE A HD13 1 
ATOM   393  N  N    . SER A 1 24 ? -6.416  6.699   -5.902  1.00 4.04  ? 25  SER A N    1 
ATOM   394  C  CA   . SER A 1 24 ? -5.981  8.081   -6.064  1.00 4.48  ? 25  SER A CA   1 
ATOM   395  C  C    . SER A 1 24 ? -4.950  8.491   -5.012  1.00 3.86  ? 25  SER A C    1 
ATOM   396  O  O    . SER A 1 24 ? -4.981  8.041   -3.846  1.00 4.02  ? 25  SER A O    1 
ATOM   397  C  CB   A SER A 1 24 ? -7.168  9.021   -5.969  0.59 6.09  ? 25  SER A CB   1 
ATOM   398  C  CB   B SER A 1 24 ? -7.250  8.954   -5.918  0.36 7.32  ? 25  SER A CB   1 
ATOM   399  C  CB   C SER A 1 24 ? -7.159  9.052   -6.115  0.06 10.87 ? 25  SER A CB   1 
ATOM   400  O  OG   A SER A 1 24 ? -8.001  8.954   -7.111  0.59 7.73  ? 25  SER A OG   1 
ATOM   401  O  OG   B SER A 1 24 ? -7.934  8.808   -4.673  0.36 10.02 ? 25  SER A OG   1 
ATOM   402  O  OG   C SER A 1 24 ? -6.902  10.282  -6.778  0.06 4.41  ? 25  SER A OG   1 
ATOM   403  H  H    . SER A 1 24 ? -7.243  6.525   -5.660  1.00 4.85  ? 25  SER A H    1 
ATOM   404  H  HA   A SER A 1 24 ? -5.568  8.180   -6.970  1.00 5.38  ? 25  SER A HA   1 
ATOM   405  H  HB2  A SER A 1 24 ? -7.698  8.792   -5.166  0.59 7.31  ? 25  SER A HB2  1 
ATOM   406  H  HB2  B SER A 1 24 ? -6.994  9.904   -6.028  0.36 8.79  ? 25  SER A HB2  1 
ATOM   407  H  HB2  C SER A 1 24 ? -7.915  8.603   -6.569  0.06 13.05 ? 25  SER A HB2  1 
ATOM   408  H  HB3  A SER A 1 24 ? -6.838  9.948   -5.862  0.59 7.31  ? 25  SER A HB3  1 
ATOM   409  H  HB3  B SER A 1 24 ? -7.876  8.726   -6.651  0.36 8.79  ? 25  SER A HB3  1 
ATOM   410  H  HB3  C SER A 1 24 ? -7.443  9.249   -5.187  0.06 13.05 ? 25  SER A HB3  1 
ATOM   411  H  HG   A SER A 1 24 ? -7.566  9.187   -7.791  0.59 11.60 ? 25  SER A HG   1 
ATOM   412  H  HG   B SER A 1 24 ? -8.220  8.020   -4.601  0.36 15.03 ? 25  SER A HG   1 
ATOM   413  H  HG   C SER A 1 24 ? -6.739  10.135  -7.589  0.06 6.61  ? 25  SER A HG   1 
ATOM   414  N  N    . PRO A 1 25 ? -4.078  9.439   -5.371  1.00 4.39  ? 26  PRO A N    1 
ATOM   415  C  CA   . PRO A 1 25 ? -3.227  10.081  -4.353  1.00 4.52  ? 26  PRO A CA   1 
ATOM   416  C  C    . PRO A 1 25 ? -4.080  10.611  -3.213  1.00 4.20  ? 26  PRO A C    1 
ATOM   417  O  O    . PRO A 1 25 ? -5.182  11.144  -3.423  1.00 5.33  ? 26  PRO A O    1 
ATOM   418  C  CB   . PRO A 1 25 ? -2.500  11.203  -5.132  1.00 6.15  ? 26  PRO A CB   1 
ATOM   419  C  CG   . PRO A 1 25 ? -2.537  10.711  -6.600  1.00 6.55  ? 26  PRO A CG   1 
ATOM   420  C  CD   . PRO A 1 25 ? -3.876  10.017  -6.716  1.00 5.73  ? 26  PRO A CD   1 
ATOM   421  H  HA   . PRO A 1 25 ? -2.560  9.423   -4.003  1.00 5.42  ? 26  PRO A HA   1 
ATOM   422  H  HB2  . PRO A 1 25 ? -2.973  12.068  -5.035  1.00 7.38  ? 26  PRO A HB2  1 
ATOM   423  H  HB3  . PRO A 1 25 ? -1.567  11.308  -4.816  1.00 7.38  ? 26  PRO A HB3  1 
ATOM   424  H  HG2  . PRO A 1 25 ? -2.476  11.471  -7.231  1.00 7.86  ? 26  PRO A HG2  1 
ATOM   425  H  HG3  . PRO A 1 25 ? -1.795  10.082  -6.783  1.00 7.86  ? 26  PRO A HG3  1 
ATOM   426  H  HD2  . PRO A 1 25 ? -4.593  10.662  -6.939  1.00 6.87  ? 26  PRO A HD2  1 
ATOM   427  H  HD3  . PRO A 1 25 ? -3.852  9.308   -7.408  1.00 6.87  ? 26  PRO A HD3  1 
ATOM   428  N  N    . GLY A 1 26 ? -3.537  10.507  -1.981  1.00 4.37  ? 27  GLY A N    1 
ATOM   429  C  CA   . GLY A 1 26 ? -4.199  10.949  -0.789  1.00 5.19  ? 27  GLY A CA   1 
ATOM   430  C  C    . GLY A 1 26 ? -5.056  9.851   -0.119  1.00 5.66  ? 27  GLY A C    1 
ATOM   431  O  O    . GLY A 1 26 ? -5.609  10.064  0.976   1.00 10.48 ? 27  GLY A O    1 
ATOM   432  H  H    . GLY A 1 26 ? -2.736  10.148  -1.906  1.00 5.25  ? 27  GLY A H    1 
ATOM   433  H  HA2  . GLY A 1 26 ? -3.518  11.264  -0.142  1.00 6.23  ? 27  GLY A HA2  1 
ATOM   434  H  HA3  . GLY A 1 26 ? -4.780  11.718  -1.013  1.00 6.23  ? 27  GLY A HA3  1 
ATOM   435  N  N    . THR A 1 27 ? -5.129  8.666   -0.671  1.00 4.29  ? 28  THR A N    1 
ATOM   436  C  CA   . THR A 1 27 ? -5.891  7.572   -0.062  1.00 3.97  ? 28  THR A CA   1 
ATOM   437  C  C    . THR A 1 27 ? -5.119  7.022   1.149   1.00 3.67  ? 28  THR A C    1 
ATOM   438  O  O    . THR A 1 27 ? -3.991  6.514   1.026   1.00 3.84  ? 28  THR A O    1 
ATOM   439  C  CB   . THR A 1 27 ? -6.157  6.446   -1.079  1.00 4.03  ? 28  THR A CB   1 
ATOM   440  O  OG1  . THR A 1 27 ? -6.899  6.982   -2.191  1.00 4.91  ? 28  THR A OG1  1 
ATOM   441  C  CG2  . THR A 1 27 ? -6.969  5.337   -0.430  1.00 4.71  ? 28  THR A CG2  1 
ATOM   442  H  H    . THR A 1 27 ? -4.706  8.521   -1.429  1.00 5.15  ? 28  THR A H    1 
ATOM   443  H  HA   . THR A 1 27 ? -6.769  7.931   0.254   1.00 4.77  ? 28  THR A HA   1 
ATOM   444  H  HB   . THR A 1 27 ? -5.287  6.077   -1.404  1.00 4.84  ? 28  THR A HB   1 
ATOM   445  H  HG1  . THR A 1 27 ? -6.371  7.158   -2.821  1.00 7.36  ? 28  THR A HG1  1 
ATOM   446  H  HG21 . THR A 1 27 ? -7.883  5.651   -0.271  1.00 7.06  ? 28  THR A HG21 1 
ATOM   447  H  HG22 . THR A 1 27 ? -6.556  5.086   0.422   1.00 7.06  ? 28  THR A HG22 1 
ATOM   448  H  HG23 . THR A 1 27 ? -6.991  4.558   -1.025  1.00 7.06  ? 28  THR A HG23 1 
ATOM   449  N  N    . LYS A 1 28 ? -5.751  7.100   2.323   1.00 4.01  ? 29  LYS A N    1 
ATOM   450  C  CA   . LYS A 1 28 ? -5.130  6.568   3.520   1.00 3.96  ? 29  LYS A CA   1 
ATOM   451  C  C    . LYS A 1 28 ? -5.061  5.049   3.452   1.00 3.64  ? 29  LYS A C    1 
ATOM   452  O  O    . LYS A 1 28 ? -5.926  4.377   2.855   1.00 3.92  ? 29  LYS A O    1 
ATOM   453  C  CB   . LYS A 1 28 ? -5.949  6.980   4.770   1.00 5.05  ? 29  LYS A CB   1 
ATOM   454  C  CG   . LYS A 1 28 ? -5.987  8.497   4.961   1.00 8.52  ? 29  LYS A CG   1 
ATOM   455  C  CD   . LYS A 1 28 ? -6.779  8.948   6.160   1.00 15.42 ? 29  LYS A CD   1 
ATOM   456  C  CE   . LYS A 1 28 ? -8.235  8.373   6.135   1.00 19.80 ? 29  LYS A CE   1 
ATOM   457  N  NZ   . LYS A 1 28 ? -8.852  8.961   7.346   1.00 24.53 ? 29  LYS A NZ   1 
ATOM   458  H  H    . LYS A 1 28 ? -6.546  7.475   2.369   1.00 4.81  ? 29  LYS A H    1 
ATOM   459  H  HA   . LYS A 1 28 ? -4.204  6.935   3.599   1.00 4.75  ? 29  LYS A HA   1 
ATOM   460  H  HB2  . LYS A 1 28 ? -6.874  6.640   4.678   1.00 6.06  ? 29  LYS A HB2  1 
ATOM   461  H  HB3  . LYS A 1 28 ? -5.549  6.560   5.573   1.00 6.06  ? 29  LYS A HB3  1 
ATOM   462  H  HG2  . LYS A 1 28 ? -5.059  8.829   5.050   1.00 10.22 ? 29  LYS A HG2  1 
ATOM   463  H  HG3  . LYS A 1 28 ? -6.377  8.910   4.150   1.00 10.22 ? 29  LYS A HG3  1 
ATOM   464  H  HD2  . LYS A 1 28 ? -6.323  8.649   6.986   1.00 18.51 ? 29  LYS A HD2  1 
ATOM   465  H  HD3  . LYS A 1 28 ? -6.818  9.937   6.174   1.00 18.51 ? 29  LYS A HD3  1 
ATOM   466  H  HE2  . LYS A 1 28 ? -8.716  8.656   5.317   1.00 23.76 ? 29  LYS A HE2  1 
ATOM   467  H  HE3  . LYS A 1 28 ? -8.229  7.384   6.182   1.00 23.76 ? 29  LYS A HE3  1 
ATOM   468  H  HZ1  . LYS A 1 28 ? -9.724  8.706   7.396   1.00 36.80 ? 29  LYS A HZ1  1 
ATOM   469  H  HZ2  . LYS A 1 28 ? -8.803  9.868   7.301   1.00 36.80 ? 29  LYS A HZ2  1 
ATOM   470  H  HZ3  . LYS A 1 28 ? -8.408  8.668   8.084   1.00 36.80 ? 29  LYS A HZ3  1 
ATOM   471  N  N    . PHE A 1 29 ? -4.053  4.473   4.129   1.00 3.58  ? 30  PHE A N    1 
ATOM   472  C  CA   . PHE A 1 29 ? -3.939  3.008   4.178   1.00 3.61  ? 30  PHE A CA   1 
ATOM   473  C  C    . PHE A 1 29 ? -5.223  2.349   4.699   1.00 3.67  ? 30  PHE A C    1 
ATOM   474  O  O    . PHE A 1 29 ? -5.663  1.321   4.151   1.00 4.16  ? 30  PHE A O    1 
ATOM   475  C  CB   . PHE A 1 29 ? -2.714  2.655   5.063   1.00 4.18  ? 30  PHE A CB   1 
ATOM   476  C  CG   . PHE A 1 29 ? -2.451  1.171   5.162   1.00 4.32  ? 30  PHE A CG   1 
ATOM   477  C  CD1  . PHE A 1 29 ? -1.795  0.506   4.118   1.00 5.40  ? 30  PHE A CD1  1 
ATOM   478  C  CD2  . PHE A 1 29 ? -2.836  0.459   6.311   1.00 5.09  ? 30  PHE A CD2  1 
ATOM   479  C  CE1  . PHE A 1 29 ? -1.538  -0.869  4.237   1.00 6.52  ? 30  PHE A CE1  1 
ATOM   480  C  CE2  . PHE A 1 29 ? -2.556  -0.915  6.398   1.00 6.70  ? 30  PHE A CE2  1 
ATOM   481  C  CZ   . PHE A 1 29 ? -1.914  -1.536  5.377   1.00 6.84  ? 30  PHE A CZ   1 
ATOM   482  H  H    . PHE A 1 29 ? -3.460  4.974   4.544   1.00 4.30  ? 30  PHE A H    1 
ATOM   483  H  HA   . PHE A 1 29 ? -3.767  2.674   3.252   1.00 4.34  ? 30  PHE A HA   1 
ATOM   484  H  HB2  . PHE A 1 29 ? -1.911  3.098   4.690   1.00 5.01  ? 30  PHE A HB2  1 
ATOM   485  H  HB3  . PHE A 1 29 ? -2.861  3.016   5.973   1.00 5.01  ? 30  PHE A HB3  1 
ATOM   486  H  HD1  . PHE A 1 29 ? -1.528  0.980   3.338   1.00 6.49  ? 30  PHE A HD1  1 
ATOM   487  H  HD2  . PHE A 1 29 ? -3.281  0.903   7.023   1.00 6.11  ? 30  PHE A HD2  1 
ATOM   488  H  HE1  . PHE A 1 29 ? -1.104  -1.336  3.532   1.00 7.83  ? 30  PHE A HE1  1 
ATOM   489  H  HE2  . PHE A 1 29 ? -2.815  -1.408  7.168   1.00 8.04  ? 30  PHE A HE2  1 
ATOM   490  H  HZ   . PHE A 1 29 ? -1.719  -2.462  5.451   1.00 8.21  ? 30  PHE A HZ   1 
ATOM   491  N  N    . GLU A 1 30 ? -5.835  2.954   5.731   1.00 3.93  ? 31  GLU A N    1 
ATOM   492  C  CA   . GLU A 1 30 ? -7.077  2.410   6.275   1.00 4.71  ? 31  GLU A CA   1 
ATOM   493  C  C    . GLU A 1 30 ? -8.203  2.346   5.235   1.00 4.92  ? 31  GLU A C    1 
ATOM   494  O  O    . GLU A 1 30 ? -9.133  1.538   5.409   1.00 7.87  ? 31  GLU A O    1 
ATOM   495  C  CB   . GLU A 1 30 ? -7.547  3.259   7.481   1.00 5.70  ? 31  GLU A CB   1 
ATOM   496  C  CG   . GLU A 1 30 ? -7.853  4.683   7.145   1.00 6.31  ? 31  GLU A CG   1 
ATOM   497  C  CD   . GLU A 1 30 ? -8.524  5.446   8.264   1.00 9.79  ? 31  GLU A CD   1 
ATOM   498  O  OE1  . GLU A 1 30 ? -9.650  5.029   8.670   1.00 17.39 ? 31  GLU A OE1  1 
ATOM   499  O  OE2  . GLU A 1 30 ? -7.976  6.474   8.720   1.00 14.30 ? 31  GLU A OE2  1 
ATOM   500  H  H    . GLU A 1 30 ? -5.485  3.682   6.082   1.00 4.72  ? 31  GLU A H    1 
ATOM   501  H  HA   . GLU A 1 30 ? -6.897  1.480   6.598   1.00 5.66  ? 31  GLU A HA   1 
ATOM   502  H  HB2  . GLU A 1 30 ? -8.357  2.843   7.868   1.00 6.84  ? 31  GLU A HB2  1 
ATOM   503  H  HB3  . GLU A 1 30 ? -6.841  3.242   8.176   1.00 6.84  ? 31  GLU A HB3  1 
ATOM   504  H  HG2  . GLU A 1 30 ? -7.009  5.143   6.907   1.00 7.58  ? 31  GLU A HG2  1 
ATOM   505  H  HG3  . GLU A 1 30 ? -8.441  4.702   6.348   1.00 7.58  ? 31  GLU A HG3  1 
ATOM   506  N  N    . ASP A 1 31 ? -8.141  3.183   4.196   1.00 4.26  ? 32  ASP A N    1 
ATOM   507  C  CA   . ASP A 1 31 ? -9.156  3.257   3.162   1.00 4.88  ? 32  ASP A CA   1 
ATOM   508  C  C    . ASP A 1 31 ? -8.814  2.421   1.918   1.00 4.97  ? 32  ASP A C    1 
ATOM   509  O  O    . ASP A 1 31 ? -9.635  2.353   1.002   1.00 7.03  ? 32  ASP A O    1 
ATOM   510  C  CB   . ASP A 1 31 ? -9.458  4.683   2.802   1.00 5.42  ? 32  ASP A CB   1 
ATOM   511  C  CG   . ASP A 1 31 ? -10.141 5.464   3.955   1.00 6.86  ? 32  ASP A CG   1 
ATOM   512  O  OD1  . ASP A 1 31 ? -10.937 4.796   4.681   1.00 10.88 ? 32  ASP A OD1  1 
ATOM   513  O  OD2  . ASP A 1 31 ? -9.883  6.604   4.145   1.00 10.34 ? 32  ASP A OD2  1 
ATOM   514  H  H    . ASP A 1 31 ? -7.447  3.720   4.136   1.00 5.12  ? 32  ASP A H    1 
ATOM   515  H  HA   . ASP A 1 31 ? -9.994  2.872   3.548   1.00 5.85  ? 32  ASP A HA   1 
ATOM   516  H  HB2  . ASP A 1 31 ? -8.614  5.140   2.559   1.00 6.51  ? 32  ASP A HB2  1 
ATOM   517  H  HB3  . ASP A 1 31 ? -10.049 4.698   2.009   1.00 6.51  ? 32  ASP A HB3  1 
ATOM   518  N  N    . LEU A 1 32 ? -7.637  1.800   1.850   1.00 4.36  ? 33  LEU A N    1 
ATOM   519  C  CA   . LEU A 1 32 ? -7.386  0.852   0.758   1.00 4.19  ? 33  LEU A CA   1 
ATOM   520  C  C    . LEU A 1 32 ? -8.386  -0.302  0.888   1.00 4.42  ? 33  LEU A C    1 
ATOM   521  O  O    . LEU A 1 32 ? -8.599  -0.797  2.016   1.00 5.04  ? 33  LEU A O    1 
ATOM   522  C  CB   . LEU A 1 32 ? -5.954  0.309   0.817   1.00 4.02  ? 33  LEU A CB   1 
ATOM   523  C  CG   . LEU A 1 32 ? -4.868  1.348   0.555   1.00 3.92  ? 33  LEU A CG   1 
ATOM   524  C  CD1  . LEU A 1 32 ? -3.493  0.767   0.888   1.00 4.53  ? 33  LEU A CD1  1 
ATOM   525  C  CD2  . LEU A 1 32 ? -4.889  1.825   -0.908  1.00 5.22  ? 33  LEU A CD2  1 
ATOM   526  H  H    . LEU A 1 32 ? -7.017  1.956   2.455   1.00 5.24  ? 33  LEU A H    1 
ATOM   527  H  HA   . LEU A 1 32 ? -7.528  1.313   -0.117  1.00 5.02  ? 33  LEU A HA   1 
ATOM   528  H  HB2  . LEU A 1 32 ? -5.803  -0.087  1.713   1.00 4.82  ? 33  LEU A HB2  1 
ATOM   529  H  HB3  . LEU A 1 32 ? -5.864  -0.418  0.151   1.00 4.82  ? 33  LEU A HB3  1 
ATOM   530  H  HG   . LEU A 1 32 ? -5.032  2.135   1.148   1.00 4.71  ? 33  LEU A HG   1 
ATOM   531  H  HD11 . LEU A 1 32 ? -3.430  0.606   1.853   1.00 6.79  ? 33  LEU A HD11 1 
ATOM   532  H  HD12 . LEU A 1 32 ? -2.797  1.401   0.617   1.00 6.79  ? 33  LEU A HD12 1 
ATOM   533  H  HD13 . LEU A 1 32 ? -3.370  -0.078  0.407   1.00 6.79  ? 33  LEU A HD13 1 
ATOM   534  H  HD21 . LEU A 1 32 ? -4.169  2.474   -1.050  1.00 7.82  ? 33  LEU A HD21 1 
ATOM   535  H  HD22 . LEU A 1 32 ? -5.752  2.247   -1.101  1.00 7.82  ? 33  LEU A HD22 1 
ATOM   536  H  HD23 . LEU A 1 32 ? -4.761  1.057   -1.504  1.00 7.82  ? 33  LEU A HD23 1 
ATOM   537  N  N    . PRO A 1 33 ? -8.964  -0.779  -0.205  1.00 4.64  ? 34  PRO A N    1 
ATOM   538  C  CA   A PRO A 1 33 ? -9.938  -1.844  -0.041  0.42 4.83  ? 34  PRO A CA   1 
ATOM   539  C  CA   B PRO A 1 33 ? -9.861  -1.973  -0.184  0.58 5.73  ? 34  PRO A CA   1 
ATOM   540  C  C    A PRO A 1 33 ? -9.160  -3.056  0.460   0.42 4.24  ? 34  PRO A C    1 
ATOM   541  C  C    B PRO A 1 33 ? -9.281  -3.174  0.546   0.58 4.69  ? 34  PRO A C    1 
ATOM   542  O  O    A PRO A 1 33 ? -7.957  -3.272  0.341   0.42 4.26  ? 34  PRO A O    1 
ATOM   543  O  O    B PRO A 1 33 ? -8.085  -3.366  0.432   0.58 5.39  ? 34  PRO A O    1 
ATOM   544  C  CB   A PRO A 1 33 ? -10.479 -1.915  -1.492  0.42 5.43  ? 34  PRO A CB   1 
ATOM   545  C  CB   B PRO A 1 33 ? -9.985  -2.332  -1.706  0.58 8.66  ? 34  PRO A CB   1 
ATOM   546  C  CG   A PRO A 1 33 ? -9.300  -1.479  -2.331  0.42 5.24  ? 34  PRO A CG   1 
ATOM   547  C  CG   B PRO A 1 33 ? -9.772  -1.033  -2.422  0.58 10.03 ? 34  PRO A CG   1 
ATOM   548  C  CD   A PRO A 1 33 ? -8.708  -0.349  -1.584  0.42 4.67  ? 34  PRO A CD   1 
ATOM   549  C  CD   B PRO A 1 33 ? -8.801  -0.265  -1.608  0.58 6.20  ? 34  PRO A CD   1 
ATOM   550  H  HA   A PRO A 1 33 ? -10.657 -1.582  0.603   0.42 5.80  ? 34  PRO A HA   1 
ATOM   551  H  HA   B PRO A 1 33 ? -10.755 -1.733  0.193   0.58 6.88  ? 34  PRO A HA   1 
ATOM   552  H  HB2  A PRO A 1 33 ? -10.759 -2.836  -1.724  0.42 6.51  ? 34  PRO A HB2  1 
ATOM   553  H  HB2  B PRO A 1 33 ? -9.298  -2.994  -1.968  0.58 10.39 ? 34  PRO A HB2  1 
ATOM   554  H  HB3  A PRO A 1 33 ? -11.248 -1.303  -1.616  0.42 6.51  ? 34  PRO A HB3  1 
ATOM   555  H  HB3  B PRO A 1 33 ? -10.881 -2.703  -1.909  0.58 10.39 ? 34  PRO A HB3  1 
ATOM   556  H  HG2  A PRO A 1 33 ? -8.647  -2.217  -2.429  0.42 6.28  ? 34  PRO A HG2  1 
ATOM   557  H  HG2  B PRO A 1 33 ? -9.411  -1.194  -3.330  0.58 12.03 ? 34  PRO A HG2  1 
ATOM   558  H  HG3  A PRO A 1 33 ? -9.595  -1.191  -3.231  0.42 6.28  ? 34  PRO A HG3  1 
ATOM   559  H  HG3  B PRO A 1 33 ? -10.626 -0.539  -2.503  0.58 12.03 ? 34  PRO A HG3  1 
ATOM   560  H  HD2  A PRO A 1 33 ? -7.739  -0.259  -1.765  0.42 5.60  ? 34  PRO A HD2  1 
ATOM   561  H  HD2  B PRO A 1 33 ? -7.877  -0.415  -1.929  0.58 7.44  ? 34  PRO A HD2  1 
ATOM   562  H  HD3  A PRO A 1 33 ? -9.163  0.504   -1.792  0.42 5.60  ? 34  PRO A HD3  1 
ATOM   563  H  HD3  B PRO A 1 33 ? -9.000  0.704   -1.649  0.58 7.44  ? 34  PRO A HD3  1 
ATOM   564  N  N    A ASP A 1 34 ? -10.014 -3.902  1.024   0.51 6.84  ? 35  ASP A N    1 
ATOM   565  N  N    B ASP A 1 34 ? -10.046 -4.046  1.200   0.49 5.18  ? 35  ASP A N    1 
ATOM   566  C  CA   A ASP A 1 34 ? -9.483  -5.130  1.650   0.51 7.72  ? 35  ASP A CA   1 
ATOM   567  C  CA   B ASP A 1 34 ? -9.456  -5.159  1.966   0.49 6.31  ? 35  ASP A CA   1 
ATOM   568  C  C    A ASP A 1 34 ? -8.892  -6.056  0.587   0.51 6.28  ? 35  ASP A C    1 
ATOM   569  C  C    B ASP A 1 34 ? -8.544  -6.072  1.142   0.49 5.97  ? 35  ASP A C    1 
ATOM   570  O  O    A ASP A 1 34 ? -8.115  -6.914  0.998   0.51 9.09  ? 35  ASP A O    1 
ATOM   571  O  O    B ASP A 1 34 ? -7.553  -6.604  1.681   0.49 7.41  ? 35  ASP A O    1 
ATOM   572  C  CB   A ASP A 1 34 ? -10.527 -5.875  2.477   0.51 7.32  ? 35  ASP A CB   1 
ATOM   573  C  CB   B ASP A 1 34 ? -10.655 -6.023  2.475   0.49 11.00 ? 35  ASP A CB   1 
ATOM   574  C  CG   A ASP A 1 34 ? -10.985 -5.194  3.785   0.51 28.90 ? 35  ASP A CG   1 
ATOM   575  C  CG   B ASP A 1 34 ? -11.314 -5.346  3.704   0.49 11.39 ? 35  ASP A CG   1 
ATOM   576  O  OD1  A ASP A 1 34 ? -10.252 -4.317  4.274   0.51 49.32 ? 35  ASP A OD1  1 
ATOM   577  O  OD1  B ASP A 1 34 ? -10.749 -4.362  4.287   0.49 10.70 ? 35  ASP A OD1  1 
ATOM   578  O  OD2  A ASP A 1 34 ? -12.060 -5.709  4.198   0.51 30.45 ? 35  ASP A OD2  1 
ATOM   579  O  OD2  B ASP A 1 34 ? -12.442 -5.814  4.043   0.49 17.14 ? 35  ASP A OD2  1 
ATOM   580  H  H    A ASP A 1 34 ? -10.877 -3.734  1.025   0.51 8.21  ? 35  ASP A H    1 
ATOM   581  H  H    B ASP A 1 34 ? -10.921 -3.958  1.174   0.49 6.22  ? 35  ASP A H    1 
ATOM   582  H  HA   A ASP A 1 34 ? -8.741  -4.862  2.265   0.51 9.27  ? 35  ASP A HA   1 
ATOM   583  H  HA   B ASP A 1 34 ? -8.948  -4.795  2.748   0.49 7.57  ? 35  ASP A HA   1 
ATOM   584  H  HB2  A ASP A 1 34 ? -11.325 -6.020  1.909   0.51 8.78  ? 35  ASP A HB2  1 
ATOM   585  H  HB2  B ASP A 1 34 ? -11.324 -6.124  1.752   0.49 13.20 ? 35  ASP A HB2  1 
ATOM   586  H  HB3  A ASP A 1 34 ? -10.162 -6.767  2.705   0.51 8.78  ? 35  ASP A HB3  1 
ATOM   587  H  HB3  B ASP A 1 34 ? -10.333 -6.926  2.725   0.49 13.20 ? 35  ASP A HB3  1 
ATOM   588  N  N    A ASP A 1 35 ? -9.154  -5.904  -0.720  0.51 5.24  ? 36  ASP A N    1 
ATOM   589  N  N    B ASP A 1 35 ? -8.893  -6.277  -0.121  0.49 4.98  ? 36  ASP A N    1 
ATOM   590  C  CA   A ASP A 1 35 ? -8.502  -6.668  -1.796  0.51 4.96  ? 36  ASP A CA   1 
ATOM   591  C  CA   B ASP A 1 35 ? -8.165  -7.197  -0.989  0.49 6.50  ? 36  ASP A CA   1 
ATOM   592  C  C    A ASP A 1 35 ? -7.327  -5.910  -2.401  0.51 4.96  ? 36  ASP A C    1 
ATOM   593  C  C    B ASP A 1 35 ? -7.077  -6.532  -1.824  0.49 4.81  ? 36  ASP A C    1 
ATOM   594  O  O    A ASP A 1 35 ? -6.769  -6.286  -3.456  0.51 7.28  ? 36  ASP A O    1 
ATOM   595  O  O    B ASP A 1 35 ? -6.472  -7.174  -2.693  0.49 6.40  ? 36  ASP A O    1 
ATOM   596  C  CB   A ASP A 1 35 ? -9.479  -7.114  -2.853  0.51 6.15  ? 36  ASP A CB   1 
ATOM   597  C  CB   B ASP A 1 35 ? -9.161  -7.944  -1.883  0.49 10.83 ? 36  ASP A CB   1 
ATOM   598  C  CG   A ASP A 1 35 ? -10.071 -6.021  -3.658  0.51 6.70  ? 36  ASP A CG   1 
ATOM   599  C  CG   B ASP A 1 35 ? -10.139 -8.843  -1.087  0.49 18.69 ? 36  ASP A CG   1 
ATOM   600  O  OD1  A ASP A 1 35 ? -9.778  -4.818  -3.406  0.51 8.36  ? 36  ASP A OD1  1 
ATOM   601  O  OD1  B ASP A 1 35 ? -11.084 -9.240  -1.779  0.49 49.76 ? 36  ASP A OD1  1 
ATOM   602  O  OD2  A ASP A 1 35 ? -10.897 -6.311  -4.554  0.51 10.03 ? 36  ASP A OD2  1 
ATOM   603  O  OD2  B ASP A 1 35 ? -9.977  -9.191  0.083   0.49 29.32 ? 36  ASP A OD2  1 
ATOM   604  H  H    A ASP A 1 35 ? -9.758  -5.306  -0.951  0.51 6.28  ? 36  ASP A H    1 
ATOM   605  H  H    B ASP A 1 35 ? -9.586  -5.843  -0.448  0.49 5.98  ? 36  ASP A H    1 
ATOM   606  H  HA   A ASP A 1 35 ? -8.128  -7.496  -1.378  0.51 5.95  ? 36  ASP A HA   1 
ATOM   607  H  HA   B ASP A 1 35 ? -7.722  -7.875  -0.402  0.49 7.80  ? 36  ASP A HA   1 
ATOM   608  H  HB2  A ASP A 1 35 ? -9.017  -7.741  -3.464  0.51 7.37  ? 36  ASP A HB2  1 
ATOM   609  H  HB2  B ASP A 1 35 ? -9.683  -7.284  -2.405  0.49 12.99 ? 36  ASP A HB2  1 
ATOM   610  H  HB3  A ASP A 1 35 ? -10.212 -7.613  -2.412  0.51 7.37  ? 36  ASP A HB3  1 
ATOM   611  H  HB3  B ASP A 1 35 ? -8.659  -8.506  -2.525  0.49 12.99 ? 36  ASP A HB3  1 
ATOM   612  N  N    A TRP A 1 36 ? -6.891  -4.838  -1.768  0.51 4.03  ? 37  TRP A N    1 
ATOM   613  N  N    B TRP A 1 36 ? -6.755  -5.240  -1.578  0.49 4.33  ? 37  TRP A N    1 
ATOM   614  C  CA   . TRP A 1 36 ? -5.685  -4.338  -2.245  1.00 5.17  ? 37  TRP A CA   1 
ATOM   615  C  C    . TRP A 1 36 ? -4.400  -5.110  -1.890  1.00 4.37  ? 37  TRP A C    1 
ATOM   616  O  O    . TRP A 1 36 ? -4.233  -5.563  -0.757  1.00 5.11  ? 37  TRP A O    1 
ATOM   617  C  CB   . TRP A 1 36 ? -5.639  -2.930  -1.718  1.00 5.22  ? 37  TRP A CB   1 
ATOM   618  C  CG   . TRP A 1 36 ? -4.500  -2.093  -2.275  1.00 4.49  ? 37  TRP A CG   1 
ATOM   619  C  CD1  . TRP A 1 36 ? -4.523  -1.341  -3.402  1.00 4.70  ? 37  TRP A CD1  1 
ATOM   620  C  CD2  . TRP A 1 36 ? -3.174  -1.998  -1.742  1.00 3.78  ? 37  TRP A CD2  1 
ATOM   621  N  NE1  . TRP A 1 36 ? -3.309  -0.731  -3.604  1.00 4.25  ? 37  TRP A NE1  1 
ATOM   622  C  CE2  . TRP A 1 36 ? -2.466  -1.120  -2.603  1.00 3.81  ? 37  TRP A CE2  1 
ATOM   623  C  CE3  . TRP A 1 36 ? -2.518  -2.569  -0.628  1.00 4.36  ? 37  TRP A CE3  1 
ATOM   624  C  CZ2  . TRP A 1 36 ? -1.115  -0.779  -2.359  1.00 3.94  ? 37  TRP A CZ2  1 
ATOM   625  C  CZ3  . TRP A 1 36 ? -1.189  -2.218  -0.410  1.00 4.64  ? 37  TRP A CZ3  1 
ATOM   626  C  CH2  . TRP A 1 36 ? -0.501  -1.351  -1.254  1.00 4.52  ? 37  TRP A CH2  1 
ATOM   627  H  H    A TRP A 1 36 ? -7.329  -4.468  -1.100  0.51 4.83  ? 37  TRP A H    1 
ATOM   628  H  H    B TRP A 1 36 ? -7.225  -4.852  -0.944  0.49 5.19  ? 37  TRP A H    1 
ATOM   629  H  HA   . TRP A 1 36 ? -5.747  -4.290  -3.243  1.00 6.20  ? 37  TRP A HA   1 
ATOM   630  H  HB2  . TRP A 1 36 ? -6.495  -2.483  -1.932  1.00 6.26  ? 37  TRP A HB2  1 
ATOM   631  H  HB3  . TRP A 1 36 ? -5.555  -2.964  -0.733  1.00 6.26  ? 37  TRP A HB3  1 
ATOM   632  H  HD1  . TRP A 1 36 ? -5.275  -1.248  -3.975  1.00 5.64  ? 37  TRP A HD1  1 
ATOM   633  H  HE1  . TRP A 1 36 ? -3.110  -0.185  -4.264  1.00 5.10  ? 37  TRP A HE1  1 
ATOM   634  H  HE3  . TRP A 1 36 ? -2.970  -3.171  -0.047  1.00 5.23  ? 37  TRP A HE3  1 
ATOM   635  H  HZ2  . TRP A 1 36 ? -0.646  -0.182  -2.930  1.00 4.73  ? 37  TRP A HZ2  1 
ATOM   636  H  HZ3  . TRP A 1 36 ? -0.736  -2.582  0.342   1.00 5.57  ? 37  TRP A HZ3  1 
ATOM   637  H  HH2  . TRP A 1 36 ? 0.408   -1.147  -1.069  1.00 5.43  ? 37  TRP A HH2  1 
ATOM   638  N  N    . VAL A 1 37 ? -3.494  -5.175  -2.865  1.00 3.71  ? 38  VAL A N    1 
ATOM   639  C  CA   . VAL A 1 37 ? -2.207  -5.830  -2.660  1.00 3.54  ? 38  VAL A CA   1 
ATOM   640  C  C    . VAL A 1 37 ? -1.087  -4.947  -3.182  1.00 3.13  ? 38  VAL A C    1 
ATOM   641  O  O    . VAL A 1 37 ? -1.258  -4.039  -4.000  1.00 3.43  ? 38  VAL A O    1 
ATOM   642  C  CB   . VAL A 1 37 ? -2.161  -7.234  -3.310  1.00 4.64  ? 38  VAL A CB   1 
ATOM   643  C  CG1  . VAL A 1 37 ? -3.214  -8.164  -2.695  1.00 6.17  ? 38  VAL A CG1  1 
ATOM   644  C  CG2  . VAL A 1 37 ? -2.316  -7.167  -4.829  1.00 5.62  ? 38  VAL A CG2  1 
ATOM   645  H  H    . VAL A 1 37 ? -3.676  -4.817  -3.648  1.00 4.45  ? 38  VAL A H    1 
ATOM   646  H  HA   . VAL A 1 37 ? -2.075  -5.943  -1.675  1.00 4.25  ? 38  VAL A HA   1 
ATOM   647  H  HB   . VAL A 1 37 ? -1.261  -7.626  -3.116  1.00 5.57  ? 38  VAL A HB   1 
ATOM   648  H  HG11 . VAL A 1 37 ? -4.109  -7.808  -2.874  1.00 9.25  ? 38  VAL A HG11 1 
ATOM   649  H  HG12 . VAL A 1 37 ? -3.072  -8.224  -1.727  1.00 9.25  ? 38  VAL A HG12 1 
ATOM   650  H  HG13 . VAL A 1 37 ? -3.133  -9.057  -3.092  1.00 9.25  ? 38  VAL A HG13 1 
ATOM   651  H  HG21 . VAL A 1 37 ? -2.101  -8.040  -5.218  1.00 8.43  ? 38  VAL A HG21 1 
ATOM   652  H  HG22 . VAL A 1 37 ? -1.707  -6.489  -5.190  1.00 8.43  ? 38  VAL A HG22 1 
ATOM   653  H  HG23 . VAL A 1 37 ? -3.240  -6.928  -5.052  1.00 8.43  ? 38  VAL A HG23 1 
ATOM   654  N  N    . CYS A 1 38 ? 0.139   -5.281  -2.738  1.00 3.08  ? 39  CYS A N    1 
ATOM   655  C  CA   . CYS A 1 38 ? 1.327   -4.584  -3.201  1.00 2.69  ? 39  CYS A CA   1 
ATOM   656  C  C    . CYS A 1 38 ? 1.372   -4.609  -4.743  1.00 2.66  ? 39  CYS A C    1 
ATOM   657  O  O    . CYS A 1 38 ? 1.279   -5.690  -5.350  1.00 3.06  ? 39  CYS A O    1 
ATOM   658  C  CB   . CYS A 1 38 ? 2.552   -5.338  -2.661  1.00 2.78  ? 39  CYS A CB   1 
ATOM   659  S  SG   . CYS A 1 38 ? 4.127   -4.589  -3.219  1.00 2.83  ? 39  CYS A SG   1 
ATOM   660  H  H    . CYS A 1 38 ? 0.223   -5.935  -2.154  1.00 3.70  ? 39  CYS A H    1 
ATOM   661  H  HA   . CYS A 1 38 ? 1.327   -3.640  -2.869  1.00 3.23  ? 39  CYS A HA   1 
ATOM   662  H  HB2  . CYS A 1 38 ? 2.523   -5.336  -1.671  1.00 3.33  ? 39  CYS A HB2  1 
ATOM   663  H  HB3  . CYS A 1 38 ? 2.514   -6.279  -2.965  1.00 3.33  ? 39  CYS A HB3  1 
ATOM   664  N  N    . PRO A 1 39 ? 1.600   -3.451  -5.384  1.00 2.83  ? 40  PRO A N    1 
ATOM   665  C  CA   A PRO A 1 39 ? 1.671   -3.399  -6.899  0.66 3.31  ? 40  PRO A CA   1 
ATOM   666  C  CA   B PRO A 1 39 ? 1.518   -3.439  -6.788  0.34 2.98  ? 40  PRO A CA   1 
ATOM   667  C  C    . PRO A 1 39 ? 2.796   -4.100  -7.479  1.00 4.39  ? 40  PRO A C    1 
ATOM   668  O  O    . PRO A 1 39 ? 2.781   -4.270  -8.699  1.00 8.48  ? 40  PRO A O    1 
ATOM   669  C  CB   A PRO A 1 39 ? 1.850   -1.874  -7.176  0.66 5.34  ? 40  PRO A CB   1 
ATOM   670  C  CB   B PRO A 1 39 ? 1.357   -1.948  -7.160  0.34 2.69  ? 40  PRO A CB   1 
ATOM   671  C  CG   A PRO A 1 39 ? 2.087   -1.244  -5.953  0.66 4.05  ? 40  PRO A CG   1 
ATOM   672  C  CG   B PRO A 1 39 ? 1.306   -1.135  -5.969  0.34 3.72  ? 40  PRO A CG   1 
ATOM   673  C  CD   A PRO A 1 39 ? 1.660   -2.121  -4.782  0.66 3.40  ? 40  PRO A CD   1 
ATOM   674  C  CD   B PRO A 1 39 ? 1.577   -2.063  -4.796  0.34 3.62  ? 40  PRO A CD   1 
ATOM   675  H  HA   A PRO A 1 39 ? 0.814   -3.725  -7.298  0.66 3.97  ? 40  PRO A HA   1 
ATOM   676  H  HA   B PRO A 1 39 ? 0.699   -3.937  -7.072  0.34 3.57  ? 40  PRO A HA   1 
ATOM   677  H  HB2  A PRO A 1 39 ? 2.612   -1.726  -7.789  0.66 6.40  ? 40  PRO A HB2  1 
ATOM   678  H  HB2  B PRO A 1 39 ? 2.120   -1.663  -7.724  0.34 3.23  ? 40  PRO A HB2  1 
ATOM   679  H  HB3  A PRO A 1 39 ? 1.032   -1.505  -7.596  0.66 6.40  ? 40  PRO A HB3  1 
ATOM   680  H  HB3  B PRO A 1 39 ? 0.526   -1.824  -7.681  0.34 3.23  ? 40  PRO A HB3  1 
ATOM   681  H  HG2  A PRO A 1 39 ? 3.053   -1.039  -5.872  0.66 4.86  ? 40  PRO A HG2  1 
ATOM   682  H  HG2  B PRO A 1 39 ? 1.991   -0.422  -6.008  0.34 4.46  ? 40  PRO A HG2  1 
ATOM   683  H  HG3  A PRO A 1 39 ? 1.590   -0.390  -5.922  0.66 4.86  ? 40  PRO A HG3  1 
ATOM   684  H  HG3  B PRO A 1 39 ? 0.415   -0.714  -5.876  0.34 4.46  ? 40  PRO A HG3  1 
ATOM   685  H  HD2  A PRO A 1 39 ? 2.323   -2.090  -4.048  0.66 4.08  ? 40  PRO A HD2  1 
ATOM   686  H  HD2  B PRO A 1 39 ? 2.446   -1.847  -4.372  0.34 4.35  ? 40  PRO A HD2  1 
ATOM   687  H  HD3  A PRO A 1 39 ? 0.775   -1.846  -4.433  0.66 4.08  ? 40  PRO A HD3  1 
ATOM   688  H  HD3  B PRO A 1 39 ? 0.862   -1.983  -4.115  0.34 4.35  ? 40  PRO A HD3  1 
ATOM   689  N  N    . LEU A 1 40 ? 3.844   -4.420  -6.709  1.00 3.19  ? 41  LEU A N    1 
ATOM   690  C  CA   . LEU A 1 40 ? 5.024   -5.108  -7.245  1.00 3.57  ? 41  LEU A CA   1 
ATOM   691  C  C    . LEU A 1 40 ? 5.015   -6.613  -6.980  1.00 3.53  ? 41  LEU A C    1 
ATOM   692  O  O    . LEU A 1 40 ? 5.365   -7.411  -7.852  1.00 5.77  ? 41  LEU A O    1 
ATOM   693  C  CB   . LEU A 1 40 ? 6.336   -4.475  -6.714  1.00 3.92  ? 41  LEU A CB   1 
ATOM   694  C  CG   . LEU A 1 40 ? 6.476   -2.978  -6.998  1.00 6.22  ? 41  LEU A CG   1 
ATOM   695  C  CD1  . LEU A 1 40 ? 7.837   -2.514  -6.490  1.00 7.24  ? 41  LEU A CD1  1 
ATOM   696  C  CD2  . LEU A 1 40 ? 6.319   -2.662  -8.475  1.00 10.63 ? 41  LEU A CD2  1 
ATOM   697  H  H    . LEU A 1 40 ? 3.825   -4.211  -5.855  1.00 3.82  ? 41  LEU A H    1 
ATOM   698  H  HA   . LEU A 1 40 ? 5.015   -4.982  -8.236  1.00 4.29  ? 41  LEU A HA   1 
ATOM   699  H  HB2  . LEU A 1 40 ? 6.383   -4.616  -5.736  1.00 4.70  ? 41  LEU A HB2  1 
ATOM   700  H  HB3  . LEU A 1 40 ? 7.103   -4.948  -7.123  1.00 4.70  ? 41  LEU A HB3  1 
ATOM   701  H  HG   . LEU A 1 40 ? 5.765   -2.492  -6.493  1.00 7.47  ? 41  LEU A HG   1 
ATOM   702  H  HD11 . LEU A 1 40 ? 8.529   -2.755  -7.140  1.00 10.86 ? 41  LEU A HD11 1 
ATOM   703  H  HD12 . LEU A 1 40 ? 8.030   -2.946  -5.632  1.00 10.86 ? 41  LEU A HD12 1 
ATOM   704  H  HD13 . LEU A 1 40 ? 7.826   -1.541  -6.370  1.00 10.86 ? 41  LEU A HD13 1 
ATOM   705  H  HD21 . LEU A 1 40 ? 7.056   -3.069  -8.976  1.00 15.94 ? 41  LEU A HD21 1 
ATOM   706  H  HD22 . LEU A 1 40 ? 6.333   -1.690  -8.604  1.00 15.94 ? 41  LEU A HD22 1 
ATOM   707  H  HD23 . LEU A 1 40 ? 5.467   -3.022  -8.797  1.00 15.94 ? 41  LEU A HD23 1 
ATOM   708  N  N    . CYS A 1 41 ? 4.634   -7.027  -5.739  1.00 2.99  ? 42  CYS A N    1 
ATOM   709  C  CA   . CYS A 1 41 ? 4.786   -8.431  -5.354  1.00 2.95  ? 42  CYS A CA   1 
ATOM   710  C  C    . CYS A 1 41 ? 3.486   -9.104  -4.922  1.00 2.84  ? 42  CYS A C    1 
ATOM   711  O  O    . CYS A 1 41 ? 3.505   -10.304 -4.591  1.00 3.35  ? 42  CYS A O    1 
ATOM   712  C  CB   . CYS A 1 41 ? 5.852   -8.630  -4.265  1.00 3.03  ? 42  CYS A CB   1 
ATOM   713  S  SG   . CYS A 1 41 ? 5.257   -8.185  -2.575  1.00 3.07  ? 42  CYS A SG   1 
ATOM   714  H  H    . CYS A 1 41 ? 4.297   -6.449  -5.167  1.00 3.59  ? 42  CYS A H    1 
ATOM   715  H  HA   . CYS A 1 41 ? 5.108   -8.919  -6.165  1.00 3.54  ? 42  CYS A HA   1 
ATOM   716  H  HB2  . CYS A 1 41 ? 6.139   -9.578  -4.264  1.00 3.64  ? 42  CYS A HB2  1 
ATOM   717  H  HB3  . CYS A 1 41 ? 6.643   -8.076  -4.483  1.00 3.64  ? 42  CYS A HB3  1 
ATOM   718  N  N    . GLY A 1 42 ? 2.355   -8.387  -4.870  1.00 2.93  ? 43  GLY A N    1 
ATOM   719  C  CA   . GLY A 1 42 ? 1.095   -9.027  -4.524  1.00 3.34  ? 43  GLY A CA   1 
ATOM   720  C  C    . GLY A 1 42 ? 0.867   -9.305  -3.045  1.00 3.41  ? 43  GLY A C    1 
ATOM   721  O  O    . GLY A 1 42 ? -0.164  -9.904  -2.701  1.00 4.62  ? 43  GLY A O    1 
ATOM   722  H  H    . GLY A 1 42 ? 2.375   -7.525  -5.047  1.00 3.52  ? 43  GLY A H    1 
ATOM   723  H  HA2  . GLY A 1 42 ? 0.357   -8.453  -4.850  1.00 4.00  ? 43  GLY A HA2  1 
ATOM   724  H  HA3  . GLY A 1 42 ? 1.039   -9.886  -5.013  1.00 4.00  ? 43  GLY A HA3  1 
ATOM   725  N  N    . ALA A 1 43 ? 1.757   -8.848  -2.144  1.00 3.35  ? 44  ALA A N    1 
ATOM   726  C  CA   . ALA A 1 43 ? 1.549   -9.080  -0.715  1.00 3.76  ? 44  ALA A CA   1 
ATOM   727  C  C    . ALA A 1 43 ? 0.301   -8.295  -0.236  1.00 3.50  ? 44  ALA A C    1 
ATOM   728  O  O    . ALA A 1 43 ? 0.029   -7.177  -0.684  1.00 3.83  ? 44  ALA A O    1 
ATOM   729  C  CB   . ALA A 1 43 ? 2.769   -8.621  0.065   1.00 4.72  ? 44  ALA A CB   1 
ATOM   730  H  H    . ALA A 1 43 ? 2.469   -8.408  -2.416  1.00 4.02  ? 44  ALA A H    1 
ATOM   731  H  HA   . ALA A 1 43 ? 1.405   -10.057 -0.557  1.00 4.51  ? 44  ALA A HA   1 
ATOM   732  H  HB1  . ALA A 1 43 ? 3.579   -8.981  -0.355  1.00 7.08  ? 44  ALA A HB1  1 
ATOM   733  H  HB2  . ALA A 1 43 ? 2.708   -8.946  0.987   1.00 7.08  ? 44  ALA A HB2  1 
ATOM   734  H  HB3  . ALA A 1 43 ? 2.808   -7.642  0.065   1.00 7.08  ? 44  ALA A HB3  1 
ATOM   735  N  N    . PRO A 1 44 ? -0.426  -8.885  0.728   1.00 3.79  ? 45  PRO A N    1 
ATOM   736  C  CA   . PRO A 1 44 ? -1.669  -8.254  1.211   1.00 4.03  ? 45  PRO A CA   1 
ATOM   737  C  C    . PRO A 1 44 ? -1.361  -7.128  2.203   1.00 3.68  ? 45  PRO A C    1 
ATOM   738  O  O    . PRO A 1 44 ? -0.225  -6.918  2.658   1.00 3.80  ? 45  PRO A O    1 
ATOM   739  C  CB   . PRO A 1 44 ? -2.373  -9.465  1.915   1.00 5.53  ? 45  PRO A CB   1 
ATOM   740  C  CG   . PRO A 1 44 ? -1.220  -10.257 2.465   1.00 5.71  ? 45  PRO A CG   1 
ATOM   741  C  CD   . PRO A 1 44 ? -0.163  -10.196 1.352   1.00 4.73  ? 45  PRO A CD   1 
ATOM   742  H  HA   . PRO A 1 44 ? -2.218  -7.917  0.447   1.00 4.84  ? 45  PRO A HA   1 
ATOM   743  H  HB2  . PRO A 1 44 ? -2.974  -9.159  2.640   1.00 6.64  ? 45  PRO A HB2  1 
ATOM   744  H  HB3  . PRO A 1 44 ? -2.895  -10.000 1.266   1.00 6.64  ? 45  PRO A HB3  1 
ATOM   745  H  HG2  . PRO A 1 44 ? -0.877  -9.850  3.300   1.00 6.86  ? 45  PRO A HG2  1 
ATOM   746  H  HG3  . PRO A 1 44 ? -1.487  -11.192 2.649   1.00 6.86  ? 45  PRO A HG3  1 
ATOM   747  H  HD2  . PRO A 1 44 ? 0.753   -10.239 1.725   1.00 5.68  ? 45  PRO A HD2  1 
ATOM   748  H  HD3  . PRO A 1 44 ? -0.284  -10.933 0.702   1.00 5.68  ? 45  PRO A HD3  1 
ATOM   749  N  N    . LYS A 1 45 ? -2.438  -6.405  2.590   1.00 3.92  ? 46  LYS A N    1 
ATOM   750  C  CA   . LYS A 1 45 ? -2.297  -5.296  3.528   1.00 3.88  ? 46  LYS A CA   1 
ATOM   751  C  C    . LYS A 1 45 ? -1.631  -5.740  4.855   1.00 3.92  ? 46  LYS A C    1 
ATOM   752  O  O    . LYS A 1 45 ? -0.932  -4.938  5.471   1.00 4.29  ? 46  LYS A O    1 
ATOM   753  C  CB   . LYS A 1 45 ? -3.664  -4.650  3.818   1.00 4.04  ? 46  LYS A CB   1 
ATOM   754  C  CG   . LYS A 1 45 ? -4.204  -3.838  2.645   1.00 4.59  ? 46  LYS A CG   1 
ATOM   755  C  CD   . LYS A 1 45 ? -5.571  -3.157  2.922   1.00 4.58  ? 46  LYS A CD   1 
ATOM   756  C  CE   . LYS A 1 45 ? -5.456  -2.039  3.952   1.00 4.41  ? 46  LYS A CE   1 
ATOM   757  N  NZ   . LYS A 1 45 ? -6.812  -1.418  4.245   1.00 4.95  ? 46  LYS A NZ   1 
ATOM   758  H  H    . LYS A 1 45 ? -3.234  -6.607  2.271   1.00 4.70  ? 46  LYS A H    1 
ATOM   759  H  HA   . LYS A 1 45 ? -1.711  -4.605  3.104   1.00 4.66  ? 46  LYS A HA   1 
ATOM   760  H  HB2  . LYS A 1 45 ? -4.314  -5.362  4.043   1.00 4.85  ? 46  LYS A HB2  1 
ATOM   761  H  HB3  . LYS A 1 45 ? -3.579  -4.058  4.607   1.00 4.85  ? 46  LYS A HB3  1 
ATOM   762  H  HG2  . LYS A 1 45 ? -3.543  -3.141  2.410   1.00 5.51  ? 46  LYS A HG2  1 
ATOM   763  H  HG3  . LYS A 1 45 ? -4.300  -4.436  1.862   1.00 5.51  ? 46  LYS A HG3  1 
ATOM   764  H  HD2  . LYS A 1 45 ? -5.926  -2.786  2.076   1.00 5.50  ? 46  LYS A HD2  1 
ATOM   765  H  HD3  . LYS A 1 45 ? -6.212  -3.837  3.250   1.00 5.50  ? 46  LYS A HD3  1 
ATOM   766  H  HE2  . LYS A 1 45 ? -5.072  -2.401  4.789   1.00 5.29  ? 46  LYS A HE2  1 
ATOM   767  H  HE3  . LYS A 1 45 ? -4.842  -1.341  3.611   1.00 5.29  ? 46  LYS A HE3  1 
ATOM   768  H  HZ1  . LYS A 1 45 ? -7.147  -1.046  3.486   1.00 7.43  ? 46  LYS A HZ1  1 
ATOM   769  H  HZ2  . LYS A 1 45 ? -6.720  -0.776  4.883   1.00 7.43  ? 46  LYS A HZ2  1 
ATOM   770  H  HZ3  . LYS A 1 45 ? -7.382  -2.062  4.544   1.00 7.43  ? 46  LYS A HZ3  1 
ATOM   771  N  N    . SER A 1 46 ? -1.899  -6.988  5.275   1.00 4.06  ? 47  SER A N    1 
ATOM   772  C  CA   . SER A 1 46 ? -1.313  -7.515  6.505   1.00 4.30  ? 47  SER A CA   1 
ATOM   773  C  C    . SER A 1 46 ? 0.211   -7.621  6.472   1.00 4.46  ? 47  SER A C    1 
ATOM   774  O  O    . SER A 1 46 ? 0.821   -7.809  7.523   1.00 6.45  ? 47  SER A O    1 
ATOM   775  C  CB   . SER A 1 46 ? -1.944  -8.895  6.806   1.00 5.08  ? 47  SER A CB   1 
ATOM   776  O  OG   . SER A 1 46 ? -1.843  -9.727  5.668   1.00 6.16  ? 47  SER A OG   1 
ATOM   777  H  H    . SER A 1 46 ? -2.437  -7.498  4.801   1.00 4.87  ? 47  SER A H    1 
ATOM   778  H  HA   . SER A 1 46 ? -1.560  -6.896  7.252   1.00 5.16  ? 47  SER A HA   1 
ATOM   779  H  HB2  . SER A 1 46 ? -1.476  -9.316  7.570   1.00 6.09  ? 47  SER A HB2  1 
ATOM   780  H  HB3  . SER A 1 46 ? -2.896  -8.780  7.052   1.00 6.09  ? 47  SER A HB3  1 
ATOM   781  H  HG   . SER A 1 46 ? -1.045  -9.746  5.405   1.00 9.24  ? 47  SER A HG   1 
ATOM   782  N  N    . GLU A 1 47 ? 0.836   -7.503  5.285   1.00 4.15  ? 48  GLU A N    1 
ATOM   783  C  CA   . GLU A 1 47 ? 2.277   -7.551  5.141   1.00 4.42  ? 48  GLU A CA   1 
ATOM   784  C  C    . GLU A 1 47 ? 2.909   -6.173  4.947   1.00 4.63  ? 48  GLU A C    1 
ATOM   785  O  O    . GLU A 1 47 ? 4.078   -6.091  4.606   1.00 7.17  ? 48  GLU A O    1 
ATOM   786  C  CB   . GLU A 1 47 ? 2.673   -8.488  3.994   1.00 6.04  ? 48  GLU A CB   1 
ATOM   787  C  CG   . GLU A 1 47 ? 2.323   -9.974  4.320   1.00 7.75  ? 48  GLU A CG   1 
ATOM   788  C  CD   . GLU A 1 47 ? 3.105   -10.580 5.427   1.00 9.07  ? 48  GLU A CD   1 
ATOM   789  O  OE1  . GLU A 1 47 ? 4.223   -10.135 5.716   1.00 15.72 ? 48  GLU A OE1  1 
ATOM   790  O  OE2  . GLU A 1 47 ? 2.546   -11.487 6.106   1.00 11.20 ? 48  GLU A OE2  1 
ATOM   791  H  H    . GLU A 1 47 ? 0.345   -7.390  4.564   1.00 4.98  ? 48  GLU A H    1 
ATOM   792  H  HA   . GLU A 1 47 ? 2.651   -7.937  5.984   1.00 5.31  ? 48  GLU A HA   1 
ATOM   793  H  HB2  . GLU A 1 47 ? 2.199   -8.214  3.169   1.00 7.25  ? 48  GLU A HB2  1 
ATOM   794  H  HB3  . GLU A 1 47 ? 3.645   -8.409  3.827   1.00 7.25  ? 48  GLU A HB3  1 
ATOM   795  H  HG2  . GLU A 1 47 ? 1.362   -10.027 4.548   1.00 9.30  ? 48  GLU A HG2  1 
ATOM   796  H  HG3  . GLU A 1 47 ? 2.466   -10.516 3.503   1.00 9.30  ? 48  GLU A HG3  1 
ATOM   797  N  N    . PHE A 1 48 ? 2.156   -5.104  5.266   1.00 3.98  ? 49  PHE A N    1 
ATOM   798  C  CA   . PHE A 1 48 ? 2.698   -3.744  5.266   1.00 3.97  ? 49  PHE A CA   1 
ATOM   799  C  C    . PHE A 1 48 ? 2.877   -3.262  6.709   1.00 4.59  ? 49  PHE A C    1 
ATOM   800  O  O    . PHE A 1 48 ? 2.098   -3.607  7.599   1.00 7.28  ? 49  PHE A O    1 
ATOM   801  C  CB   . PHE A 1 48 ? 1.728   -2.776  4.536   1.00 3.89  ? 49  PHE A CB   1 
ATOM   802  C  CG   . PHE A 1 48 ? 1.900   -2.863  3.031   1.00 3.44  ? 49  PHE A CG   1 
ATOM   803  C  CD1  . PHE A 1 48 ? 1.423   -3.957  2.305   1.00 3.61  ? 49  PHE A CD1  1 
ATOM   804  C  CD2  . PHE A 1 48 ? 2.586   -1.855  2.346   1.00 3.42  ? 49  PHE A CD2  1 
ATOM   805  C  CE1  . PHE A 1 48 ? 1.669   -4.060  0.932   1.00 3.72  ? 49  PHE A CE1  1 
ATOM   806  C  CE2  . PHE A 1 48 ? 2.819   -1.943  0.980   1.00 3.62  ? 49  PHE A CE2  1 
ATOM   807  C  CZ   . PHE A 1 48 ? 2.360   -3.057  0.257   1.00 3.67  ? 49  PHE A CZ   1 
ATOM   808  H  H    . PHE A 1 48 ? 1.311   -5.226  5.480   1.00 4.78  ? 49  PHE A H    1 
ATOM   809  H  HA   . PHE A 1 48 ? 3.584   -3.739  4.802   1.00 4.76  ? 49  PHE A HA   1 
ATOM   810  H  HB2  . PHE A 1 48 ? 0.794   -3.004  4.774   1.00 4.66  ? 49  PHE A HB2  1 
ATOM   811  H  HB3  . PHE A 1 48 ? 1.901   -1.848  4.834   1.00 4.66  ? 49  PHE A HB3  1 
ATOM   812  H  HD1  . PHE A 1 48 ? 0.928   -4.637  2.747   1.00 4.34  ? 49  PHE A HD1  1 
ATOM   813  H  HD2  . PHE A 1 48 ? 2.898   -1.096  2.824   1.00 4.10  ? 49  PHE A HD2  1 
ATOM   814  H  HE1  . PHE A 1 48 ? 1.361   -4.822  0.455   1.00 4.46  ? 49  PHE A HE1  1 
ATOM   815  H  HE2  . PHE A 1 48 ? 3.289   -1.249  0.533   1.00 4.34  ? 49  PHE A HE2  1 
ATOM   816  H  HZ   . PHE A 1 48 ? 2.519   -3.124  -0.677  1.00 4.41  ? 49  PHE A HZ   1 
ATOM   817  N  N    . GLU A 1 49 ? 3.916   -2.459  6.926   1.00 4.49  ? 50  GLU A N    1 
ATOM   818  C  CA   . GLU A 1 49 ? 4.180   -1.901  8.251   1.00 4.94  ? 50  GLU A CA   1 
ATOM   819  C  C    . GLU A 1 49 ? 4.578   -0.428  8.092   1.00 4.30  ? 50  GLU A C    1 
ATOM   820  O  O    . GLU A 1 49 ? 5.387   -0.064  7.233   1.00 4.33  ? 50  GLU A O    1 
ATOM   821  C  CB   A GLU A 1 49 ? 5.196   -2.648  9.072   0.61 5.17  ? 50  GLU A CB   1 
ATOM   822  C  CB   B GLU A 1 49 ? 5.385   -2.690  8.797   0.39 6.34  ? 50  GLU A CB   1 
ATOM   823  C  CG   A GLU A 1 49 ? 5.224   -2.303  10.551  0.61 6.09  ? 50  GLU A CG   1 
ATOM   824  C  CG   B GLU A 1 49 ? 6.745   -2.726  8.175   0.39 7.28  ? 50  GLU A CG   1 
ATOM   825  C  CD   A GLU A 1 49 ? 4.046   -2.860  11.402  0.61 6.91  ? 50  GLU A CD   1 
ATOM   826  C  CD   B GLU A 1 49 ? 7.807   -3.681  8.857   0.39 17.89 ? 50  GLU A CD   1 
ATOM   827  O  OE1  A GLU A 1 49 ? 3.257   -3.705  10.905  0.61 10.13 ? 50  GLU A OE1  1 
ATOM   828  O  OE1  B GLU A 1 49 ? 7.415   -4.320  9.850   0.39 12.13 ? 50  GLU A OE1  1 
ATOM   829  O  OE2  A GLU A 1 49 ? 3.933   -2.451  12.516  0.61 5.91  ? 50  GLU A OE2  1 
ATOM   830  O  OE2  B GLU A 1 49 ? 8.869   -3.765  8.222   0.39 13.28 ? 50  GLU A OE2  1 
ATOM   831  H  H    . GLU A 1 49 ? 4.453   -2.260  6.258   1.00 5.38  ? 50  GLU A H    1 
ATOM   832  H  HA   A GLU A 1 49 ? 3.318   -1.921  8.758   1.00 5.93  ? 50  GLU A HA   1 
ATOM   833  H  HB2  A GLU A 1 49 ? 5.019   -3.618  8.981   0.61 6.20  ? 50  GLU A HB2  1 
ATOM   834  H  HB2  B GLU A 1 49 ? 5.518   -2.377  9.726   0.39 7.61  ? 50  GLU A HB2  1 
ATOM   835  H  HB3  A GLU A 1 49 ? 6.093   -2.472  8.693   0.61 6.20  ? 50  GLU A HB3  1 
ATOM   836  H  HB3  B GLU A 1 49 ? 5.089   -3.633  8.860   0.39 7.61  ? 50  GLU A HB3  1 
ATOM   837  H  HG2  A GLU A 1 49 ? 6.071   -2.644  10.934  0.61 7.30  ? 50  GLU A HG2  1 
ATOM   838  H  HG2  B GLU A 1 49 ? 6.645   -3.000  7.229   0.39 8.74  ? 50  GLU A HG2  1 
ATOM   839  H  HG3  A GLU A 1 49 ? 5.233   -1.318  10.641  0.61 7.30  ? 50  GLU A HG3  1 
ATOM   840  H  HG3  B GLU A 1 49 ? 7.110   -1.805  8.178   0.39 8.74  ? 50  GLU A HG3  1 
ATOM   841  N  N    . ARG A 1 50 ? 4.041   0.439   8.967   1.00 4.82  ? 51  ARG A N    1 
ATOM   842  C  CA   A ARG A 1 50 ? 4.441   1.856   8.963   0.74 4.89  ? 51  ARG A CA   1 
ATOM   843  C  CA   B ARG A 1 50 ? 4.415   1.829   8.845   0.26 5.26  ? 51  ARG A CA   1 
ATOM   844  C  C    . ARG A 1 50 ? 5.937   2.038   9.112   1.00 5.39  ? 51  ARG A C    1 
ATOM   845  O  O    . ARG A 1 50 ? 6.574   1.379   9.947   1.00 8.96  ? 51  ARG A O    1 
ATOM   846  C  CB   A ARG A 1 50 ? 3.834   2.641   10.147  0.74 4.33  ? 51  ARG A CB   1 
ATOM   847  C  CB   B ARG A 1 50 ? 3.230   2.381   9.723   0.26 4.96  ? 51  ARG A CB   1 
ATOM   848  C  CG   A ARG A 1 50 ? 2.342   2.869   9.901   0.74 4.63  ? 51  ARG A CG   1 
ATOM   849  C  CG   B ARG A 1 50 ? 3.427   3.902   9.655   0.26 5.06  ? 51  ARG A CG   1 
ATOM   850  C  CD   A ARG A 1 50 ? 2.059   4.086   9.060   0.74 4.90  ? 51  ARG A CD   1 
ATOM   851  C  CD   B ARG A 1 50 ? 2.333   4.660   10.331  0.26 5.67  ? 51  ARG A CD   1 
ATOM   852  N  NE   A ARG A 1 50 ? 2.391   5.354   9.746   0.74 5.66  ? 51  ARG A NE   1 
ATOM   853  N  NE   B ARG A 1 50 ? 2.687   6.066   10.285  0.26 5.61  ? 51  ARG A NE   1 
ATOM   854  C  CZ   A ARG A 1 50 ? 1.533   5.965   10.535  0.74 6.39  ? 51  ARG A CZ   1 
ATOM   855  C  CZ   B ARG A 1 50 ? 1.903   7.005   10.703  0.26 5.10  ? 51  ARG A CZ   1 
ATOM   856  N  NH1  A ARG A 1 50 ? 1.871   7.082   11.107  0.74 8.05  ? 51  ARG A NH1  1 
ATOM   857  N  NH1  B ARG A 1 50 ? 0.733   6.762   11.193  0.26 12.04 ? 51  ARG A NH1  1 
ATOM   858  N  NH2  A ARG A 1 50 ? 0.299   5.383   10.842  0.74 8.09  ? 51  ARG A NH2  1 
ATOM   859  N  NH2  B ARG A 1 50 ? 2.345   8.269   10.638  0.26 6.18  ? 51  ARG A NH2  1 
ATOM   860  H  H    . ARG A 1 50 ? 3.444   0.157   9.548   1.00 5.79  ? 51  ARG A H    1 
ATOM   861  H  HA   A ARG A 1 50 ? 4.145   2.277   8.106   0.74 5.87  ? 51  ARG A HA   1 
ATOM   862  H  HA   B ARG A 1 50 ? 4.238   2.103   7.900   0.26 6.31  ? 51  ARG A HA   1 
ATOM   863  H  HB2  A ARG A 1 50 ? 3.961   2.131   10.986  0.74 5.20  ? 51  ARG A HB2  1 
ATOM   864  H  HB2  B ARG A 1 50 ? 2.354   2.118   9.346   0.26 5.95  ? 51  ARG A HB2  1 
ATOM   865  H  HB3  A ARG A 1 50 ? 4.295   3.512   10.242  0.74 5.20  ? 51  ARG A HB3  1 
ATOM   866  H  HB3  B ARG A 1 50 ? 3.294   2.054   10.655  0.26 5.95  ? 51  ARG A HB3  1 
ATOM   867  H  HG2  A ARG A 1 50 ? 1.964   2.072   9.452   0.74 5.55  ? 51  ARG A HG2  1 
ATOM   868  H  HG2  B ARG A 1 50 ? 4.290   4.134   10.080  0.26 6.07  ? 51  ARG A HG2  1 
ATOM   869  H  HG3  A ARG A 1 50 ? 1.885   2.969   10.774  0.74 5.55  ? 51  ARG A HG3  1 
ATOM   870  H  HG3  B ARG A 1 50 ? 3.473   4.179   8.706   0.26 6.07  ? 51  ARG A HG3  1 
ATOM   871  H  HD2  A ARG A 1 50 ? 2.583   4.026   8.221   0.74 5.88  ? 51  ARG A HD2  1 
ATOM   872  H  HD2  B ARG A 1 50 ? 1.473   4.509   9.866   0.26 6.80  ? 51  ARG A HD2  1 
ATOM   873  H  HD3  A ARG A 1 50 ? 1.100   4.093   8.817   0.74 5.88  ? 51  ARG A HD3  1 
ATOM   874  H  HD3  B ARG A 1 50 ? 2.239   4.361   11.270  0.26 6.80  ? 51  ARG A HD3  1 
ATOM   875  H  HE   A ARG A 1 50 ? 3.186   5.711   9.621   0.74 6.79  ? 51  ARG A HE   1 
ATOM   876  H  HE   B ARG A 1 50 ? 3.472   6.290   9.957   0.26 6.73  ? 51  ARG A HE   1 
ATOM   877  H  HH11 A ARG A 1 50 ? 2.670   7.425   10.967  0.74 9.67  ? 51  ARG A HH11 1 
ATOM   878  H  HH11 B ARG A 1 50 ? 0.444   5.933   11.252  0.26 14.45 ? 51  ARG A HH11 1 
ATOM   879  H  HH12 A ARG A 1 50 ? 1.302   7.496   11.637  0.74 9.67  ? 51  ARG A HH12 1 
ATOM   880  H  HH12 B ARG A 1 50 ? 0.225   7.427   11.469  0.26 14.45 ? 51  ARG A HH12 1 
ATOM   881  H  HH21 A ARG A 1 50 ? -0.240  5.772   11.418  0.74 9.70  ? 51  ARG A HH21 1 
ATOM   882  H  HH21 B ARG A 1 50 ? 1.839   8.927   10.928  0.26 7.42  ? 51  ARG A HH21 1 
ATOM   883  H  HH22 A ARG A 1 50 ? 0.062   4.627   10.459  0.74 9.70  ? 51  ARG A HH22 1 
ATOM   884  H  HH22 B ARG A 1 50 ? 3.141   8.440   10.304  0.26 7.42  ? 51  ARG A HH22 1 
ATOM   885  N  N    . ILE A 1 51 ? 6.456   2.974   8.372   1.00 5.31  ? 52  ILE A N    1 
ATOM   886  C  CA   . ILE A 1 51 ? 7.863   3.417   8.490   1.00 7.96  ? 52  ILE A CA   1 
ATOM   887  C  C    . ILE A 1 51 ? 7.817   4.992   8.627   1.00 15.02 ? 52  ILE A C    1 
ATOM   888  O  O    . ILE A 1 51 ? 6.828   5.707   8.241   1.00 16.01 ? 52  ILE A O    1 
ATOM   889  C  CB   . ILE A 1 51 ? 8.706   3.139   7.304   1.00 9.30  ? 52  ILE A CB   1 
ATOM   890  C  CG1  . ILE A 1 51 ? 8.182   3.582   5.968   1.00 9.46  ? 52  ILE A CG1  1 
ATOM   891  C  CG2  . ILE A 1 51 ? 8.907   1.553   7.328   1.00 10.51 ? 52  ILE A CG2  1 
ATOM   892  C  CD1  . ILE A 1 51 ? 9.146   3.463   4.801   1.00 11.54 ? 52  ILE A CD1  1 
ATOM   893  H  H    . ILE A 1 51 ? 5.945   3.363   7.772   1.00 6.37  ? 52  ILE A H    1 
ATOM   894  H  HA   . ILE A 1 51 ? 8.280   3.016   9.305   1.00 9.55  ? 52  ILE A HA   1 
ATOM   895  H  HB   . ILE A 1 51 ? 9.597   3.569   7.447   1.00 11.16 ? 52  ILE A HB   1 
ATOM   896  H  HG12 . ILE A 1 51 ? 7.374   3.048   5.759   1.00 11.35 ? 52  ILE A HG12 1 
ATOM   897  H  HG13 . ILE A 1 51 ? 7.900   4.528   6.044   1.00 11.35 ? 52  ILE A HG13 1 
ATOM   898  H  HG21 . ILE A 1 51 ? 9.451   1.282   6.558   1.00 15.77 ? 52  ILE A HG21 1 
ATOM   899  H  HG22 . ILE A 1 51 ? 8.034   1.112   7.282   1.00 15.77 ? 52  ILE A HG22 1 
ATOM   900  H  HG23 . ILE A 1 51 ? 9.362   1.294   8.156   1.00 15.77 ? 52  ILE A HG23 1 
ATOM   901  H  HD11 . ILE A 1 51 ? 8.717   3.800   3.987   1.00 17.30 ? 52  ILE A HD11 1 
ATOM   902  H  HD12 . ILE A 1 51 ? 9.391   2.523   4.674   1.00 17.30 ? 52  ILE A HD12 1 
ATOM   903  H  HD13 . ILE A 1 51 ? 9.952   3.989   4.988   1.00 17.30 ? 52  ILE A HD13 1 
ATOM   904  N  N    . GLU A 1 52 ? 8.885   5.600   9.083   1.00 19.08 ? 53  GLU A N    1 
ATOM   905  C  CA   . GLU A 1 52 ? 9.035   7.136   9.002   1.00 41.14 ? 53  GLU A CA   1 
ATOM   906  C  C    . GLU A 1 52 ? 9.132   7.532   7.561   1.00 41.74 ? 53  GLU A C    1 
ATOM   907  O  O    . GLU A 1 52 ? 9.940   6.945   6.719   1.00 35.72 ? 53  GLU A O    1 
ATOM   908  C  CB   . GLU A 1 52 ? 10.145  7.702   9.901   1.00 34.95 ? 53  GLU A CB   1 
ATOM   909  C  CG   . GLU A 1 52 ? 9.466   7.875   11.320  1.00 73.05 ? 53  GLU A CG   1 
ATOM   910  C  CD   . GLU A 1 52 ? 10.496  8.230   12.356  1.00 26.78 ? 53  GLU A CD   1 
ATOM   911  O  OE1  . GLU A 1 52 ? 10.027  8.107   13.481  1.00 18.90 ? 53  GLU A OE1  1 
ATOM   912  O  OE2  . GLU A 1 52 ? 11.656  8.674   11.935  1.00 49.67 ? 53  GLU A OE2  1 
ATOM   913  O  OXT  . GLU A 1 52 ? 8.310   8.435   7.200   1.00 74.85 ? 53  GLU A OXT  1 
ATOM   914  H  H    . GLU A 1 52 ? 9.531   5.123   9.442   1.00 22.90 ? 53  GLU A H    1 
ATOM   915  H  HA   . GLU A 1 52 ? 8.177   7.520   9.342   1.00 49.37 ? 53  GLU A HA   1 
ATOM   916  H  HB2  . GLU A 1 52 ? 10.910  7.076   9.952   1.00 41.94 ? 53  GLU A HB2  1 
ATOM   917  H  HB3  . GLU A 1 52 ? 10.466  8.573   9.557   1.00 41.94 ? 53  GLU A HB3  1 
ATOM   918  H  HG2  . GLU A 1 52 ? 8.782   8.590   11.275  1.00 87.66 ? 53  GLU A HG2  1 
ATOM   919  H  HG3  . GLU A 1 52 ? 9.015   7.033   11.576  1.00 87.66 ? 53  GLU A HG3  1 
HETATM 920  FE FE   . FE  B 2 .  ? 5.656   -5.985  -2.143  1.00 2.83  ? 54  FE  A FE   1 
HETATM 921  O  O    . HOH C 3 .  ? 3.694   5.068   -2.829  1.00 3.86  ? 55  HOH A O    1 
HETATM 922  O  O    . HOH C 3 .  ? -3.002  -5.507  -10.835 1.00 16.06 ? 56  HOH A O    1 
HETATM 923  O  O    . HOH C 3 .  ? -2.068  -2.705  -6.255  1.00 4.28  ? 57  HOH A O    1 
HETATM 924  O  O    . HOH C 3 .  ? 2.420   4.015   -5.297  1.00 4.03  ? 58  HOH A O    1 
HETATM 925  O  O    . HOH C 3 .  ? -4.746  -2.761  -12.321 1.00 5.89  ? 59  HOH A O    1 
HETATM 926  O  O    . HOH C 3 .  ? 0.283   2.874   -9.127  1.00 4.71  ? 60  HOH A O    1 
HETATM 927  O  O    . HOH C 3 .  ? -1.544  -4.368  -8.418  1.00 5.71  ? 61  HOH A O    1 
HETATM 928  O  O    . HOH C 3 .  ? -4.934  -7.277  1.167   1.00 6.88  ? 62  HOH A O    1 
HETATM 929  O  O    . HOH C 3 .  ? 2.525   10.516  3.507   1.00 7.89  ? 63  HOH A O    1 
HETATM 930  O  O    . HOH C 3 .  ? -8.456  8.108   2.344   1.00 9.15  ? 64  HOH A O    1 
HETATM 931  O  O    . HOH C 3 .  ? -0.194  -11.873 6.210   1.00 8.82  ? 65  HOH A O    1 
HETATM 932  O  O    . HOH C 3 .  ? 0.963   9.823   -7.233  1.00 7.38  ? 66  HOH A O    1 
HETATM 933  O  O    . HOH C 3 .  ? 14.328  -4.320  -1.453  1.00 9.99  ? 67  HOH A O    1 
HETATM 934  O  O    A HOH C 3 .  ? 0.858   -2.800  -10.419 0.50 3.94  ? 68  HOH A O    1 
HETATM 935  O  O    B HOH C 3 .  ? 0.369   -4.287  -10.451 0.50 10.72 ? 68  HOH A O    1 
HETATM 936  O  O    . HOH C 3 .  ? -0.003  -6.572  -7.693  1.00 6.66  ? 69  HOH A O    1 
HETATM 937  O  O    . HOH C 3 .  ? -4.428  -4.162  -5.733  1.00 8.18  ? 70  HOH A O    1 
HETATM 938  O  O    . HOH C 3 .  ? 12.962  0.127   -1.237  1.00 9.10  ? 71  HOH A O    1 
HETATM 939  O  O    . HOH C 3 .  ? 0.737   15.944  -0.484  1.00 9.37  ? 72  HOH A O    1 
HETATM 940  O  O    A HOH C 3 .  ? 9.829   -1.486  1.466   0.50 5.10  ? 73  HOH A O    1 
HETATM 941  O  O    B HOH C 3 .  ? 9.291   -2.425  1.269   0.50 6.39  ? 73  HOH A O    1 
HETATM 942  O  O    . HOH C 3 .  ? 7.308   8.772   -0.496  1.00 17.32 ? 74  HOH A O    1 
HETATM 943  O  O    . HOH C 3 .  ? 1.623   -1.293  -12.792 1.00 9.78  ? 75  HOH A O    1 
HETATM 944  O  O    . HOH C 3 .  ? -1.980  -11.670 -1.894  1.00 15.15 ? 76  HOH A O    1 
HETATM 945  O  O    . HOH C 3 .  ? -6.309  -9.844  -3.666  1.00 14.82 ? 77  HOH A O    1 
HETATM 946  O  O    . HOH C 3 .  ? -6.584  -7.241  -5.784  1.00 14.89 ? 78  HOH A O    1 
HETATM 947  O  O    . HOH C 3 .  ? 1.264   11.345  7.661   1.00 13.85 ? 79  HOH A O    1 
HETATM 948  O  O    . HOH C 3 .  ? -2.375  10.724  4.975   1.00 14.84 ? 80  HOH A O    1 
HETATM 949  O  O    A HOH C 3 .  ? 0.289   -6.066  -10.430 0.50 7.22  ? 81  HOH A O    1 
HETATM 950  O  O    B HOH C 3 .  ? 1.199   -6.411  -9.763  0.50 5.67  ? 81  HOH A O    1 
HETATM 951  O  O    A HOH C 3 .  ? -0.447  14.131  -4.785  0.50 22.17 ? 82  HOH A O    1 
HETATM 952  O  O    B HOH C 3 .  ? -0.990  13.964  -2.978  0.50 47.06 ? 82  HOH A O    1 
HETATM 953  O  O    . HOH C 3 .  ? -8.498  -3.204  5.485   1.00 17.21 ? 83  HOH A O    1 
HETATM 954  O  O    A HOH C 3 .  ? 0.468   12.821  -6.747  0.50 7.89  ? 84  HOH A O    1 
HETATM 955  O  O    B HOH C 3 .  ? 1.130   12.185  -5.797  0.50 9.60  ? 84  HOH A O    1 
HETATM 956  O  O    . HOH C 3 .  ? -0.583  -3.886  8.105   1.00 16.89 ? 85  HOH A O    1 
HETATM 957  O  O    . HOH C 3 .  ? -6.542  12.470  -5.469  1.00 22.40 ? 86  HOH A O    1 
HETATM 958  O  O    . HOH C 3 .  ? -5.747  6.417   -10.817 1.00 33.42 ? 87  HOH A O    1 
HETATM 959  O  O    A HOH C 3 .  ? 4.606   12.003  3.899   0.50 9.53  ? 88  HOH A O    1 
HETATM 960  O  O    B HOH C 3 .  ? 4.561   10.950  5.482   0.50 20.52 ? 88  HOH A O    1 
HETATM 961  O  O    . HOH C 3 .  ? -0.917  2.248   -17.345 1.00 17.20 ? 89  HOH A O    1 
HETATM 962  O  O    A HOH C 3 .  ? -2.741  8.956   7.867   0.50 9.84  ? 90  HOH A O    1 
HETATM 963  O  O    B HOH C 3 .  ? -2.307  7.434   8.346   0.50 16.14 ? 90  HOH A O    1 
HETATM 964  O  O    . HOH C 3 .  ? 1.212   0.078   -16.361 1.00 25.89 ? 91  HOH A O    1 
HETATM 965  O  O    . HOH C 3 .  ? -1.217  5.180   8.115   1.00 19.39 ? 92  HOH A O    1 
HETATM 966  O  O    . HOH C 3 .  ? -11.503 4.430   7.456   1.00 33.09 ? 93  HOH A O    1 
HETATM 967  O  O    . HOH C 3 .  ? -9.319  5.566   -2.893  1.00 22.20 ? 94  HOH A O    1 
HETATM 968  O  O    . HOH C 3 .  ? -11.475 -5.569  -1.333  1.00 18.22 ? 95  HOH A O    1 
HETATM 969  O  O    A HOH C 3 .  ? 10.363  -3.755  1.955   1.00 6.19  ? 96  HOH A O    1 
HETATM 970  O  O    . HOH C 3 .  ? -10.864 -0.956  3.638   1.00 23.98 ? 97  HOH A O    1 
HETATM 971  O  O    . HOH C 3 .  ? -0.045  12.769  4.791   1.00 25.07 ? 98  HOH A O    1 
HETATM 972  O  O    . HOH C 3 .  ? -5.103  -3.492  7.483   1.00 19.91 ? 99  HOH A O    1 
HETATM 973  O  O    . HOH C 3 .  ? 8.549   -0.534  10.131  1.00 29.30 ? 100 HOH A O    1 
HETATM 974  O  O    . HOH C 3 .  ? -10.979 8.170   6.134   1.00 39.72 ? 101 HOH A O    1 
HETATM 975  O  O    . HOH C 3 .  ? -12.306 2.533   4.860   1.00 37.03 ? 102 HOH A O    1 
HETATM 976  O  O    . HOH C 3 .  ? -5.107  -6.270  6.892   1.00 41.39 ? 103 HOH A O    1 
HETATM 977  O  O    . HOH C 3 .  ? 13.984  2.661   -0.910  1.00 9.13  ? 104 HOH A O    1 
HETATM 978  O  O    . HOH C 3 .  ? -4.473  -6.621  -7.434  1.00 11.19 ? 105 HOH A O    1 
HETATM 979  O  O    . HOH C 3 .  ? 15.003  -1.609  -1.820  1.00 13.31 ? 106 HOH A O    1 
HETATM 980  O  O    . HOH C 3 .  ? -13.088 5.537   9.075   1.00 16.95 ? 107 HOH A O    1 
HETATM 981  O  O    . HOH C 3 .  ? -1.359  14.934  5.260   1.00 23.15 ? 108 HOH A O    1 
HETATM 982  O  O    . HOH C 3 .  ? 16.991  -5.245  -0.986  1.00 16.84 ? 109 HOH A O    1 
HETATM 983  O  O    . HOH C 3 .  ? -5.140  8.913   -9.561  1.00 16.13 ? 110 HOH A O    1 
HETATM 984  O  O    . HOH C 3 .  ? -8.602  -11.063 -4.701  1.00 29.37 ? 111 HOH A O    1 
HETATM 985  O  O    . HOH C 3 .  ? -8.583  -10.944 -7.862  1.00 22.55 ? 112 HOH A O    1 
HETATM 986  O  O    . HOH C 3 .  ? -3.333  11.782  7.353   1.00 21.57 ? 113 HOH A O    1 
HETATM 987  O  O    A HOH C 3 .  ? -11.040 6.924   10.210  0.50 11.62 ? 114 HOH A O    1 
HETATM 988  O  O    B HOH C 3 .  ? -10.012 7.874   9.976   0.50 14.72 ? 114 HOH A O    1 
HETATM 989  O  O    . HOH C 3 .  ? 12.538  -0.470  1.493   1.00 26.94 ? 115 HOH A O    1 
HETATM 990  O  O    . HOH C 3 .  ? -1.788  17.205  -0.946  1.00 28.72 ? 116 HOH A O    1 
HETATM 991  O  O    . HOH C 3 .  ? -10.022 3.529   -1.490  1.00 31.47 ? 117 HOH A O    1 
HETATM 992  O  O    A HOH C 3 .  ? -11.305 9.599   8.976   0.50 14.93 ? 118 HOH A O    1 
HETATM 993  O  O    B HOH C 3 .  ? -10.408 10.858  9.969   0.50 47.14 ? 118 HOH A O    1 
HETATM 994  O  O    . HOH C 3 .  ? -11.144 10.853  5.358   1.00 29.31 ? 119 HOH A O    1 
HETATM 995  O  O    . HOH C 3 .  ? -10.057 8.621   -9.562  1.00 34.50 ? 120 HOH A O    1 
HETATM 996  O  O    . HOH C 3 .  ? -10.927 -8.364  -5.619  1.00 25.89 ? 121 HOH A O    1 
HETATM 997  O  O    . HOH C 3 .  ? 3.924   -2.325  -13.889 1.00 31.44 ? 122 HOH A O    1 
HETATM 998  O  O    . HOH C 3 .  ? -2.891  -4.584  7.690   1.00 38.46 ? 123 HOH A O    1 
HETATM 999  O  O    . HOH C 3 .  ? -3.186  -6.469  9.254   1.00 24.84 ? 124 HOH A O    1 
HETATM 1000 O  O    . HOH C 3 .  ? 13.078  -4.061  1.096   1.00 25.06 ? 125 HOH A O    1 
HETATM 1001 O  O    . HOH C 3 .  ? -7.696  11.288  -2.417  1.00 28.93 ? 126 HOH A O    1 
HETATM 1002 O  O    . HOH C 3 .  ? -3.907  11.445  2.784   1.00 38.17 ? 127 HOH A O    1 
HETATM 1003 O  O    . HOH C 3 .  ? 11.072  -6.304  5.442   1.00 30.69 ? 128 HOH A O    1 
HETATM 1004 O  O    A HOH C 3 .  ? -7.176  10.196  -9.159  0.50 14.82 ? 129 HOH A O    1 
HETATM 1005 O  O    B HOH C 3 .  ? -8.903  10.488  -8.630  0.50 15.26 ? 129 HOH A O    1 
HETATM 1006 O  O    A HOH C 3 .  ? 3.131   -7.645  -9.877  0.50 20.37 ? 130 HOH A O    1 
HETATM 1007 O  O    B HOH C 3 .  ? 3.303   -7.251  -10.828 0.50 19.01 ? 130 HOH A O    1 
HETATM 1008 O  O    . HOH C 3 .  ? -6.323  -1.055  7.111   1.00 6.66  ? 131 HOH A O    1 
HETATM 1009 O  O    . HOH C 3 .  ? -11.184 7.360   12.637  1.00 46.10 ? 132 HOH A O    1 
HETATM 1010 O  O    . HOH C 3 .  ? -1.024  15.467  2.983   1.00 22.81 ? 133 HOH A O    1 
HETATM 1011 O  O    . HOH C 3 .  ? 4.451   6.879   8.370   1.00 10.07 ? 134 HOH A O    1 
HETATM 1012 O  O    . HOH C 3 .  ? -14.754 6.347   10.495  1.00 40.19 ? 135 HOH A O    1 
HETATM 1013 O  O    A HOH C 3 .  ? -1.113  -4.118  -10.734 1.00 4.91  ? 136 HOH A O    1 
HETATM 1014 O  O    . HOH C 3 .  ? -11.023 0.458   5.840   1.00 10.32 ? 137 HOH A O    1 
# 
loop_
_atom_site_anisotrop.id 
_atom_site_anisotrop.type_symbol 
_atom_site_anisotrop.pdbx_label_atom_id 
_atom_site_anisotrop.pdbx_label_alt_id 
_atom_site_anisotrop.pdbx_label_comp_id 
_atom_site_anisotrop.pdbx_label_asym_id 
_atom_site_anisotrop.pdbx_label_seq_id 
_atom_site_anisotrop.pdbx_PDB_ins_code 
_atom_site_anisotrop.U[1][1] 
_atom_site_anisotrop.U[2][2] 
_atom_site_anisotrop.U[3][3] 
_atom_site_anisotrop.U[1][2] 
_atom_site_anisotrop.U[1][3] 
_atom_site_anisotrop.U[2][3] 
_atom_site_anisotrop.pdbx_auth_seq_id 
_atom_site_anisotrop.pdbx_auth_comp_id 
_atom_site_anisotrop.pdbx_auth_asym_id 
_atom_site_anisotrop.pdbx_auth_atom_id 
1    N  N   . ALA A 1  ? 0.0563 0.0590 0.0584 0.0006  -0.0016 -0.0202 2   ALA A N   
2    C  CA  . ALA A 1  ? 0.0693 0.0978 0.0480 0.0244  -0.0109 -0.0272 2   ALA A CA  
3    C  C   . ALA A 1  ? 0.0535 0.0512 0.0394 -0.0052 -0.0002 -0.0082 2   ALA A C   
4    O  O   . ALA A 1  ? 0.0713 0.0549 0.0365 0.0011  -0.0079 -0.0073 2   ALA A O   
5    C  CB  . ALA A 1  ? 0.1643 0.2131 0.0498 0.1074  0.0438  0.0420  2   ALA A CB  
13   N  N   . LYS A 2  ? 0.0620 0.0512 0.0382 0.0016  -0.0080 -0.0137 3   LYS A N   
14   C  CA  A LYS A 2  ? 0.0636 0.0427 0.0336 -0.0062 -0.0044 -0.0104 3   LYS A CA  
15   C  CA  B LYS A 2  ? 0.0713 0.0423 0.0243 0.0095  -0.0113 -0.0162 3   LYS A CA  
16   C  C   . LYS A 2  ? 0.0559 0.0489 0.0351 -0.0039 -0.0015 -0.0048 3   LYS A C   
17   O  O   . LYS A 2  ? 0.0958 0.0555 0.0372 -0.0020 -0.0118 -0.0077 3   LYS A O   
18   C  CB  A LYS A 2  ? 0.0580 0.0421 0.0551 0.0009  0.0005  -0.0101 3   LYS A CB  
19   C  CB  B LYS A 2  ? 0.1358 0.1035 0.1315 -0.0337 0.0845  -0.0124 3   LYS A CB  
20   C  CG  A LYS A 2  ? 0.0690 0.0497 0.0689 -0.0091 0.0091  -0.0051 3   LYS A CG  
21   C  CG  B LYS A 2  ? 0.0894 0.1121 0.0956 -0.0499 -0.0368 -0.0084 3   LYS A CG  
22   C  CD  A LYS A 2  ? 0.0879 0.0650 0.1031 -0.0040 0.0274  0.0141  3   LYS A CD  
23   C  CD  B LYS A 2  ? 0.0904 0.0475 0.0538 0.0057  -0.0070 0.0120  3   LYS A CD  
24   C  CE  A LYS A 2  ? 0.0863 0.0570 0.0880 -0.0056 0.0018  0.0105  3   LYS A CE  
25   C  CE  B LYS A 2  ? 0.0854 0.0612 0.0463 -0.0057 0.0239  0.0008  3   LYS A CE  
26   N  NZ  A LYS A 2  ? 0.0993 0.0686 0.1200 -0.0126 0.0108  0.0165  3   LYS A NZ  
27   N  NZ  B LYS A 2  ? 0.0502 0.0514 0.0679 -0.0010 -0.0016 -0.0048 3   LYS A NZ  
53   N  N   . LEU A 3  ? 0.0498 0.0397 0.0319 -0.0014 0.0019  -0.0015 4   LEU A N   
54   C  CA  . LEU A 3  ? 0.0494 0.0401 0.0305 0.0014  0.0013  -0.0012 4   LEU A CA  
55   C  C   . LEU A 3  ? 0.0547 0.0478 0.0309 0.0034  0.0029  -0.0001 4   LEU A C   
56   O  O   . LEU A 3  ? 0.0984 0.0836 0.0290 0.0398  0.0060  0.0010  4   LEU A O   
57   C  CB  . LEU A 3  ? 0.0531 0.0509 0.0320 -0.0069 0.0009  -0.0034 4   LEU A CB  
58   C  CG  . LEU A 3  ? 0.0479 0.0877 0.0318 -0.0059 0.0025  -0.0114 4   LEU A CG  
59   C  CD1 . LEU A 3  ? 0.0489 0.0731 0.0651 0.0019  0.0025  -0.0076 4   LEU A CD1 
60   C  CD2 . LEU A 3  ? 0.0504 0.1316 0.0450 -0.0015 0.0046  0.0273  4   LEU A CD2 
72   N  N   . SER A 4  ? 0.0580 0.0443 0.0309 0.0052  0.0013  -0.0072 5   SER A N   
73   C  CA  . SER A 4  ? 0.0509 0.0421 0.0404 -0.0008 0.0053  -0.0080 5   SER A CA  
74   C  C   . SER A 4  ? 0.0500 0.0447 0.0367 0.0013  0.0055  -0.0061 5   SER A C   
75   O  O   . SER A 4  ? 0.0750 0.0551 0.0382 -0.0083 0.0110  -0.0066 5   SER A O   
76   C  CB  A SER A 4  ? 0.0499 0.0708 0.0717 0.0060  -0.0041 -0.0106 5   SER A CB  
77   C  CB  B SER A 4  ? 0.0454 0.1304 0.0158 0.0082  0.0016  -0.0286 5   SER A CB  
78   C  CB  C SER A 4  ? 0.0533 0.0912 0.0848 0.0115  -0.0114 -0.0354 5   SER A CB  
79   O  OG  A SER A 4  ? 0.0612 0.1298 0.1221 0.0356  -0.0092 -0.0533 5   SER A OG  
80   O  OG  B SER A 4  ? 0.0536 0.0692 0.1579 0.0057  -0.0014 -0.0704 5   SER A OG  
81   O  OG  C SER A 4  ? 0.1714 0.2744 0.0739 0.0890  -0.0557 -0.0370 5   SER A OG  
93   N  N   . CYS A 5  ? 0.0549 0.0365 0.0350 -0.0004 0.0055  -0.0057 6   CYS A N   
94   C  CA  . CYS A 5  ? 0.0496 0.0377 0.0346 0.0035  0.0024  -0.0049 6   CYS A CA  
95   C  C   . CYS A 5  ? 0.0467 0.0489 0.0378 0.0055  0.0034  -0.0050 6   CYS A C   
96   O  O   . CYS A 5  ? 0.0478 0.0637 0.0774 0.0060  0.0089  0.0024  6   CYS A O   
97   C  CB  . CYS A 5  ? 0.0580 0.0371 0.0356 0.0018  0.0007  -0.0035 6   CYS A CB  
98   S  SG  . CYS A 5  ? 0.0551 0.0366 0.0356 0.0046  -0.0030 -0.0036 6   CYS A SG  
103  N  N   . LYS A 6  ? 0.0519 0.0530 0.0371 0.0102  0.0005  0.0002  7   LYS A N   
104  C  CA  . LYS A 6  ? 0.0664 0.0724 0.0378 0.0219  -0.0105 -0.0055 7   LYS A CA  
105  C  C   A LYS A 6  ? 0.0802 0.0469 0.0391 0.0226  -0.0011 0.0026  7   LYS A C   
106  C  C   B LYS A 6  ? 0.0414 0.0809 0.0681 0.0179  -0.0125 -0.0164 7   LYS A C   
107  O  O   A LYS A 6  ? 0.0574 0.0772 0.0846 0.0331  -0.0215 -0.0110 7   LYS A O   
108  O  O   B LYS A 6  ? 0.0662 0.1852 0.0790 0.0524  -0.0022 0.0080  7   LYS A O   
109  C  CB  . LYS A 6  ? 0.0994 0.0995 0.0596 0.0295  0.0003  0.0297  7   LYS A CB  
110  C  CG  . LYS A 6  ? 0.2008 0.2911 0.0557 0.0816  0.0151  0.0259  7   LYS A CG  
111  C  CD  . LYS A 6  ? 0.2772 0.4915 0.1353 0.0811  0.0922  0.0730  7   LYS A CD  
127  N  N   A ILE A 7  ? 0.0570 0.0339 0.0345 0.0063  -0.0004 0.0033  8   ILE A N   
128  N  N   B ILE A 7  ? 0.0631 0.0554 0.0480 0.0226  0.0007  0.0060  8   ILE A N   
129  C  CA  A ILE A 7  ? 0.0498 0.0352 0.0368 0.0072  -0.0030 0.0057  8   ILE A CA  
130  C  CA  B ILE A 7  ? 0.0494 0.0488 0.0446 0.0137  -0.0059 0.0024  8   ILE A CA  
131  C  C   A ILE A 7  ? 0.0420 0.0382 0.0341 0.0057  -0.0058 -0.0013 8   ILE A C   
132  C  C   B ILE A 7  ? 0.0546 0.0396 0.0477 0.0205  -0.0073 0.0063  8   ILE A C   
133  O  O   A ILE A 7  ? 0.0457 0.0298 0.0456 0.0069  -0.0001 0.0022  8   ILE A O   
134  O  O   B ILE A 7  ? 0.1200 0.0631 0.0410 0.0406  -0.0009 -0.0088 8   ILE A O   
135  C  CB  A ILE A 7  ? 0.0549 0.0452 0.0491 -0.0069 -0.0100 0.0076  8   ILE A CB  
136  C  CB  B ILE A 7  ? 0.0611 0.0464 0.0589 0.0165  -0.0002 0.0108  8   ILE A CB  
137  C  CG1 A ILE A 7  ? 0.0762 0.0749 0.0618 -0.0187 0.0100  0.0007  8   ILE A CG1 
138  C  CG1 B ILE A 7  ? 0.0541 0.0422 0.0559 0.0071  -0.0130 0.0015  8   ILE A CG1 
139  C  CG2 A ILE A 7  ? 0.1108 0.0540 0.0707 -0.0294 0.0030  -0.0105 8   ILE A CG2 
140  C  CG2 B ILE A 7  ? 0.0867 0.0660 0.0597 -0.0057 -0.0258 0.0182  8   ILE A CG2 
141  C  CD1 A ILE A 7  ? 0.1438 0.1150 0.0632 -0.0299 0.0089  0.0406  8   ILE A CD1 
142  C  CD1 B ILE A 7  ? 0.0668 0.0480 0.0647 0.0044  -0.0023 -0.0028 8   ILE A CD1 
165  N  N   A CYS A 8  ? 0.0260 0.0363 0.0445 0.0105  0.0022  0.0048  9   CYS A N   
166  N  N   B CYS A 8  ? 0.0165 0.0403 0.0460 0.0083  -0.0070 -0.0035 9   CYS A N   
167  C  CA  . CYS A 8  ? 0.0395 0.0349 0.0476 0.0072  0.0029  -0.0002 9   CYS A CA  
168  C  C   . CYS A 8  ? 0.0403 0.0399 0.0460 0.0037  0.0018  -0.0005 9   CYS A C   
169  O  O   . CYS A 8  ? 0.0924 0.0521 0.0518 -0.0119 0.0111  -0.0094 9   CYS A O   
170  C  CB  . CYS A 8  ? 0.0490 0.0357 0.0468 0.0103  -0.0023 -0.0020 9   CYS A CB  
171  S  SG  . CYS A 8  ? 0.0435 0.0317 0.0542 0.0024  -0.0058 0.0026  9   CYS A SG  
177  N  N   . GLY A 9  ? 0.0506 0.0376 0.0566 0.0028  0.0094  -0.0021 10  GLY A N   
178  C  CA  . GLY A 9  ? 0.0435 0.0403 0.0762 -0.0004 0.0067  0.0038  10  GLY A CA  
179  C  C   . GLY A 9  ? 0.0465 0.0364 0.0421 -0.0008 0.0042  0.0010  10  GLY A C   
180  O  O   . GLY A 9  ? 0.0528 0.0360 0.0563 -0.0057 0.0002  0.0029  10  GLY A O   
184  N  N   . TYR A 10 ? 0.0450 0.0319 0.0466 0.0014  0.0016  -0.0007 11  TYR A N   
185  C  CA  . TYR A 10 ? 0.0445 0.0309 0.0379 0.0015  0.0015  0.0011  11  TYR A CA  
186  C  C   . TYR A 10 ? 0.0391 0.0346 0.0349 -0.0035 0.0024  0.0027  11  TYR A C   
187  O  O   . TYR A 10 ? 0.0576 0.0388 0.0374 0.0005  -0.0002 0.0071  11  TYR A O   
188  C  CB  . TYR A 10 ? 0.0496 0.0320 0.0510 0.0002  -0.0050 -0.0022 11  TYR A CB  
189  C  CG  . TYR A 10 ? 0.0451 0.0312 0.0399 -0.0031 -0.0047 -0.0034 11  TYR A CG  
190  C  CD1 . TYR A 10 ? 0.0437 0.0428 0.0415 -0.0015 0.0023  0.0027  11  TYR A CD1 
191  C  CD2 . TYR A 10 ? 0.0528 0.0343 0.0378 -0.0064 -0.0008 -0.0011 11  TYR A CD2 
192  C  CE1 . TYR A 10 ? 0.0437 0.0431 0.0393 -0.0005 -0.0020 0.0017  11  TYR A CE1 
193  C  CE2 . TYR A 10 ? 0.0448 0.0444 0.0387 -0.0067 0.0021  -0.0044 11  TYR A CE2 
194  C  CZ  . TYR A 10 ? 0.0421 0.0364 0.0389 -0.0010 -0.0022 -0.0051 11  TYR A CZ  
195  O  OH  . TYR A 10 ? 0.0446 0.0493 0.0520 0.0062  0.0028  0.0002  11  TYR A OH  
205  N  N   . ILE A 11 ? 0.0404 0.0329 0.0297 -0.0019 0.0040  0.0019  12  ILE A N   
206  C  CA  . ILE A 11 ? 0.0406 0.0369 0.0320 -0.0017 0.0021  -0.0023 12  ILE A CA  
207  C  C   . ILE A 11 ? 0.0403 0.0326 0.0315 -0.0010 0.0025  -0.0041 12  ILE A C   
208  O  O   . ILE A 11 ? 0.0475 0.0457 0.0352 0.0053  0.0059  0.0054  12  ILE A O   
209  C  CB  . ILE A 11 ? 0.0429 0.0474 0.0523 -0.0053 -0.0044 -0.0144 12  ILE A CB  
210  C  CG1 . ILE A 11 ? 0.0510 0.0826 0.0815 0.0046  -0.0173 -0.0294 12  ILE A CG1 
211  C  CG2 . ILE A 11 ? 0.0664 0.0629 0.0695 -0.0034 -0.0060 -0.0334 12  ILE A CG2 
212  C  CD1 . ILE A 11 ? 0.0561 0.1472 0.2657 -0.0172 -0.0244 -0.0507 12  ILE A CD1 
224  N  N   . TYR A 12 ? 0.0409 0.0392 0.0288 0.0008  0.0017  -0.0003 13  TYR A N   
225  C  CA  . TYR A 12 ? 0.0408 0.0372 0.0307 -0.0011 0.0005  -0.0030 13  TYR A CA  
226  C  C   . TYR A 12 ? 0.0384 0.0370 0.0310 -0.0012 0.0006  -0.0039 13  TYR A C   
227  O  O   . TYR A 12 ? 0.0580 0.0437 0.0305 0.0023  0.0000  -0.0044 13  TYR A O   
228  C  CB  . TYR A 12 ? 0.0417 0.0363 0.0406 -0.0016 0.0034  -0.0003 13  TYR A CB  
229  C  CG  . TYR A 12 ? 0.0417 0.0348 0.0356 -0.0034 0.0034  -0.0010 13  TYR A CG  
230  C  CD1 . TYR A 12 ? 0.0420 0.0434 0.0373 -0.0034 0.0030  -0.0065 13  TYR A CD1 
231  C  CD2 . TYR A 12 ? 0.0406 0.0460 0.0315 -0.0011 0.0021  -0.0041 13  TYR A CD2 
232  C  CE1 . TYR A 12 ? 0.0460 0.0465 0.0335 -0.0024 0.0009  -0.0037 13  TYR A CE1 
233  C  CE2 . TYR A 12 ? 0.0429 0.0425 0.0326 0.0003  0.0034  -0.0038 13  TYR A CE2 
234  C  CZ  . TYR A 12 ? 0.0394 0.0421 0.0358 -0.0023 0.0007  -0.0007 13  TYR A CZ  
235  O  OH  . TYR A 12 ? 0.0480 0.0535 0.0392 0.0082  -0.0014 -0.0020 13  TYR A OH  
245  N  N   . ASP A 13 ? 0.0523 0.0357 0.0299 -0.0036 0.0021  -0.0044 14  ASP A N   
246  C  CA  . ASP A 13 ? 0.0509 0.0382 0.0370 -0.0053 -0.0001 -0.0064 14  ASP A CA  
247  C  C   . ASP A 13 ? 0.0522 0.0324 0.0356 -0.0024 -0.0026 -0.0058 14  ASP A C   
248  O  O   . ASP A 13 ? 0.0602 0.0359 0.0347 -0.0025 -0.0049 -0.0035 14  ASP A O   
249  C  CB  . ASP A 13 ? 0.0609 0.0421 0.0499 -0.0134 0.0061  -0.0071 14  ASP A CB  
250  C  CG  . ASP A 13 ? 0.0829 0.0466 0.0586 -0.0201 0.0108  -0.0130 14  ASP A CG  
251  O  OD1 . ASP A 13 ? 0.0622 0.0460 0.0759 -0.0062 -0.0041 -0.0186 14  ASP A OD1 
252  O  OD2 . ASP A 13 ? 0.1362 0.0651 0.1396 -0.0498 0.0701  -0.0409 14  ASP A OD2 
257  N  N   . GLU A 14 ? 0.0489 0.0392 0.0344 -0.0024 -0.0036 -0.0029 15  GLU A N   
258  C  CA  . GLU A 14 ? 0.0475 0.0416 0.0383 -0.0032 -0.0035 -0.0056 15  GLU A CA  
259  C  C   . GLU A 14 ? 0.0568 0.0451 0.0411 -0.0038 -0.0064 -0.0046 15  GLU A C   
260  O  O   . GLU A 14 ? 0.0607 0.0586 0.0597 -0.0041 -0.0127 0.0092  15  GLU A O   
261  C  CB  . GLU A 14 ? 0.0502 0.0472 0.0410 -0.0029 -0.0009 -0.0079 15  GLU A CB  
262  C  CG  . GLU A 14 ? 0.0507 0.0531 0.0403 -0.0058 0.0040  -0.0075 15  GLU A CG  
263  C  CD  . GLU A 14 ? 0.0508 0.0735 0.0410 -0.0099 0.0003  -0.0142 15  GLU A CD  
264  O  OE1 . GLU A 14 ? 0.0737 0.0845 0.0528 -0.0141 0.0084  -0.0274 15  GLU A OE1 
265  O  OE2 . GLU A 14 ? 0.0813 0.0998 0.0389 -0.0344 0.0062  -0.0078 15  GLU A OE2 
272  N  N   . ASP A 15 ? 0.0606 0.0372 0.0448 -0.0042 -0.0061 -0.0034 16  ASP A N   
273  C  CA  . ASP A 15 ? 0.0751 0.0369 0.0525 -0.0034 -0.0071 -0.0026 16  ASP A CA  
274  C  C   . ASP A 15 ? 0.0812 0.0380 0.0512 -0.0104 -0.0089 0.0018  16  ASP A C   
275  O  O   . ASP A 15 ? 0.1485 0.0536 0.0587 0.0066  -0.0179 0.0063  16  ASP A O   
276  C  CB  . ASP A 15 ? 0.0979 0.0393 0.0580 -0.0176 -0.0018 -0.0045 16  ASP A CB  
277  C  CG  . ASP A 15 ? 0.1153 0.0409 0.0643 -0.0156 0.0068  -0.0070 16  ASP A CG  
278  O  OD1 . ASP A 15 ? 0.2094 0.0690 0.0593 0.0008  0.0139  -0.0051 16  ASP A OD1 
279  O  OD2 . ASP A 15 ? 0.1303 0.0761 0.0880 0.0026  0.0267  -0.0074 16  ASP A OD2 
284  N  N   . GLU A 16 ? 0.0618 0.0409 0.0413 -0.0121 -0.0033 -0.0019 17  GLU A N   
285  C  CA  . GLU A 16 ? 0.0572 0.0453 0.0394 -0.0150 -0.0012 0.0014  17  GLU A CA  
286  C  C   . GLU A 16 ? 0.0538 0.0420 0.0387 -0.0099 -0.0026 0.0022  17  GLU A C   
287  O  O   . GLU A 16 ? 0.0669 0.0542 0.0383 -0.0168 -0.0061 0.0059  17  GLU A O   
288  C  CB  . GLU A 16 ? 0.0542 0.0500 0.0476 -0.0161 0.0042  -0.0017 17  GLU A CB  
289  C  CG  . GLU A 16 ? 0.0609 0.0699 0.0682 -0.0266 0.0116  -0.0143 17  GLU A CG  
290  C  CD  . GLU A 16 ? 0.0804 0.0572 0.1270 -0.0243 0.0465  0.0003  17  GLU A CD  
291  O  OE1 . GLU A 16 ? 0.1438 0.1025 0.0942 -0.0022 0.0441  0.0161  17  GLU A OE1 
292  O  OE2 . GLU A 16 ? 0.1208 0.0568 0.1641 -0.0213 0.0325  -0.0105 17  GLU A OE2 
299  N  N   . GLY A 17 ? 0.0482 0.0435 0.0337 -0.0082 -0.0024 -0.0022 18  GLY A N   
300  C  CA  . GLY A 17 ? 0.0428 0.0418 0.0370 -0.0073 -0.0018 -0.0005 18  GLY A CA  
301  C  C   . GLY A 17 ? 0.0397 0.0402 0.0335 -0.0061 -0.0026 0.0013  18  GLY A C   
302  O  O   . GLY A 17 ? 0.0409 0.0528 0.0413 -0.0018 -0.0054 -0.0072 18  GLY A O   
306  N  N   . ASP A 18 ? 0.0414 0.0413 0.0396 -0.0057 -0.0043 -0.0036 19  ASP A N   
307  C  CA  . ASP A 18 ? 0.0442 0.0452 0.0359 -0.0063 -0.0059 -0.0032 19  ASP A CA  
308  C  C   . ASP A 18 ? 0.0468 0.0414 0.0353 -0.0081 -0.0033 -0.0003 19  ASP A C   
309  O  O   . ASP A 18 ? 0.0418 0.0451 0.0393 -0.0106 -0.0060 -0.0003 19  ASP A O   
310  C  CB  . ASP A 18 ? 0.0553 0.0444 0.0367 -0.0022 -0.0067 -0.0003 19  ASP A CB  
311  C  CG  . ASP A 18 ? 0.0512 0.0414 0.0376 -0.0015 -0.0067 0.0017  19  ASP A CG  
312  O  OD1 . ASP A 18 ? 0.0550 0.0469 0.0496 -0.0038 0.0020  -0.0003 19  ASP A OD1 
313  O  OD2 . ASP A 18 ? 0.0811 0.0432 0.0424 -0.0067 0.0051  0.0050  19  ASP A OD2 
318  N  N   . PRO A 19 ? 0.0567 0.0441 0.0407 -0.0148 -0.0039 0.0020  20  PRO A N   
319  C  CA  . PRO A 19 ? 0.0730 0.0496 0.0452 -0.0107 -0.0100 0.0096  20  PRO A CA  
320  C  C   . PRO A 19 ? 0.0704 0.0554 0.0397 -0.0110 -0.0117 0.0110  20  PRO A C   
321  O  O   . PRO A 19 ? 0.0771 0.0691 0.0534 -0.0033 -0.0237 0.0034  20  PRO A O   
322  C  CB  A PRO A 19 ? 0.1299 0.0479 0.0579 -0.0078 -0.0055 0.0152  20  PRO A CB  
323  C  CB  B PRO A 19 ? 0.1511 0.0621 0.0652 -0.0569 -0.0405 0.0105  20  PRO A CB  
324  C  CG  A PRO A 19 ? 0.1057 0.0590 0.0548 -0.0330 0.0017  0.0055  20  PRO A CG  
325  C  CG  B PRO A 19 ? 0.1295 0.0423 0.0919 -0.0426 -0.0648 0.0316  20  PRO A CG  
326  C  CD  A PRO A 19 ? 0.0756 0.0465 0.0397 -0.0276 -0.0001 -0.0022 20  PRO A CD  
327  C  CD  B PRO A 19 ? 0.0507 0.0542 0.1312 -0.0166 -0.0070 0.0084  20  PRO A CD  
341  N  N   . ASP A 20 ? 0.0646 0.0634 0.0398 -0.0170 -0.0062 0.0010  21  ASP A N   
342  C  CA  . ASP A 20 ? 0.0681 0.0709 0.0406 -0.0146 -0.0028 -0.0029 21  ASP A CA  
343  C  C   . ASP A 20 ? 0.0578 0.0614 0.0406 -0.0078 -0.0097 -0.0055 21  ASP A C   
344  O  O   . ASP A 20 ? 0.0777 0.0829 0.0420 -0.0142 -0.0143 -0.0131 21  ASP A O   
345  C  CB  . ASP A 20 ? 0.0685 0.0953 0.0714 -0.0217 0.0127  -0.0230 21  ASP A CB  
346  C  CG  . ASP A 20 ? 0.1034 0.0925 0.0973 -0.0163 0.0291  -0.0080 21  ASP A CG  
347  O  OD1 . ASP A 20 ? 0.1433 0.1161 0.1240 -0.0005 0.0285  -0.0445 21  ASP A OD1 
348  O  OD2 . ASP A 20 ? 0.1854 0.1492 0.0758 0.0007  0.0250  0.0058  21  ASP A OD2 
353  N  N   . ASN A 21 ? 0.0486 0.0523 0.0416 -0.0051 -0.0142 -0.0033 22  ASN A N   
354  C  CA  . ASN A 21 ? 0.0467 0.0543 0.0473 -0.0056 -0.0114 -0.0034 22  ASN A CA  
355  C  C   . ASN A 21 ? 0.0435 0.0569 0.0668 -0.0054 -0.0108 -0.0025 22  ASN A C   
356  O  O   . ASN A 21 ? 0.0508 0.0684 0.1650 -0.0047 0.0163  0.0148  22  ASN A O   
357  C  CB  . ASN A 21 ? 0.0550 0.0573 0.0504 -0.0049 -0.0095 0.0010  22  ASN A CB  
358  C  CG  . ASN A 21 ? 0.0565 0.0532 0.0540 0.0005  -0.0161 -0.0006 22  ASN A CG  
359  O  OD1 . ASN A 21 ? 0.0647 0.0777 0.0695 0.0127  -0.0238 -0.0189 22  ASN A OD1 
360  N  ND2 . ASN A 21 ? 0.0570 0.0578 0.0560 0.0040  -0.0146 -0.0051 22  ASN A ND2 
367  N  N   . GLY A 22 ? 0.0474 0.0563 0.0503 -0.0062 -0.0146 -0.0088 23  GLY A N   
368  C  CA  . GLY A 22 ? 0.0457 0.0655 0.0664 -0.0045 -0.0195 -0.0154 23  GLY A CA  
369  C  C   . GLY A 22 ? 0.0391 0.0528 0.0644 -0.0064 -0.0137 -0.0065 23  GLY A C   
370  O  O   . GLY A 22 ? 0.0425 0.0807 0.0854 -0.0015 -0.0098 -0.0232 23  GLY A O   
374  N  N   . ILE A 23 ? 0.0398 0.0473 0.0458 -0.0055 -0.0075 -0.0032 24  ILE A N   
375  C  CA  . ILE A 23 ? 0.0431 0.0473 0.0430 -0.0054 -0.0026 -0.0009 24  ILE A CA  
376  C  C   . ILE A 23 ? 0.0462 0.0476 0.0370 -0.0020 -0.0067 0.0017  24  ILE A C   
377  O  O   . ILE A 23 ? 0.0488 0.0477 0.0475 -0.0102 -0.0036 0.0051  24  ILE A O   
378  C  CB  . ILE A 23 ? 0.0568 0.0501 0.0438 -0.0064 -0.0040 0.0032  24  ILE A CB  
379  C  CG1 . ILE A 23 ? 0.0916 0.0514 0.0526 -0.0176 -0.0106 0.0056  24  ILE A CG1 
380  C  CG2 . ILE A 23 ? 0.0753 0.0565 0.0441 -0.0135 -0.0057 0.0047  24  ILE A CG2 
381  C  CD1 . ILE A 23 ? 0.0978 0.0923 0.0585 -0.0433 -0.0223 0.0159  24  ILE A CD1 
393  N  N   . SER A 24 ? 0.0503 0.0467 0.0565 -0.0012 -0.0118 -0.0001 25  SER A N   
394  C  CA  . SER A 24 ? 0.0724 0.0445 0.0533 0.0007  -0.0165 0.0055  25  SER A CA  
395  C  C   . SER A 24 ? 0.0557 0.0410 0.0499 0.0009  -0.0059 0.0032  25  SER A C   
396  O  O   . SER A 24 ? 0.0591 0.0459 0.0479 -0.0068 -0.0057 0.0061  25  SER A O   
397  C  CB  A SER A 24 ? 0.0810 0.0388 0.1116 -0.0037 -0.0359 0.0011  25  SER A CB  
398  C  CB  B SER A 24 ? 0.1038 0.0631 0.1113 0.0322  -0.0509 -0.0043 25  SER A CB  
399  C  CB  C SER A 24 ? 0.0559 0.0540 0.3031 -0.0103 -0.0515 0.1041  25  SER A CB  
400  O  OG  A SER A 24 ? 0.0870 0.0847 0.1221 0.0029  -0.0494 0.0252  25  SER A OG  
401  O  OG  B SER A 24 ? 0.1025 0.1320 0.1462 0.0483  -0.0100 -0.0316 25  SER A OG  
402  O  OG  C SER A 24 ? 0.0786 0.0275 0.0612 -0.0254 0.0068  -0.0024 25  SER A OG  
414  N  N   . PRO A 25 ? 0.0603 0.0545 0.0521 -0.0087 -0.0062 0.0060  26  PRO A N   
415  C  CA  . PRO A 25 ? 0.0642 0.0454 0.0620 -0.0085 -0.0059 0.0056  26  PRO A CA  
416  C  C   . PRO A 25 ? 0.0662 0.0353 0.0580 -0.0008 -0.0105 0.0047  26  PRO A C   
417  O  O   . PRO A 25 ? 0.0743 0.0592 0.0690 0.0142  -0.0139 0.0042  26  PRO A O   
418  C  CB  . PRO A 25 ? 0.0864 0.0686 0.0787 -0.0267 0.0043  0.0152  26  PRO A CB  
419  C  CG  . PRO A 25 ? 0.0907 0.0872 0.0710 -0.0230 0.0031  0.0206  26  PRO A CG  
420  C  CD  . PRO A 25 ? 0.0921 0.0640 0.0615 -0.0092 0.0048  0.0149  26  PRO A CD  
428  N  N   . GLY A 26 ? 0.0692 0.0416 0.0554 -0.0013 -0.0111 0.0031  27  GLY A N   
429  C  CA  . GLY A 26 ? 0.0941 0.0436 0.0594 0.0002  -0.0078 -0.0046 27  GLY A CA  
430  C  C   . GLY A 26 ? 0.1067 0.0498 0.0586 -0.0008 0.0031  -0.0051 27  GLY A C   
431  O  O   . GLY A 26 ? 0.2378 0.0818 0.0784 -0.0283 0.0539  -0.0241 27  GLY A O   
435  N  N   . THR A 27 ? 0.0658 0.0477 0.0495 0.0058  0.0035  0.0041  28  THR A N   
436  C  CA  . THR A 27 ? 0.0570 0.0522 0.0418 0.0065  0.0002  0.0019  28  THR A CA  
437  C  C   . THR A 27 ? 0.0525 0.0466 0.0403 0.0049  0.0039  -0.0016 28  THR A C   
438  O  O   . THR A 27 ? 0.0484 0.0561 0.0417 0.0045  0.0037  -0.0019 28  THR A O   
439  C  CB  . THR A 27 ? 0.0566 0.0550 0.0416 0.0013  -0.0019 0.0045  28  THR A CB  
440  O  OG1 . THR A 27 ? 0.0600 0.0797 0.0468 0.0043  -0.0048 0.0126  28  THR A OG1 
441  C  CG2 . THR A 27 ? 0.0659 0.0642 0.0488 -0.0079 0.0019  0.0060  28  THR A CG2 
449  N  N   . LYS A 28 ? 0.0551 0.0529 0.0442 0.0108  0.0078  0.0055  29  LYS A N   
450  C  CA  . LYS A 28 ? 0.0548 0.0539 0.0417 0.0034  0.0042  0.0017  29  LYS A CA  
451  C  C   . LYS A 28 ? 0.0461 0.0526 0.0398 -0.0005 0.0062  0.0027  29  LYS A C   
452  O  O   . LYS A 28 ? 0.0503 0.0560 0.0425 0.0001  -0.0039 0.0039  29  LYS A O   
453  C  CB  . LYS A 28 ? 0.0771 0.0718 0.0429 0.0081  0.0084  -0.0037 29  LYS A CB  
454  C  CG  . LYS A 28 ? 0.1603 0.0915 0.0718 0.0443  0.0151  -0.0192 29  LYS A CG  
455  C  CD  . LYS A 28 ? 0.1934 0.2420 0.1506 0.0730  0.0122  -0.1089 29  LYS A CD  
456  C  CE  . LYS A 28 ? 0.1571 0.4487 0.1465 0.0876  0.0114  -0.0370 29  LYS A CE  
457  N  NZ  . LYS A 28 ? 0.3001 0.4462 0.1856 0.2353  0.1012  0.0566  29  LYS A NZ  
471  N  N   . PHE A 29 ? 0.0455 0.0473 0.0434 -0.0022 -0.0003 0.0013  30  PHE A N   
472  C  CA  . PHE A 29 ? 0.0469 0.0485 0.0421 0.0035  -0.0043 -0.0017 30  PHE A CA  
473  C  C   . PHE A 29 ? 0.0501 0.0479 0.0416 0.0023  -0.0087 0.0039  30  PHE A C   
474  O  O   . PHE A 29 ? 0.0509 0.0550 0.0520 -0.0009 -0.0089 -0.0024 30  PHE A O   
475  C  CB  . PHE A 29 ? 0.0506 0.0478 0.0603 0.0043  -0.0137 -0.0086 30  PHE A CB  
476  C  CG  . PHE A 29 ? 0.0464 0.0523 0.0657 0.0048  -0.0145 -0.0070 30  PHE A CG  
477  C  CD1 . PHE A 29 ? 0.0578 0.0712 0.0765 0.0079  -0.0214 -0.0201 30  PHE A CD1 
478  C  CD2 . PHE A 29 ? 0.0585 0.0581 0.0768 -0.0002 -0.0156 0.0037  30  PHE A CD2 
479  C  CE1 . PHE A 29 ? 0.0652 0.0765 0.1062 0.0149  -0.0299 -0.0333 30  PHE A CE1 
480  C  CE2 . PHE A 29 ? 0.0671 0.0622 0.1253 -0.0046 -0.0275 0.0072  30  PHE A CE2 
481  C  CZ  . PHE A 29 ? 0.0733 0.0509 0.1357 -0.0048 -0.0375 -0.0074 30  PHE A CZ  
491  N  N   . GLU A 30 ? 0.0554 0.0565 0.0377 -0.0047 -0.0002 0.0023  31  GLU A N   
492  C  CA  . GLU A 30 ? 0.0627 0.0699 0.0465 -0.0085 0.0031  0.0109  31  GLU A CA  
493  C  C   . GLU A 30 ? 0.0571 0.0758 0.0538 -0.0152 0.0044  0.0042  31  GLU A C   
494  O  O   . GLU A 30 ? 0.0828 0.1349 0.0814 -0.0537 -0.0071 0.0253  31  GLU A O   
495  C  CB  . GLU A 30 ? 0.0677 0.1057 0.0434 -0.0062 0.0111  0.0099  31  GLU A CB  
496  C  CG  . GLU A 30 ? 0.0824 0.1057 0.0519 0.0110  0.0074  -0.0057 31  GLU A CG  
497  C  CD  . GLU A 30 ? 0.1465 0.1783 0.0473 0.0733  0.0092  0.0027  31  GLU A CD  
498  O  OE1 . GLU A 30 ? 0.2192 0.2727 0.1690 0.1130  0.1363  0.0886  31  GLU A OE1 
499  O  OE2 . GLU A 30 ? 0.2747 0.1888 0.0797 0.1284  -0.0680 -0.0565 31  GLU A OE2 
506  N  N   . ASP A 31 ? 0.0471 0.0608 0.0541 -0.0018 0.0027  0.0009  32  ASP A N   
507  C  CA  . ASP A 31 ? 0.0483 0.0764 0.0606 0.0019  -0.0045 -0.0034 32  ASP A CA  
508  C  C   . ASP A 31 ? 0.0546 0.0743 0.0600 0.0021  -0.0122 -0.0005 32  ASP A C   
509  O  O   . ASP A 31 ? 0.0721 0.1178 0.0774 0.0148  -0.0319 -0.0210 32  ASP A O   
510  C  CB  . ASP A 31 ? 0.0611 0.0804 0.0646 0.0146  -0.0081 -0.0044 32  ASP A CB  
511  C  CG  . ASP A 31 ? 0.0640 0.0873 0.1093 0.0149  0.0159  -0.0086 32  ASP A CG  
512  O  OD1 . ASP A 31 ? 0.1358 0.1131 0.1646 0.0029  0.0779  -0.0200 32  ASP A OD1 
513  O  OD2 . ASP A 31 ? 0.1395 0.0888 0.1647 0.0053  0.0704  -0.0201 32  ASP A OD2 
518  N  N   . LEU A 32 ? 0.0586 0.0600 0.0472 -0.0011 -0.0086 0.0001  33  LEU A N   
519  C  CA  . LEU A 32 ? 0.0609 0.0548 0.0434 -0.0072 -0.0061 0.0020  33  LEU A CA  
520  C  C   . LEU A 32 ? 0.0562 0.0652 0.0466 -0.0108 0.0007  0.0014  33  LEU A C   
521  O  O   . LEU A 32 ? 0.0671 0.0765 0.0478 -0.0167 -0.0001 0.0096  33  LEU A O   
522  C  CB  . LEU A 32 ? 0.0590 0.0501 0.0437 -0.0080 -0.0020 0.0038  33  LEU A CB  
523  C  CG  . LEU A 32 ? 0.0559 0.0491 0.0439 -0.0069 -0.0034 0.0019  33  LEU A CG  
524  C  CD1 . LEU A 32 ? 0.0601 0.0556 0.0563 -0.0060 -0.0077 0.0036  33  LEU A CD1 
525  C  CD2 . LEU A 32 ? 0.0660 0.0801 0.0520 -0.0150 -0.0065 0.0199  33  LEU A CD2 
537  N  N   . PRO A 33 ? 0.0594 0.0663 0.0507 -0.0121 -0.0034 0.0033  34  PRO A N   
538  C  CA  A PRO A 33 ? 0.0494 0.0744 0.0598 -0.0079 -0.0027 -0.0096 34  PRO A CA  
539  C  CA  B PRO A 33 ? 0.0680 0.0836 0.0661 -0.0301 -0.0076 0.0047  34  PRO A CA  
540  C  C   A PRO A 33 ? 0.0411 0.0673 0.0529 -0.0198 0.0114  0.0033  34  PRO A C   
541  C  C   B PRO A 33 ? 0.0566 0.0626 0.0590 -0.0208 0.0088  -0.0089 34  PRO A C   
542  O  O   A PRO A 33 ? 0.0355 0.0679 0.0583 -0.0180 0.0069  -0.0121 34  PRO A O   
543  O  O   B PRO A 33 ? 0.0758 0.0688 0.0603 -0.0200 0.0250  -0.0004 34  PRO A O   
544  C  CB  A PRO A 33 ? 0.0415 0.0803 0.0843 0.0049  -0.0162 -0.0077 34  PRO A CB  
545  C  CB  B PRO A 33 ? 0.1493 0.1043 0.0754 -0.0622 -0.0466 0.0031  34  PRO A CB  
546  C  CG  A PRO A 33 ? 0.0627 0.0840 0.0523 -0.0003 -0.0122 -0.0006 34  PRO A CG  
547  C  CG  B PRO A 33 ? 0.1848 0.1175 0.0787 -0.0695 -0.0766 0.0215  34  PRO A CG  
548  C  CD  A PRO A 33 ? 0.0498 0.0847 0.0429 0.0045  -0.0101 -0.0015 34  PRO A CD  
549  C  CD  B PRO A 33 ? 0.1137 0.0665 0.0555 -0.0201 -0.0275 0.0092  34  PRO A CD  
564  N  N   A ASP A 34 ? 0.0784 0.0859 0.0954 0.0092  0.0452  0.0258  35  ASP A N   
565  N  N   B ASP A 34 ? 0.0548 0.0626 0.0797 -0.0254 0.0221  -0.0045 35  ASP A N   
566  C  CA  A ASP A 34 ? 0.0963 0.0846 0.1125 0.0001  0.0530  0.0361  35  ASP A CA  
567  C  CA  B ASP A 34 ? 0.0640 0.0933 0.0824 -0.0252 0.0163  0.0214  35  ASP A CA  
568  C  C   A ASP A 34 ? 0.0908 0.0635 0.0846 -0.0003 0.0163  0.0194  35  ASP A C   
569  C  C   B ASP A 34 ? 0.0663 0.0621 0.0982 -0.0139 0.0024  0.0252  35  ASP A C   
570  O  O   A ASP A 34 ? 0.1472 0.1058 0.0922 0.0475  0.0101  0.0369  35  ASP A O   
571  O  O   B ASP A 34 ? 0.0730 0.0873 0.1214 -0.0038 -0.0042 0.0430  35  ASP A O   
572  C  CB  A ASP A 34 ? 0.0845 0.0966 0.0968 -0.0236 0.0266  0.0180  35  ASP A CB  
573  C  CB  B ASP A 34 ? 0.1474 0.0629 0.2078 -0.0358 0.0869  0.0168  35  ASP A CB  
574  C  CG  A ASP A 34 ? 0.4803 0.4768 0.1409 -0.3470 0.2003  -0.1415 35  ASP A CG  
575  C  CG  B ASP A 34 ? 0.0986 0.1670 0.1670 -0.0402 0.0739  0.0302  35  ASP A CG  
576  O  OD1 A ASP A 34 ? 0.7912 0.7571 0.3254 -0.6436 0.4107  -0.3875 35  ASP A OD1 
577  O  OD1 B ASP A 34 ? 0.1186 0.1968 0.0912 -0.0320 0.0465  0.0116  35  ASP A OD1 
578  O  OD2 A ASP A 34 ? 0.2964 0.6475 0.2131 -0.2696 0.1749  -0.1790 35  ASP A OD2 
579  O  OD2 B ASP A 34 ? 0.1100 0.3234 0.2178 -0.0814 0.0635  0.0842  35  ASP A OD2 
588  N  N   A ASP A 35 ? 0.0492 0.0521 0.0975 0.0049  0.0052  0.0178  36  ASP A N   
589  N  N   B ASP A 35 ? 0.0533 0.0398 0.0961 -0.0098 0.0030  0.0160  36  ASP A N   
590  C  CA  A ASP A 35 ? 0.0509 0.0467 0.0906 0.0051  -0.0064 0.0062  36  ASP A CA  
591  C  CA  B ASP A 35 ? 0.0581 0.0534 0.1354 -0.0180 0.0248  -0.0054 36  ASP A CA  
592  C  C   A ASP A 35 ? 0.0395 0.0673 0.0818 0.0040  -0.0130 -0.0159 36  ASP A C   
593  C  C   B ASP A 35 ? 0.0453 0.0511 0.0866 -0.0077 -0.0017 -0.0044 36  ASP A C   
594  O  O   A ASP A 35 ? 0.0707 0.1101 0.0957 -0.0271 0.0165  -0.0438 36  ASP A O   
595  O  O   B ASP A 35 ? 0.0771 0.0476 0.1185 -0.0153 0.0225  -0.0240 36  ASP A O   
596  C  CB  A ASP A 35 ? 0.0511 0.0584 0.1239 -0.0070 -0.0168 -0.0056 36  ASP A CB  
597  C  CB  B ASP A 35 ? 0.0719 0.0939 0.2454 -0.0218 0.0185  -0.0881 36  ASP A CB  
598  C  CG  A ASP A 35 ? 0.0802 0.0890 0.0855 0.0104  -0.0263 -0.0039 36  ASP A CG  
599  C  CG  B ASP A 35 ? 0.0653 0.0734 0.5716 -0.0348 0.0314  -0.0501 36  ASP A CG  
600  O  OD1 A ASP A 35 ? 0.1072 0.0698 0.1405 0.0025  -0.0654 0.0122  36  ASP A OD1 
601  O  OD1 B ASP A 35 ? 0.3078 0.9859 0.5968 -0.4777 0.2436  -0.5764 36  ASP A OD1 
602  O  OD2 A ASP A 35 ? 0.1052 0.1347 0.1412 0.0053  -0.0572 -0.0386 36  ASP A OD2 
603  O  OD2 B ASP A 35 ? 0.4325 0.2117 0.4697 -0.2078 0.2780  -0.0784 36  ASP A OD2 
612  N  N   A TRP A 36 ? 0.0352 0.0586 0.0591 0.0052  -0.0021 -0.0068 37  TRP A N   
613  N  N   B TRP A 36 ? 0.0433 0.0462 0.0750 -0.0012 0.0096  -0.0055 37  TRP A N   
614  C  CA  . TRP A 36 ? 0.0387 0.1067 0.0510 -0.0046 0.0027  -0.0063 37  TRP A CA  
615  C  C   . TRP A 36 ? 0.0429 0.0772 0.0457 -0.0093 -0.0015 -0.0040 37  TRP A C   
616  O  O   . TRP A 36 ? 0.0591 0.0894 0.0456 -0.0106 0.0039  0.0055  37  TRP A O   
617  C  CB  . TRP A 36 ? 0.0447 0.0899 0.0637 0.0030  0.0144  0.0062  37  TRP A CB  
618  C  CG  . TRP A 36 ? 0.0443 0.0741 0.0525 0.0081  0.0061  0.0091  37  TRP A CG  
619  C  CD1 . TRP A 36 ? 0.0545 0.0710 0.0531 0.0104  -0.0005 0.0072  37  TRP A CD1 
620  C  CD2 . TRP A 36 ? 0.0488 0.0552 0.0395 0.0053  0.0070  0.0049  37  TRP A CD2 
621  N  NE1 . TRP A 36 ? 0.0637 0.0540 0.0439 0.0046  0.0024  0.0058  37  TRP A NE1 
622  C  CE2 . TRP A 36 ? 0.0555 0.0489 0.0401 0.0056  0.0087  0.0012  37  TRP A CE2 
623  C  CE3 . TRP A 36 ? 0.0569 0.0620 0.0466 0.0020  0.0069  0.0109  37  TRP A CE3 
624  C  CZ2 . TRP A 36 ? 0.0560 0.0424 0.0513 -0.0044 0.0059  0.0003  37  TRP A CZ2 
625  C  CZ3 . TRP A 36 ? 0.0589 0.0634 0.0541 0.0064  -0.0087 0.0076  37  TRP A CZ3 
626  C  CH2 . TRP A 36 ? 0.0524 0.0540 0.0654 -0.0016 -0.0035 -0.0021 37  TRP A CH2 
638  N  N   . VAL A 37 ? 0.0419 0.0581 0.0408 -0.0055 -0.0009 0.0027  38  VAL A N   
639  C  CA  . VAL A 37 ? 0.0438 0.0451 0.0458 -0.0036 0.0007  -0.0001 38  VAL A CA  
640  C  C   . VAL A 37 ? 0.0422 0.0382 0.0383 -0.0015 -0.0009 -0.0020 38  VAL A C   
641  O  O   . VAL A 37 ? 0.0434 0.0454 0.0417 0.0018  -0.0015 0.0060  38  VAL A O   
642  C  CB  . VAL A 37 ? 0.0569 0.0488 0.0706 -0.0103 -0.0009 -0.0046 38  VAL A CB  
643  C  CG1 . VAL A 37 ? 0.0840 0.0597 0.0905 -0.0304 0.0042  -0.0046 38  VAL A CG1 
644  C  CG2 . VAL A 37 ? 0.0754 0.0693 0.0689 -0.0141 0.0042  -0.0197 38  VAL A CG2 
654  N  N   . CYS A 38 ? 0.0427 0.0375 0.0371 -0.0003 0.0004  0.0053  39  CYS A N   
655  C  CA  . CYS A 38 ? 0.0380 0.0324 0.0319 -0.0001 -0.0013 0.0008  39  CYS A CA  
656  C  C   . CYS A 38 ? 0.0374 0.0297 0.0341 -0.0012 -0.0019 -0.0006 39  CYS A C   
657  O  O   . CYS A 38 ? 0.0457 0.0335 0.0371 0.0006  -0.0021 -0.0030 39  CYS A O   
658  C  CB  . CYS A 38 ? 0.0411 0.0287 0.0358 -0.0012 -0.0007 0.0015  39  CYS A CB  
659  S  SG  . CYS A 38 ? 0.0391 0.0304 0.0381 -0.0005 -0.0032 0.0008  39  CYS A SG  
664  N  N   . PRO A 39 ? 0.0393 0.0333 0.0347 0.0001  -0.0023 0.0039  40  PRO A N   
665  C  CA  A PRO A 39 ? 0.0469 0.0531 0.0258 -0.0017 -0.0039 0.0103  40  PRO A CA  
666  C  CA  B PRO A 39 ? 0.0389 0.0323 0.0418 0.0030  0.0070  0.0029  40  PRO A CA  
667  C  C   . PRO A 39 ? 0.0479 0.0823 0.0367 -0.0018 0.0007  0.0001  40  PRO A C   
668  O  O   . PRO A 39 ? 0.0687 0.2102 0.0435 0.0275  -0.0052 -0.0383 40  PRO A O   
669  C  CB  A PRO A 39 ? 0.0864 0.0626 0.0537 -0.0111 -0.0005 0.0218  40  PRO A CB  
670  C  CB  B PRO A 39 ? 0.0265 0.0393 0.0365 -0.0138 -0.0067 0.0138  40  PRO A CB  
671  C  CG  A PRO A 39 ? 0.0573 0.0407 0.0559 -0.0107 -0.0140 0.0147  40  PRO A CG  
672  C  CG  B PRO A 39 ? 0.0466 0.0340 0.0608 -0.0022 -0.0143 0.0147  40  PRO A CG  
673  C  CD  A PRO A 39 ? 0.0477 0.0371 0.0443 -0.0054 0.0002  0.0079  40  PRO A CD  
674  C  CD  B PRO A 39 ? 0.0626 0.0238 0.0513 0.0118  -0.0302 -0.0051 40  PRO A CD  
689  N  N   . LEU A 40 ? 0.0449 0.0408 0.0353 -0.0002 0.0046  0.0056  41  LEU A N   
690  C  CA  . LEU A 40 ? 0.0495 0.0453 0.0410 0.0016  0.0108  0.0115  41  LEU A CA  
691  C  C   . LEU A 40 ? 0.0556 0.0409 0.0376 0.0008  0.0099  0.0039  41  LEU A C   
692  O  O   . LEU A 40 ? 0.1194 0.0546 0.0453 0.0113  0.0320  0.0008  41  LEU A O   
693  C  CB  . LEU A 40 ? 0.0440 0.0454 0.0594 0.0022  0.0090  0.0169  41  LEU A CB  
694  C  CG  . LEU A 40 ? 0.0511 0.0525 0.1329 -0.0031 0.0124  0.0344  41  LEU A CG  
695  C  CD1 . LEU A 40 ? 0.0574 0.0683 0.1492 -0.0212 0.0259  0.0082  41  LEU A CD1 
696  C  CD2 . LEU A 40 ? 0.1189 0.1103 0.1747 -0.0244 -0.0173 0.1055  41  LEU A CD2 
708  N  N   . CYS A 41 ? 0.0516 0.0306 0.0313 -0.0027 0.0076  -0.0001 42  CYS A N   
709  C  CA  . CYS A 41 ? 0.0502 0.0292 0.0329 -0.0011 0.0079  -0.0041 42  CYS A CA  
710  C  C   . CYS A 41 ? 0.0481 0.0277 0.0321 -0.0019 0.0044  -0.0053 42  CYS A C   
711  O  O   . CYS A 41 ? 0.0553 0.0264 0.0455 -0.0023 0.0109  -0.0045 42  CYS A O   
712  C  CB  . CYS A 41 ? 0.0458 0.0321 0.0374 0.0026  0.0063  -0.0025 42  CYS A CB  
713  S  SG  . CYS A 41 ? 0.0519 0.0312 0.0335 0.0005  0.0023  -0.0010 42  CYS A SG  
718  N  N   . GLY A 42 ? 0.0476 0.0271 0.0367 -0.0030 0.0047  -0.0011 43  GLY A N   
719  C  CA  . GLY A 42 ? 0.0479 0.0337 0.0451 -0.0050 0.0062  -0.0038 43  GLY A CA  
720  C  C   . GLY A 42 ? 0.0525 0.0316 0.0456 -0.0036 0.0110  -0.0011 43  GLY A C   
721  O  O   . GLY A 42 ? 0.0621 0.0468 0.0665 -0.0145 0.0176  -0.0009 43  GLY A O   
725  N  N   . ALA A 43 ? 0.0553 0.0328 0.0391 -0.0043 0.0134  0.0016  44  ALA A N   
726  C  CA  . ALA A 43 ? 0.0657 0.0353 0.0419 0.0044  0.0144  0.0053  44  ALA A CA  
727  C  C   . ALA A 43 ? 0.0577 0.0354 0.0399 -0.0024 0.0098  0.0021  44  ALA A C   
728  O  O   . ALA A 43 ? 0.0604 0.0388 0.0461 0.0045  0.0125  0.0059  44  ALA A O   
729  C  CB  . ALA A 43 ? 0.0644 0.0746 0.0404 0.0135  0.0077  0.0095  44  ALA A CB  
735  N  N   . PRO A 44 ? 0.0635 0.0384 0.0420 -0.0058 0.0161  -0.0017 45  PRO A N   
736  C  CA  . PRO A 44 ? 0.0619 0.0455 0.0459 -0.0110 0.0182  -0.0065 45  PRO A CA  
737  C  C   . PRO A 44 ? 0.0583 0.0383 0.0431 -0.0089 0.0147  -0.0016 45  PRO A C   
738  O  O   . PRO A 44 ? 0.0598 0.0414 0.0430 -0.0092 0.0121  -0.0017 45  PRO A O   
739  C  CB  . PRO A 44 ? 0.0880 0.0506 0.0715 -0.0308 0.0389  -0.0150 45  PRO A CB  
740  C  CG  . PRO A 44 ? 0.1094 0.0422 0.0656 -0.0132 0.0389  0.0004  45  PRO A CG  
741  C  CD  . PRO A 44 ? 0.0958 0.0335 0.0505 -0.0052 0.0266  0.0011  45  PRO A CD  
749  N  N   . LYS A 45 ? 0.0580 0.0450 0.0459 -0.0030 0.0101  -0.0051 46  LYS A N   
750  C  CA  . LYS A 45 ? 0.0638 0.0384 0.0452 -0.0081 0.0118  -0.0034 46  LYS A CA  
751  C  C   . LYS A 45 ? 0.0567 0.0412 0.0512 -0.0014 0.0122  -0.0058 46  LYS A C   
752  O  O   . LYS A 45 ? 0.0680 0.0399 0.0550 -0.0026 0.0028  -0.0067 46  LYS A O   
753  C  CB  . LYS A 45 ? 0.0670 0.0435 0.0431 0.0009  0.0093  -0.0017 46  LYS A CB  
754  C  CG  . LYS A 45 ? 0.0817 0.0538 0.0389 0.0028  0.0039  -0.0038 46  LYS A CG  
755  C  CD  . LYS A 45 ? 0.0736 0.0552 0.0453 0.0028  -0.0066 -0.0025 46  LYS A CD  
756  C  CE  . LYS A 45 ? 0.0602 0.0546 0.0527 0.0006  -0.0065 -0.0038 46  LYS A CE  
757  N  NZ  . LYS A 45 ? 0.0620 0.0747 0.0515 0.0036  -0.0001 -0.0054 46  LYS A NZ  
771  N  N   . SER A 46 ? 0.0686 0.0401 0.0456 -0.0073 0.0116  -0.0022 47  SER A N   
772  C  CA  . SER A 46 ? 0.0740 0.0442 0.0451 -0.0062 0.0102  -0.0010 47  SER A CA  
773  C  C   . SER A 46 ? 0.0752 0.0498 0.0444 -0.0028 0.0083  0.0024  47  SER A C   
774  O  O   . SER A 46 ? 0.0861 0.1106 0.0483 0.0040  0.0057  0.0063  47  SER A O   
775  C  CB  . SER A 46 ? 0.0910 0.0527 0.0492 -0.0125 0.0137  0.0040  47  SER A CB  
776  O  OG  . SER A 46 ? 0.1231 0.0526 0.0585 -0.0152 0.0099  -0.0027 47  SER A OG  
782  N  N   . GLU A 47 ? 0.0663 0.0479 0.0433 -0.0024 0.0079  0.0029  48  GLU A N   
783  C  CA  . GLU A 47 ? 0.0672 0.0535 0.0474 0.0064  0.0088  0.0070  48  GLU A CA  
784  C  C   . GLU A 47 ? 0.0638 0.0610 0.0510 0.0015  0.0094  0.0098  48  GLU A C   
785  O  O   . GLU A 47 ? 0.0635 0.0722 0.1367 0.0064  0.0351  0.0232  48  GLU A O   
786  C  CB  . GLU A 47 ? 0.0885 0.0673 0.0735 0.0130  0.0152  -0.0105 48  GLU A CB  
787  C  CG  . GLU A 47 ? 0.1153 0.0547 0.1245 0.0109  0.0208  -0.0160 48  GLU A CG  
788  C  CD  . GLU A 47 ? 0.1061 0.0607 0.1777 0.0215  0.0089  0.0033  48  GLU A CD  
789  O  OE1 . GLU A 47 ? 0.0954 0.1460 0.3560 0.0129  -0.0302 0.1127  48  GLU A OE1 
790  O  OE2 . GLU A 47 ? 0.1797 0.0638 0.1819 -0.0213 -0.0463 0.0206  48  GLU A OE2 
797  N  N   . PHE A 48 ? 0.0572 0.0517 0.0424 -0.0034 0.0035  0.0046  49  PHE A N   
798  C  CA  . PHE A 48 ? 0.0581 0.0551 0.0376 -0.0104 0.0037  -0.0005 49  PHE A CA  
799  C  C   . PHE A 48 ? 0.0726 0.0668 0.0351 -0.0123 0.0061  0.0010  49  PHE A C   
800  O  O   . PHE A 48 ? 0.1010 0.1326 0.0432 -0.0484 0.0210  -0.0057 49  PHE A O   
801  C  CB  . PHE A 48 ? 0.0624 0.0425 0.0428 -0.0067 0.0084  -0.0021 49  PHE A CB  
802  C  CG  . PHE A 48 ? 0.0502 0.0410 0.0395 -0.0021 0.0022  -0.0018 49  PHE A CG  
803  C  CD1 . PHE A 48 ? 0.0528 0.0399 0.0446 -0.0074 -0.0018 -0.0003 49  PHE A CD1 
804  C  CD2 . PHE A 48 ? 0.0541 0.0339 0.0420 -0.0026 0.0019  -0.0012 49  PHE A CD2 
805  C  CE1 . PHE A 48 ? 0.0595 0.0384 0.0434 -0.0050 -0.0051 -0.0026 49  PHE A CE1 
806  C  CE2 . PHE A 48 ? 0.0583 0.0359 0.0432 -0.0034 0.0016  0.0032  49  PHE A CE2 
807  C  CZ  . PHE A 48 ? 0.0574 0.0472 0.0348 -0.0023 -0.0023 -0.0017 49  PHE A CZ  
817  N  N   . GLU A 49 ? 0.0637 0.0731 0.0336 -0.0068 0.0037  -0.0002 50  GLU A N   
818  C  CA  . GLU A 49 ? 0.0774 0.0778 0.0325 -0.0087 -0.0031 0.0008  50  GLU A CA  
819  C  C   . GLU A 49 ? 0.0605 0.0742 0.0284 0.0011  -0.0041 -0.0024 50  GLU A C   
820  O  O   . GLU A 49 ? 0.0595 0.0711 0.0340 -0.0039 0.0025  -0.0050 50  GLU A O   
821  C  CB  A GLU A 49 ? 0.0853 0.0738 0.0373 -0.0118 -0.0084 0.0059  50  GLU A CB  
822  C  CB  B GLU A 49 ? 0.1072 0.0981 0.0357 0.0122  -0.0044 0.0020  50  GLU A CB  
823  C  CG  A GLU A 49 ? 0.0895 0.0962 0.0454 0.0028  -0.0159 -0.0008 50  GLU A CG  
824  C  CG  B GLU A 49 ? 0.0759 0.1122 0.0885 0.0066  -0.0231 -0.0326 50  GLU A CG  
825  C  CD  A GLU A 49 ? 0.1262 0.0881 0.0482 -0.0186 -0.0155 0.0146  50  GLU A CD  
826  C  CD  B GLU A 49 ? 0.1248 0.4567 0.0982 0.1030  -0.0001 0.0983  50  GLU A CD  
827  O  OE1 A GLU A 49 ? 0.1454 0.1809 0.0587 -0.0719 0.0035  0.0219  50  GLU A OE1 
828  O  OE1 B GLU A 49 ? 0.1720 0.1760 0.1127 0.0863  -0.0038 0.0182  50  GLU A OE1 
829  O  OE2 A GLU A 49 ? 0.0628 0.0967 0.0651 0.0048  0.0147  -0.0048 50  GLU A OE2 
830  O  OE2 B GLU A 49 ? 0.0908 0.2721 0.1417 0.0644  -0.0162 -0.0223 50  GLU A OE2 
841  N  N   . ARG A 50 ? 0.0722 0.0757 0.0354 0.0084  0.0078  0.0001  51  ARG A N   
842  C  CA  A ARG A 50 ? 0.0809 0.0766 0.0285 0.0076  0.0027  0.0012  51  ARG A CA  
843  C  CA  B ARG A 50 ? 0.0753 0.0750 0.0494 0.0291  0.0220  0.0161  51  ARG A CA  
844  C  C   . ARG A 50 ? 0.0843 0.0737 0.0467 0.0099  -0.0209 -0.0142 51  ARG A C   
845  O  O   . ARG A 50 ? 0.1645 0.0884 0.0875 0.0143  -0.0708 0.0033  51  ARG A O   
846  C  CB  A ARG A 50 ? 0.0664 0.0659 0.0324 -0.0020 -0.0026 -0.0115 51  ARG A CB  
847  C  CB  B ARG A 50 ? 0.0673 0.0682 0.0530 0.0088  0.0079  0.0075  51  ARG A CB  
848  C  CG  A ARG A 50 ? 0.0633 0.0728 0.0398 -0.0104 0.0084  -0.0061 51  ARG A CG  
849  C  CG  B ARG A 50 ? 0.0815 0.0703 0.0406 0.0022  -0.0092 -0.0024 51  ARG A CG  
850  C  CD  A ARG A 50 ? 0.0735 0.0732 0.0394 0.0082  0.0049  -0.0126 51  ARG A CD  
851  C  CD  B ARG A 50 ? 0.0743 0.0886 0.0524 0.0085  -0.0122 -0.0202 51  ARG A CD  
852  N  NE  A ARG A 50 ? 0.1132 0.0640 0.0377 0.0074  -0.0038 -0.0067 51  ARG A NE  
853  N  NE  B ARG A 50 ? 0.0631 0.0771 0.0727 -0.0001 -0.0265 -0.0006 51  ARG A NE  
854  C  CZ  A ARG A 50 ? 0.1022 0.0937 0.0467 0.0088  -0.0003 -0.0198 51  ARG A CZ  
855  C  CZ  B ARG A 50 ? 0.0648 0.0822 0.0469 -0.0028 0.0013  0.0383  51  ARG A CZ  
856  N  NH1 A ARG A 50 ? 0.1636 0.0779 0.0645 0.0378  0.0022  -0.0243 51  ARG A NH1 
857  N  NH1 B ARG A 50 ? 0.0576 0.1298 0.2701 0.0231  0.0459  0.1341  51  ARG A NH1 
858  N  NH2 A ARG A 50 ? 0.1114 0.1243 0.0716 0.0156  0.0204  -0.0345 51  ARG A NH2 
859  N  NH2 B ARG A 50 ? 0.0716 0.0736 0.0896 -0.0009 0.0154  -0.0212 51  ARG A NH2 
885  N  N   . ILE A 51 ? 0.0681 0.0767 0.0569 0.0049  -0.0169 -0.0127 52  ILE A N   
886  C  CA  . ILE A 51 ? 0.0719 0.1383 0.0923 0.0007  -0.0283 -0.0365 52  ILE A CA  
887  C  C   . ILE A 51 ? 0.0719 0.1602 0.3388 -0.0099 -0.0163 -0.1559 52  ILE A C   
888  O  O   . ILE A 51 ? 0.0806 0.1226 0.4052 -0.0073 -0.0132 -0.1085 52  ILE A O   
889  C  CB  . ILE A 51 ? 0.0601 0.1774 0.1157 -0.0092 -0.0119 -0.0561 52  ILE A CB  
890  C  CG1 . ILE A 51 ? 0.0777 0.1739 0.1078 -0.0318 0.0014  -0.0201 52  ILE A CG1 
891  C  CG2 . ILE A 51 ? 0.1044 0.1501 0.1449 0.0249  -0.0011 -0.0559 52  ILE A CG2 
892  C  CD1 . ILE A 51 ? 0.1269 0.1673 0.1440 -0.0373 0.0283  -0.0475 52  ILE A CD1 
904  N  N   . GLU A 52 ? 0.0777 0.2593 0.3880 -0.0195 -0.0266 -0.2182 53  GLU A N   
905  C  CA  . GLU A 52 ? 0.4863 0.3587 0.7183 -0.3449 -0.0782 -0.0234 53  GLU A CA  
906  C  C   . GLU A 52 ? 0.8348 0.1366 0.6145 0.1763  -0.2227 -0.1547 53  GLU A C   
907  O  O   . GLU A 52 ? 0.3206 0.2126 0.8240 -0.1304 0.0037  0.0112  53  GLU A O   
908  C  CB  . GLU A 52 ? 0.5225 0.3611 0.4445 -0.3311 0.0744  -0.1679 53  GLU A CB  
909  C  CG  . GLU A 52 ? 0.0466 2.3380 0.3910 -0.2571 0.0237  0.1341  53  GLU A CG  
910  C  CD  . GLU A 52 ? 0.1457 0.4684 0.4036 -0.0084 0.1099  -0.1367 53  GLU A CD  
911  O  OE1 . GLU A 52 ? 0.1113 0.2067 0.4001 -0.0269 0.1021  -0.1004 53  GLU A OE1 
912  O  OE2 . GLU A 52 ? 0.1405 1.4181 0.3287 -0.1306 0.0315  0.1248  53  GLU A OE2 
913  O  OXT . GLU A 52 ? 1.2964 0.8178 0.7299 0.7636  -0.7605 -0.6220 53  GLU A OXT 
920  FE FE  . FE  B .  ? 0.0425 0.0310 0.0340 0.0047  -0.0044 -0.0036 54  FE  A FE  
921  O  O   . HOH C .  ? 0.0573 0.0519 0.0373 0.0074  -0.0002 -0.0003 55  HOH A O   
922  O  O   . HOH C .  ? 0.1090 0.1646 0.3368 -0.0405 -0.0107 -0.0316 56  HOH A O   
923  O  O   . HOH C .  ? 0.0677 0.0478 0.0471 -0.0025 -0.0116 0.0059  57  HOH A O   
924  O  O   . HOH C .  ? 0.0482 0.0647 0.0405 0.0092  0.0021  0.0049  58  HOH A O   
925  O  O   . HOH C .  ? 0.0751 0.0918 0.0566 -0.0153 -0.0211 0.0087  59  HOH A O   
926  O  O   . HOH C .  ? 0.0500 0.0729 0.0563 -0.0200 -0.0016 0.0053  60  HOH A O   
927  O  O   . HOH C .  ? 0.0847 0.0701 0.0623 0.0014  -0.0144 -0.0055 61  HOH A O   
928  O  O   . HOH C .  ? 0.0824 0.0805 0.0985 -0.0149 0.0132  0.0029  62  HOH A O   
929  O  O   . HOH C .  ? 0.1413 0.0759 0.0826 -0.0102 0.0201  -0.0188 63  HOH A O   
930  O  O   . HOH C .  ? 0.0883 0.1288 0.1304 0.0473  0.0287  0.0335  64  HOH A O   
931  O  O   . HOH C .  ? 0.1728 0.0476 0.1146 -0.0196 0.0095  -0.0098 65  HOH A O   
932  O  O   . HOH C .  ? 0.1055 0.1053 0.0697 -0.0312 0.0075  0.0218  66  HOH A O   
933  O  O   . HOH C .  ? 0.1669 0.0697 0.1430 -0.0003 -0.0597 -0.0101 67  HOH A O   
934  O  O   A HOH C .  ? 0.0464 0.0657 0.0375 0.0138  -0.0093 -0.0047 68  HOH A O   
935  O  O   B HOH C .  ? 0.1185 0.2017 0.0871 0.0266  -0.0059 0.0140  68  HOH A O   
936  O  O   . HOH C .  ? 0.1179 0.0735 0.0618 -0.0121 -0.0157 -0.0039 69  HOH A O   
937  O  O   . HOH C .  ? 0.0807 0.1594 0.0708 -0.0448 -0.0060 0.0071  70  HOH A O   
938  O  O   . HOH C .  ? 0.0844 0.0863 0.1751 -0.0158 -0.0455 0.0082  71  HOH A O   
939  O  O   . HOH C .  ? 0.1129 0.1059 0.1373 -0.0331 0.0020  0.0429  72  HOH A O   
940  O  O   A HOH C .  ? 0.0613 0.0893 0.0434 0.0043  0.0004  0.0106  73  HOH A O   
941  O  O   B HOH C .  ? 0.0658 0.1120 0.0652 0.0125  0.0122  -0.0369 73  HOH A O   
942  O  O   . HOH C .  ? 0.1477 0.2422 0.2679 -0.1228 0.1353  -0.2119 74  HOH A O   
943  O  O   . HOH C .  ? 0.1134 0.1412 0.1169 -0.0196 -0.0107 -0.0261 75  HOH A O   
944  O  O   . HOH C .  ? 0.1341 0.2246 0.2171 -0.1046 -0.0347 0.1431  76  HOH A O   
945  O  O   . HOH C .  ? 0.1174 0.1101 0.3357 -0.0145 -0.0082 0.0503  77  HOH A O   
946  O  O   . HOH C .  ? 0.1025 0.3256 0.1378 0.0087  0.0129  0.0452  78  HOH A O   
947  O  O   . HOH C .  ? 0.2444 0.1327 0.1495 -0.0165 0.0120  -0.0801 79  HOH A O   
948  O  O   . HOH C .  ? 0.2878 0.1384 0.1376 0.0270  -0.0149 -0.0143 80  HOH A O   
949  O  O   A HOH C .  ? 0.1258 0.0854 0.0632 0.0476  0.0135  0.0189  81  HOH A O   
950  O  O   B HOH C .  ? 0.0759 0.0894 0.0500 -0.0019 -0.0076 -0.0013 81  HOH A O   
951  O  O   A HOH C .  ? 0.0833 0.0812 0.6778 -0.0368 0.0665  -0.1411 82  HOH A O   
952  O  O   B HOH C .  ? 0.4341 0.0994 1.2545 0.1554  -0.6160 -0.2267 82  HOH A O   
953  O  O   . HOH C .  ? 0.2223 0.2900 0.1415 -0.1510 0.0427  0.0331  83  HOH A O   
954  O  O   A HOH C .  ? 0.0782 0.0618 0.1597 -0.0210 -0.0122 0.0328  84  HOH A O   
955  O  O   B HOH C .  ? 0.1391 0.0682 0.1575 -0.0085 0.0475  0.0061  84  HOH A O   
956  O  O   . HOH C .  ? 0.1456 0.3740 0.1221 -0.0659 0.0441  -0.1059 85  HOH A O   
957  O  O   . HOH C .  ? 0.2879 0.1431 0.4201 0.0684  -0.1513 0.0249  86  HOH A O   
958  O  O   . HOH C .  ? 0.1362 0.1569 0.9768 -0.0144 -0.2032 0.1054  87  HOH A O   
959  O  O   A HOH C .  ? 0.1257 0.1314 0.1049 -0.0203 0.0027  -0.0186 88  HOH A O   
960  O  O   B HOH C .  ? 0.2479 0.3577 0.1739 -0.1096 -0.0589 -0.0418 88  HOH A O   
961  O  O   . HOH C .  ? 0.2581 0.2540 0.1414 0.0122  0.0111  -0.0417 89  HOH A O   
962  O  O   A HOH C .  ? 0.1399 0.1357 0.0985 -0.0039 0.0197  -0.0661 90  HOH A O   
963  O  O   B HOH C .  ? 0.1780 0.3900 0.0453 0.0015  0.0253  -0.0170 90  HOH A O   
964  O  O   . HOH C .  ? 0.2980 0.5289 0.1567 0.2148  0.0698  0.0342  91  HOH A O   
965  O  O   . HOH C .  ? 0.2130 0.2039 0.3199 -0.0205 0.1080  0.0292  92  HOH A O   
966  O  O   . HOH C .  ? 0.1381 0.7422 0.3770 -0.0642 -0.0490 0.3542  93  HOH A O   
967  O  O   . HOH C .  ? 0.2290 0.4148 0.1998 -0.1468 -0.0921 0.1415  94  HOH A O   
968  O  O   . HOH C .  ? 0.2978 0.1727 0.2218 0.0264  -0.1293 -0.0154 95  HOH A O   
969  O  O   A HOH C .  ? 0.0665 0.1031 0.0656 -0.0268 -0.0134 0.0080  96  HOH A O   
970  O  O   . HOH C .  ? 0.1718 0.5995 0.1400 -0.1402 0.0723  -0.0955 97  HOH A O   
971  O  O   . HOH C .  ? 0.3605 0.4507 0.1413 0.0011  0.0416  -0.1085 98  HOH A O   
972  O  O   . HOH C .  ? 0.3142 0.1866 0.2556 0.0870  0.0601  0.0706  99  HOH A O   
973  O  O   . HOH C .  ? 0.2502 0.2066 0.6564 0.0508  -0.1888 0.0721  100 HOH A O   
974  O  O   . HOH C .  ? 0.3897 0.5712 0.5481 -0.0875 0.1934  -0.4091 101 HOH A O   
975  O  O   . HOH C .  ? 0.2810 0.3712 0.7546 -0.1506 0.2744  -0.2159 102 HOH A O   
976  O  O   . HOH C .  ? 0.9059 0.2183 0.4486 -0.0878 0.4462  -0.1203 103 HOH A O   
977  O  O   . HOH C .  ? 0.1520 0.0978 0.0972 -0.0232 -0.0470 0.0032  104 HOH A O   
978  O  O   . HOH C .  ? 0.1644 0.1546 0.1064 -0.0623 -0.0330 0.0034  105 HOH A O   
979  O  O   . HOH C .  ? 0.1350 0.0911 0.2797 0.0066  -0.0473 -0.0451 106 HOH A O   
980  O  O   . HOH C .  ? 0.4007 0.1282 0.1151 0.0122  -0.0688 -0.0101 107 HOH A O   
981  O  O   . HOH C .  ? 0.4014 0.1827 0.2954 0.0676  0.2151  0.0034  108 HOH A O   
982  O  O   . HOH C .  ? 0.2129 0.1799 0.2472 -0.0008 -0.0618 0.0278  109 HOH A O   
983  O  O   . HOH C .  ? 0.2357 0.1915 0.1858 0.0273  -0.0388 -0.0617 110 HOH A O   
984  O  O   . HOH C .  ? 0.2092 0.2303 0.6763 -0.0998 -0.2207 0.2639  111 HOH A O   
985  O  O   . HOH C .  ? 0.2873 0.1339 0.4353 0.0045  -0.2696 0.0265  112 HOH A O   
986  O  O   . HOH C .  ? 0.4421 0.2127 0.1646 -0.0470 0.0005  -0.0829 113 HOH A O   
987  O  O   A HOH C .  ? 0.2208 0.0853 0.1354 -0.0022 0.0766  -0.0111 114 HOH A O   
988  O  O   B HOH C .  ? 0.1685 0.2960 0.0948 0.0865  -0.0220 -0.0482 114 HOH A O   
989  O  O   . HOH C .  ? 0.4502 0.3719 0.2017 -0.1096 -0.0148 0.1054  115 HOH A O   
990  O  O   . HOH C .  ? 0.1115 0.5469 0.4329 0.0066  -0.0169 0.2387  116 HOH A O   
991  O  O   . HOH C .  ? 0.4508 0.5692 0.1759 -0.2990 -0.1664 0.1403  117 HOH A O   
992  O  O   A HOH C .  ? 0.2027 0.2198 0.1449 -0.0707 0.0499  -0.0513 118 HOH A O   
993  O  O   B HOH C .  ? 0.3145 0.8602 0.6163 0.3651  0.2922  0.6430  118 HOH A O   
994  O  O   . HOH C .  ? 0.5812 0.2616 0.2711 0.1125  0.1564  0.0357  119 HOH A O   
995  O  O   . HOH C .  ? 0.8327 0.2515 0.2264 0.1357  -0.2219 -0.0753 120 HOH A O   
996  O  O   . HOH C .  ? 0.1910 0.6363 0.1565 -0.1163 -0.0301 0.0851  121 HOH A O   
997  O  O   . HOH C .  ? 0.1237 0.4761 0.5948 -0.0917 0.0726  -0.3339 122 HOH A O   
998  O  O   . HOH C .  ? 0.3512 0.5911 0.5190 0.3095  -0.1495 -0.3185 123 HOH A O   
999  O  O   . HOH C .  ? 0.4344 0.3776 0.1316 0.1231  0.0492  -0.0062 124 HOH A O   
1000 O  O   . HOH C .  ? 0.2660 0.4780 0.2084 -0.0462 -0.0651 0.1082  125 HOH A O   
1001 O  O   . HOH C .  ? 0.1650 0.5609 0.3732 0.0783  0.0266  -0.0048 126 HOH A O   
1002 O  O   . HOH C .  ? 0.8438 0.4714 0.1353 0.4003  -0.0596 0.0098  127 HOH A O   
1003 O  O   . HOH C .  ? 0.1653 0.5074 0.4935 -0.0939 -0.1521 0.2336  128 HOH A O   
1004 O  O   A HOH C .  ? 0.1582 0.3172 0.0875 0.1173  0.0023  0.0625  129 HOH A O   
1005 O  O   B HOH C .  ? 0.2332 0.1830 0.1634 -0.0309 -0.0792 0.0970  129 HOH A O   
1006 O  O   A HOH C .  ? 0.2572 0.3244 0.1922 -0.1027 -0.1021 0.1114  130 HOH A O   
1007 O  O   B HOH C .  ? 0.4311 0.1835 0.1078 0.1328  0.0982  0.0412  130 HOH A O   
1008 O  O   . HOH C .  ? 0.1052 0.0979 0.0500 -0.0151 -0.0041 -0.0050 131 HOH A O   
1009 O  O   . HOH C .  ? 1.2440 0.3647 0.1429 0.1135  -0.2555 -0.0577 132 HOH A O   
1010 O  O   . HOH C .  ? 0.4071 0.2428 0.2167 0.1131  0.1254  -0.0357 133 HOH A O   
1011 O  O   . HOH C .  ? 0.1631 0.1289 0.0905 0.0255  -0.0240 -0.0234 134 HOH A O   
1012 O  O   . HOH C .  ? 0.3331 0.2602 0.9335 -0.0443 0.2519  -0.0093 135 HOH A O   
1013 O  O   A HOH C .  ? 0.0713 0.0627 0.0524 0.0185  -0.0179 -0.0049 136 HOH A O   
1014 O  O   . HOH C .  ? 0.1210 0.1847 0.0863 -0.0672 0.0093  0.0095  137 HOH A O   
# 
